data_5L56
#
_entry.id   5L56
#
_cell.length_a   195.343
_cell.length_b   195.343
_cell.length_c   176.180
_cell.angle_alpha   90.00
_cell.angle_beta   90.00
_cell.angle_gamma   90.00
#
_symmetry.space_group_name_H-M   'P 43 21 2'
#
loop_
_entity.id
_entity.type
_entity.pdbx_description
1 polymer Plexin-A1
2 branched alpha-D-mannopyranose-(1-3)-beta-D-mannopyranose-(1-4)-2-acetamido-2-deoxy-beta-D-glucopyranose-(1-4)-2-acetamido-2-deoxy-beta-D-glucopyranose
3 branched alpha-D-mannopyranose-(1-3)-alpha-D-mannopyranose-(1-6)-[alpha-D-mannopyranose-(1-3)]beta-D-mannopyranose-(1-4)-2-acetamido-2-deoxy-beta-D-glucopyranose-(1-4)-2-acetamido-2-deoxy-beta-D-glucopyranose
4 branched alpha-D-mannopyranose-(1-3)-[alpha-D-mannopyranose-(1-6)]alpha-D-mannopyranose-(1-6)-[alpha-D-mannopyranose-(1-3)]beta-D-mannopyranose-(1-4)-2-acetamido-2-deoxy-beta-D-glucopyranose-(1-4)-2-acetamido-2-deoxy-beta-D-glucopyranose
5 branched alpha-D-mannopyranose-(1-3)-[alpha-D-mannopyranose-(1-6)]beta-D-mannopyranose-(1-4)-2-acetamido-2-deoxy-beta-D-glucopyranose-(1-4)-2-acetamido-2-deoxy-beta-D-glucopyranose
6 branched beta-D-mannopyranose-(1-4)-2-acetamido-2-deoxy-beta-D-glucopyranose-(1-4)-2-acetamido-2-deoxy-beta-D-glucopyranose
7 non-polymer 2-acetamido-2-deoxy-beta-D-glucopyranose
#
_entity_poly.entity_id   1
_entity_poly.type   'polypeptide(L)'
_entity_poly.pdbx_seq_one_letter_code
;ETGPAFRTFVASDWGLTHLVVHEQTGEVYVGAVNRIYKLSGNLTLLRAHVTGPVEDNEKCYPPPSVQSCPHGLGSTDNVN
KLLLLDYAANRLLACGSASQGICQFLRLDDLFKLGEPHHRKEHYLSSVREAGSMAGVLIAGPPGQGQAKLFVGTPIDGKS
EYFPTLSSRRLMANEEDADMFGFVYQDEFVSSQLKIPSDTLSKFPAFDIYYVYSFRSEQFVYYLTLQLDTQLTSPDAAGE
HFFTSKIVRLCVNDPKFYSYVEFPIGCEQAGVEYRLVQDAYLSRPGQALAKQLGLAEDEEVLFTVFAQGQKNRVKPPKES
ALCLFTLRAIKEKIKERIQSCYRGEGKLSLPWLLNKELGCINSPLQIDDDFCGQDFNQPLGGTVTIEGTPLFVDKEDGLT
AVAAYDYQGRTVVFAGTRSGRIRKILVDLANPSGRPALAYESVVAQEGNPILRDLVLSPNRQYLYAMTEKQVTQVPVESC
VQYTSCELCLGSRDPHCGWCVLHSICSRQDACERAEEPQRFASDLLQCVQLTVQPRNVSVTMSQVPLVLQAWNVPDLSAG
VNCSFEDFTETESILEDGRIHCHSPSAREVAPITQGQGDQRVVKLYLKSKETGKKFASVDFVFYNCSVHQSCLACVNGSF
PCHWCKYRHVCTNNAADCAFLEGRVNMSEDCPQILPSTHIYVPVGVVKPITLAARNLPQPQSGQRGYECLFHIPGSPARV
TALRFNSSSLQCQNSSYSYEGNDVSDLPVNLSVVWNGNFVIDNPQNIQAHLYKCPALRQSCGLCLKADPRFECGWCVAER
RCSLRHHCPADSPASWMHAHHGSSRCTDPKILKLSPETGPRQGGTRLTITGENLGLRFEDVRLGVHVGKVLCSPVESEYI
SAEQIVCEIGDASTLRAHDALVEVCVRDCSLHYRALSPKRFTFVTPTFYRVSPSRGPLSGGTWIGIEGSHLNAGSDVAVS
IGGRPCSFSWRNSREIRCLTPPGHTPGSAPIVININRAQLSNPEVKYNYTEDPTILRIDPEWSINSGGTLLTVTGTNLAT
VREPRIRAKYGGIERENSCMVYNDTTMVCRAPSIDNPKRSPPELGERPDEIGFIMDNVRTLLVLNSSSFLYYPDPVLEPL
SPTGLLELKPSSPLILKGRNLLPPAPGNSRLNYTVLIGSTPCILTVSETQLLCEAPNLTGQHKVTVRAGGFEFSPGMLQV
YSDRTKHHHHHH
;
_entity_poly.pdbx_strand_id   A
#
loop_
_chem_comp.id
_chem_comp.type
_chem_comp.name
_chem_comp.formula
BMA D-saccharide, beta linking beta-D-mannopyranose 'C6 H12 O6'
MAN D-saccharide, alpha linking alpha-D-mannopyranose 'C6 H12 O6'
NAG D-saccharide, beta linking 2-acetamido-2-deoxy-beta-D-glucopyranose 'C8 H15 N O6'
#
# COMPACT_ATOMS: atom_id res chain seq x y z
N PRO A 4 11.50 -11.42 -21.37
CA PRO A 4 12.36 -12.50 -20.88
C PRO A 4 11.65 -13.43 -19.88
N ALA A 5 12.18 -14.64 -19.71
CA ALA A 5 11.65 -15.59 -18.73
C ALA A 5 12.75 -16.04 -17.75
N PHE A 6 12.36 -16.25 -16.48
CA PHE A 6 13.29 -16.67 -15.44
C PHE A 6 13.57 -18.17 -15.48
N ARG A 7 14.83 -18.53 -15.72
CA ARG A 7 15.25 -19.93 -15.80
C ARG A 7 14.98 -20.67 -14.49
N THR A 8 14.38 -21.85 -14.61
CA THR A 8 13.79 -22.48 -13.43
C THR A 8 13.84 -24.02 -13.41
N PHE A 9 13.97 -24.56 -12.20
CA PHE A 9 13.92 -25.98 -11.94
C PHE A 9 12.78 -26.24 -10.96
N VAL A 10 11.83 -27.08 -11.36
CA VAL A 10 10.67 -27.36 -10.50
C VAL A 10 10.83 -28.66 -9.70
N ALA A 11 10.41 -28.60 -8.44
CA ALA A 11 10.41 -29.78 -7.57
C ALA A 11 9.15 -30.60 -7.82
N SER A 12 9.34 -31.68 -8.57
CA SER A 12 8.27 -32.52 -9.06
C SER A 12 7.39 -33.12 -7.97
N ASP A 13 8.01 -33.67 -6.92
CA ASP A 13 7.27 -34.43 -5.91
C ASP A 13 7.41 -33.93 -4.47
N TRP A 14 8.60 -33.46 -4.10
CA TRP A 14 8.87 -33.14 -2.69
C TRP A 14 9.39 -31.72 -2.43
N GLY A 15 9.54 -31.39 -1.16
CA GLY A 15 10.14 -30.13 -0.74
C GLY A 15 11.65 -30.14 -0.85
N LEU A 16 12.22 -28.96 -1.08
CA LEU A 16 13.68 -28.78 -1.15
C LEU A 16 14.21 -28.18 0.16
N THR A 17 15.49 -28.42 0.45
CA THR A 17 16.05 -28.00 1.72
C THR A 17 17.32 -27.19 1.60
N HIS A 18 18.23 -27.60 0.72
CA HIS A 18 19.53 -26.93 0.61
C HIS A 18 20.03 -26.81 -0.82
N LEU A 19 20.82 -25.78 -1.07
CA LEU A 19 21.42 -25.55 -2.38
C LEU A 19 22.86 -25.08 -2.23
N VAL A 20 23.71 -25.50 -3.16
CA VAL A 20 25.10 -25.02 -3.20
C VAL A 20 25.70 -25.03 -4.60
N VAL A 21 26.64 -24.13 -4.84
CA VAL A 21 27.25 -23.99 -6.16
C VAL A 21 28.72 -24.37 -6.12
N HIS A 22 29.13 -25.11 -7.15
CA HIS A 22 30.51 -25.54 -7.32
C HIS A 22 31.28 -24.39 -7.95
N GLU A 23 32.35 -23.96 -7.28
CA GLU A 23 33.06 -22.76 -7.68
C GLU A 23 33.79 -22.89 -9.01
N GLN A 24 34.10 -24.12 -9.43
CA GLN A 24 34.73 -24.34 -10.72
C GLN A 24 33.69 -24.43 -11.82
N THR A 25 32.77 -25.39 -11.69
CA THR A 25 31.86 -25.77 -12.77
C THR A 25 30.63 -24.87 -12.91
N GLY A 26 30.03 -24.49 -11.80
CA GLY A 26 28.79 -23.76 -11.84
C GLY A 26 27.64 -24.73 -11.78
N GLU A 27 27.98 -26.01 -11.64
CA GLU A 27 26.97 -27.02 -11.37
C GLU A 27 26.30 -26.66 -10.05
N VAL A 28 25.01 -26.89 -9.98
CA VAL A 28 24.26 -26.57 -8.79
C VAL A 28 23.73 -27.85 -8.15
N TYR A 29 24.14 -28.09 -6.91
CA TYR A 29 23.69 -29.25 -6.17
C TYR A 29 22.57 -28.84 -5.21
N VAL A 30 21.55 -29.68 -5.10
CA VAL A 30 20.33 -29.31 -4.39
C VAL A 30 19.87 -30.39 -3.43
N GLY A 31 19.98 -30.11 -2.14
CA GLY A 31 19.51 -31.03 -1.12
C GLY A 31 18.01 -30.96 -0.99
N ALA A 32 17.36 -32.12 -0.89
CA ALA A 32 15.91 -32.18 -0.66
C ALA A 32 15.54 -33.35 0.23
N VAL A 33 14.27 -33.39 0.62
CA VAL A 33 13.72 -34.56 1.32
C VAL A 33 13.72 -35.71 0.31
N ASN A 34 14.39 -36.79 0.68
CA ASN A 34 14.44 -38.02 -0.14
C ASN A 34 15.21 -37.92 -1.46
N ARG A 35 15.73 -36.73 -1.78
CA ARG A 35 16.43 -36.51 -3.05
C ARG A 35 17.61 -35.56 -2.90
N ILE A 36 18.62 -35.76 -3.73
CA ILE A 36 19.74 -34.82 -3.86
C ILE A 36 20.06 -34.68 -5.34
N TYR A 37 19.89 -33.48 -5.89
CA TYR A 37 20.03 -33.29 -7.33
C TYR A 37 21.31 -32.57 -7.74
N LYS A 38 21.81 -32.91 -8.91
CA LYS A 38 22.83 -32.12 -9.60
C LYS A 38 22.20 -31.43 -10.80
N LEU A 39 22.45 -30.12 -10.92
CA LEU A 39 21.83 -29.31 -11.96
C LEU A 39 22.84 -28.47 -12.71
N SER A 40 22.55 -28.16 -13.97
CA SER A 40 23.42 -27.31 -14.76
C SER A 40 23.24 -25.86 -14.34
N GLY A 41 24.14 -24.99 -14.83
CA GLY A 41 24.07 -23.57 -14.53
C GLY A 41 22.75 -22.88 -14.87
N ASN A 42 22.05 -23.43 -15.86
CA ASN A 42 20.77 -22.89 -16.28
C ASN A 42 19.62 -23.72 -15.75
N LEU A 43 19.94 -24.58 -14.78
CA LEU A 43 18.96 -25.34 -13.99
C LEU A 43 18.26 -26.50 -14.70
N THR A 44 18.95 -27.09 -15.67
CA THR A 44 18.49 -28.35 -16.26
C THR A 44 18.91 -29.45 -15.30
N LEU A 45 18.07 -30.47 -15.16
CA LEU A 45 18.41 -31.62 -14.32
C LEU A 45 19.59 -32.38 -14.93
N LEU A 46 20.62 -32.62 -14.13
CA LEU A 46 21.76 -33.39 -14.59
C LEU A 46 21.80 -34.80 -14.00
N ARG A 47 21.54 -34.92 -12.69
CA ARG A 47 21.47 -36.23 -12.03
C ARG A 47 20.64 -36.18 -10.76
N ALA A 48 19.90 -37.27 -10.51
CA ALA A 48 19.01 -37.36 -9.37
C ALA A 48 19.31 -38.60 -8.53
N HIS A 49 19.61 -38.36 -7.27
CA HIS A 49 19.93 -39.41 -6.33
C HIS A 49 18.71 -39.68 -5.46
N VAL A 50 18.34 -40.95 -5.30
CA VAL A 50 17.35 -41.29 -4.29
C VAL A 50 18.07 -41.54 -2.96
N THR A 51 17.64 -40.82 -1.94
CA THR A 51 18.23 -40.92 -0.62
C THR A 51 17.14 -41.36 0.33
N GLY A 52 15.93 -41.46 -0.22
CA GLY A 52 14.72 -41.39 0.58
C GLY A 52 13.82 -42.60 0.71
N PRO A 53 12.54 -42.33 1.03
CA PRO A 53 11.72 -43.04 2.02
C PRO A 53 12.39 -44.29 2.58
N VAL A 54 12.79 -44.22 3.85
CA VAL A 54 13.49 -45.33 4.50
C VAL A 54 12.67 -45.92 5.63
N GLU A 55 12.67 -47.25 5.74
CA GLU A 55 11.98 -47.94 6.82
C GLU A 55 12.81 -47.71 8.09
N ASP A 56 12.21 -47.04 9.07
CA ASP A 56 12.95 -46.53 10.24
C ASP A 56 12.03 -46.04 11.37
N ASN A 57 12.64 -45.64 12.49
CA ASN A 57 11.95 -45.02 13.63
C ASN A 57 12.91 -44.18 14.48
N GLU A 58 12.51 -42.95 14.76
CA GLU A 58 13.32 -41.96 15.48
C GLU A 58 13.73 -42.38 16.89
N LYS A 59 12.87 -43.15 17.56
CA LYS A 59 13.09 -43.57 18.95
C LYS A 59 14.23 -44.59 19.08
N CYS A 60 14.49 -45.30 17.99
CA CYS A 60 15.47 -46.38 17.95
C CYS A 60 16.92 -45.85 18.01
N TYR A 61 17.71 -46.33 18.98
CA TYR A 61 19.16 -46.08 18.95
C TYR A 61 19.94 -47.33 18.54
N PRO A 62 21.20 -47.14 18.13
CA PRO A 62 21.60 -47.46 16.77
C PRO A 62 20.46 -48.02 15.90
N PRO A 63 20.23 -47.37 14.73
CA PRO A 63 19.12 -47.68 13.82
C PRO A 63 19.08 -49.15 13.43
N PRO A 64 17.93 -49.65 12.96
CA PRO A 64 17.68 -51.08 12.75
C PRO A 64 18.82 -51.84 12.06
N SER A 65 19.57 -51.17 11.20
CA SER A 65 20.71 -51.77 10.49
C SER A 65 21.68 -52.49 11.44
N VAL A 66 22.07 -51.82 12.53
CA VAL A 66 23.05 -52.38 13.46
C VAL A 66 22.43 -53.27 14.56
N GLN A 67 21.35 -52.83 15.16
CA GLN A 67 20.71 -53.59 16.24
C GLN A 67 19.22 -53.67 16.01
N SER A 68 18.60 -54.72 16.55
CA SER A 68 17.16 -54.85 16.49
C SER A 68 16.53 -53.88 17.49
N CYS A 69 15.45 -53.24 17.06
CA CYS A 69 14.67 -52.35 17.91
C CYS A 69 13.25 -52.87 18.09
N PRO A 70 12.74 -52.82 19.33
CA PRO A 70 11.39 -53.29 19.64
C PRO A 70 10.31 -52.30 19.16
N HIS A 71 10.69 -51.06 18.90
CA HIS A 71 9.78 -50.03 18.39
C HIS A 71 9.38 -50.34 16.94
N GLY A 72 8.10 -50.15 16.63
CA GLY A 72 7.57 -50.40 15.29
C GLY A 72 8.13 -49.46 14.22
N LEU A 73 8.52 -50.05 13.09
CA LEU A 73 9.11 -49.29 11.99
C LEU A 73 8.07 -48.92 10.94
N GLY A 74 8.30 -47.82 10.23
CA GLY A 74 7.44 -47.37 9.14
C GLY A 74 8.22 -46.59 8.10
N SER A 75 7.76 -46.61 6.86
CA SER A 75 8.40 -45.88 5.77
C SER A 75 8.33 -44.38 6.04
N THR A 76 9.47 -43.81 6.35
CA THR A 76 9.56 -42.39 6.69
C THR A 76 10.46 -41.64 5.72
N ASP A 77 10.32 -40.31 5.71
CA ASP A 77 11.09 -39.46 4.81
C ASP A 77 12.44 -39.11 5.40
N ASN A 78 13.47 -39.09 4.55
CA ASN A 78 14.82 -38.73 4.93
C ASN A 78 15.13 -37.31 4.48
N VAL A 79 15.16 -36.40 5.44
CA VAL A 79 15.39 -34.99 5.16
C VAL A 79 16.88 -34.68 5.07
N ASN A 80 17.28 -34.06 3.98
CA ASN A 80 18.62 -33.53 3.89
C ASN A 80 18.79 -32.39 4.90
N LYS A 81 19.60 -32.65 5.92
CA LYS A 81 19.82 -31.70 7.01
C LYS A 81 20.91 -30.70 6.64
N LEU A 82 21.86 -31.16 5.83
CA LEU A 82 23.10 -30.44 5.57
C LEU A 82 23.63 -30.80 4.18
N LEU A 83 24.45 -29.93 3.61
CA LEU A 83 25.09 -30.19 2.33
C LEU A 83 26.37 -29.39 2.29
N LEU A 84 27.48 -30.05 1.94
CA LEU A 84 28.81 -29.40 1.97
C LEU A 84 29.74 -29.86 0.86
N LEU A 85 30.22 -28.92 0.07
CA LEU A 85 31.12 -29.25 -1.03
C LEU A 85 32.56 -29.50 -0.56
N ASP A 86 33.01 -30.74 -0.71
CA ASP A 86 34.41 -31.10 -0.47
C ASP A 86 35.15 -31.18 -1.81
N TYR A 87 35.67 -30.04 -2.27
CA TYR A 87 36.36 -29.95 -3.54
C TYR A 87 37.63 -30.79 -3.54
N ALA A 88 38.31 -30.79 -2.39
CA ALA A 88 39.59 -31.47 -2.22
C ALA A 88 39.52 -32.97 -2.52
N ALA A 89 38.45 -33.62 -2.07
CA ALA A 89 38.26 -35.05 -2.30
C ALA A 89 37.19 -35.36 -3.37
N ASN A 90 36.93 -34.36 -4.22
CA ASN A 90 36.06 -34.51 -5.39
C ASN A 90 34.72 -35.18 -5.06
N ARG A 91 33.95 -34.54 -4.19
CA ARG A 91 32.73 -35.14 -3.65
C ARG A 91 31.80 -34.15 -2.97
N LEU A 92 30.78 -34.68 -2.33
CA LEU A 92 29.73 -33.90 -1.70
C LEU A 92 29.32 -34.59 -0.40
N LEU A 93 29.46 -33.92 0.72
CA LEU A 93 28.95 -34.44 1.99
C LEU A 93 27.47 -34.10 2.09
N ALA A 94 26.64 -35.12 2.14
CA ALA A 94 25.21 -34.90 1.99
C ALA A 94 24.44 -35.43 3.18
N CYS A 95 24.56 -34.72 4.30
CA CYS A 95 24.12 -35.27 5.58
C CYS A 95 22.62 -35.29 5.82
N GLY A 96 22.10 -36.50 6.04
CA GLY A 96 20.68 -36.67 6.21
C GLY A 96 20.27 -36.78 7.65
N SER A 97 19.07 -37.31 7.83
CA SER A 97 18.50 -37.59 9.14
C SER A 97 18.00 -39.04 9.13
N ALA A 98 16.90 -39.28 9.85
CA ALA A 98 16.12 -40.53 9.83
C ALA A 98 16.92 -41.86 9.85
N SER A 99 18.14 -41.80 10.36
CA SER A 99 18.94 -42.99 10.66
C SER A 99 19.82 -42.65 11.83
N GLN A 100 19.26 -41.90 12.78
CA GLN A 100 20.04 -41.23 13.83
C GLN A 100 21.06 -40.28 13.19
N GLY A 101 20.74 -39.83 11.98
CA GLY A 101 21.46 -38.76 11.31
C GLY A 101 22.72 -39.17 10.58
N ILE A 102 22.67 -40.31 9.89
CA ILE A 102 23.86 -40.80 9.18
C ILE A 102 24.20 -39.99 7.94
N CYS A 103 25.48 -39.85 7.68
CA CYS A 103 25.95 -38.94 6.66
C CYS A 103 26.28 -39.68 5.36
N GLN A 104 26.07 -39.02 4.23
CA GLN A 104 26.29 -39.61 2.92
C GLN A 104 27.44 -38.91 2.22
N PHE A 105 28.17 -39.65 1.38
CA PHE A 105 29.19 -39.08 0.48
C PHE A 105 28.84 -39.36 -0.98
N LEU A 106 28.54 -38.31 -1.73
CA LEU A 106 28.22 -38.51 -3.13
C LEU A 106 29.33 -37.94 -3.99
N ARG A 107 29.71 -38.68 -5.03
CA ARG A 107 30.79 -38.24 -5.90
C ARG A 107 30.37 -37.01 -6.66
N LEU A 108 31.32 -36.12 -6.87
CA LEU A 108 31.03 -34.78 -7.36
C LEU A 108 30.33 -34.73 -8.72
N ASP A 109 30.83 -35.47 -9.70
CA ASP A 109 30.37 -35.32 -11.08
C ASP A 109 29.25 -36.27 -11.54
N ASP A 110 28.90 -37.23 -10.70
CA ASP A 110 27.87 -38.20 -11.08
C ASP A 110 26.96 -38.65 -9.94
N LEU A 111 27.25 -38.16 -8.73
CA LEU A 111 26.53 -38.50 -7.49
C LEU A 111 26.64 -39.97 -7.07
N PHE A 112 27.76 -40.58 -7.43
CA PHE A 112 28.01 -41.97 -7.08
C PHE A 112 28.32 -42.06 -5.59
N LYS A 113 27.54 -42.85 -4.86
CA LYS A 113 27.73 -43.04 -3.42
C LYS A 113 29.08 -43.66 -3.20
N LEU A 114 29.99 -42.84 -2.71
CA LEU A 114 31.32 -43.29 -2.40
C LEU A 114 31.30 -43.99 -1.04
N GLY A 115 30.55 -43.43 -0.08
CA GLY A 115 30.45 -44.00 1.27
C GLY A 115 29.31 -43.45 2.10
N GLU A 116 28.91 -44.22 3.11
CA GLU A 116 27.82 -43.82 4.01
C GLU A 116 27.98 -44.49 5.38
N PRO A 117 28.98 -44.05 6.17
CA PRO A 117 29.32 -44.73 7.44
C PRO A 117 28.22 -44.65 8.50
N HIS A 118 27.95 -45.80 9.13
CA HIS A 118 26.81 -45.96 10.04
C HIS A 118 26.93 -47.13 11.03
N HIS A 119 28.15 -47.67 11.19
CA HIS A 119 28.38 -48.71 12.18
C HIS A 119 28.59 -48.14 13.58
N ARG A 120 29.55 -47.22 13.71
CA ARG A 120 29.91 -46.63 15.00
C ARG A 120 28.97 -45.52 15.44
N LYS A 121 29.13 -45.07 16.69
CA LYS A 121 28.22 -44.10 17.31
C LYS A 121 28.45 -42.68 16.82
N GLU A 122 29.67 -42.41 16.36
CA GLU A 122 30.04 -41.11 15.79
C GLU A 122 29.44 -40.92 14.41
N HIS A 123 29.27 -42.03 13.68
CA HIS A 123 28.61 -42.00 12.39
C HIS A 123 27.14 -41.56 12.47
N TYR A 124 26.62 -41.51 13.70
CA TYR A 124 25.28 -40.99 13.96
C TYR A 124 25.38 -39.53 14.38
N LEU A 125 24.60 -38.64 13.76
CA LEU A 125 24.74 -37.21 14.06
C LEU A 125 23.69 -36.60 14.98
N SER A 126 22.41 -36.87 14.70
CA SER A 126 21.28 -36.48 15.58
C SER A 126 19.97 -37.11 15.10
N SER A 127 19.06 -37.40 16.02
CA SER A 127 17.74 -37.92 15.66
C SER A 127 16.91 -36.87 14.93
N VAL A 128 17.24 -35.60 15.17
CA VAL A 128 16.46 -34.44 14.72
C VAL A 128 16.07 -34.53 13.25
N ARG A 129 14.77 -34.40 12.99
CA ARG A 129 14.25 -34.53 11.63
C ARG A 129 13.98 -33.18 10.96
N GLU A 130 14.42 -32.09 11.59
CA GLU A 130 14.16 -30.74 11.08
C GLU A 130 15.23 -30.29 10.11
N ALA A 131 14.81 -29.69 9.00
CA ALA A 131 15.74 -29.20 7.98
C ALA A 131 16.34 -27.85 8.38
N GLY A 132 17.62 -27.68 8.10
CA GLY A 132 18.29 -26.39 8.29
C GLY A 132 18.62 -25.96 9.71
N SER A 133 18.17 -26.73 10.70
CA SER A 133 18.53 -26.48 12.09
C SER A 133 20.00 -26.88 12.32
N MET A 134 20.63 -27.39 11.27
CA MET A 134 22.01 -27.81 11.30
C MET A 134 22.84 -26.96 10.33
N ALA A 135 24.13 -26.81 10.63
CA ALA A 135 25.07 -26.12 9.74
C ALA A 135 26.50 -26.58 10.06
N GLY A 136 27.47 -25.97 9.38
CA GLY A 136 28.87 -26.29 9.61
C GLY A 136 29.77 -25.91 8.45
N VAL A 137 31.07 -26.17 8.59
CA VAL A 137 32.06 -25.83 7.56
C VAL A 137 33.05 -26.97 7.33
N LEU A 138 33.48 -27.13 6.08
CA LEU A 138 34.59 -28.04 5.77
C LEU A 138 35.90 -27.29 5.61
N ILE A 139 36.92 -27.76 6.34
CA ILE A 139 38.24 -27.16 6.31
C ILE A 139 39.31 -28.23 6.09
N ALA A 140 40.29 -27.93 5.24
CA ALA A 140 41.25 -28.95 4.81
C ALA A 140 42.70 -28.48 4.82
N GLY A 141 43.61 -29.45 4.94
CA GLY A 141 45.05 -29.27 4.72
C GLY A 141 45.49 -30.22 3.62
N PRO A 142 46.78 -30.15 3.21
CA PRO A 142 47.25 -31.00 2.09
C PRO A 142 47.41 -32.47 2.50
N PRO A 143 47.32 -33.42 1.54
CA PRO A 143 47.38 -34.85 1.86
C PRO A 143 48.73 -35.27 2.47
N GLY A 144 48.67 -35.95 3.62
CA GLY A 144 49.86 -36.30 4.38
C GLY A 144 50.00 -35.48 5.64
N GLN A 145 49.62 -34.21 5.56
CA GLN A 145 49.59 -33.28 6.70
C GLN A 145 48.35 -33.54 7.57
N GLY A 146 48.07 -32.62 8.50
CA GLY A 146 46.85 -32.68 9.31
C GLY A 146 45.63 -32.63 8.40
N GLN A 147 44.89 -33.73 8.37
CA GLN A 147 43.85 -33.97 7.36
C GLN A 147 42.58 -33.11 7.48
N ALA A 148 41.66 -33.30 6.53
CA ALA A 148 40.41 -32.57 6.47
C ALA A 148 39.55 -32.77 7.72
N LYS A 149 38.96 -31.69 8.19
CA LYS A 149 38.11 -31.71 9.37
C LYS A 149 36.75 -31.13 9.07
N LEU A 150 35.74 -31.58 9.80
CA LEU A 150 34.41 -31.00 9.70
C LEU A 150 33.97 -30.47 11.06
N PHE A 151 33.63 -29.19 11.11
CA PHE A 151 33.01 -28.57 12.28
C PHE A 151 31.52 -28.50 12.04
N VAL A 152 30.74 -29.07 12.95
CA VAL A 152 29.32 -29.22 12.70
C VAL A 152 28.47 -29.10 13.96
N GLY A 153 27.53 -28.18 13.91
CA GLY A 153 26.53 -28.04 14.95
C GLY A 153 25.21 -28.65 14.53
N THR A 154 24.51 -29.23 15.51
CA THR A 154 23.16 -29.75 15.30
C THR A 154 22.37 -29.69 16.60
N PRO A 155 21.03 -29.63 16.49
CA PRO A 155 20.14 -29.87 17.63
C PRO A 155 20.20 -31.33 18.12
N ILE A 156 19.62 -31.56 19.28
CA ILE A 156 19.79 -32.82 19.99
C ILE A 156 18.47 -33.47 20.42
N ASP A 157 17.43 -32.67 20.63
CA ASP A 157 16.10 -33.20 20.93
C ASP A 157 16.05 -33.83 22.34
N GLY A 158 17.07 -33.56 23.14
CA GLY A 158 17.16 -34.09 24.50
C GLY A 158 17.99 -35.37 24.63
N LYS A 159 18.54 -35.82 23.51
CA LYS A 159 19.39 -37.02 23.47
C LYS A 159 20.83 -36.67 23.84
N SER A 160 20.98 -36.02 24.99
CA SER A 160 22.25 -35.43 25.43
C SER A 160 23.45 -36.37 25.38
N GLU A 161 23.22 -37.63 25.73
CA GLU A 161 24.32 -38.58 25.89
C GLU A 161 24.63 -39.32 24.59
N TYR A 162 23.71 -39.27 23.63
CA TYR A 162 23.97 -39.87 22.33
C TYR A 162 24.82 -38.94 21.44
N PHE A 163 24.41 -37.70 21.31
CA PHE A 163 25.05 -36.78 20.36
C PHE A 163 25.60 -35.50 21.00
N PRO A 164 26.70 -35.00 20.46
CA PRO A 164 27.16 -33.64 20.79
C PRO A 164 26.54 -32.60 19.85
N THR A 165 26.16 -31.45 20.41
CA THR A 165 25.59 -30.34 19.65
C THR A 165 26.62 -29.72 18.72
N LEU A 166 27.79 -29.43 19.26
CA LEU A 166 28.91 -28.95 18.46
C LEU A 166 30.05 -29.95 18.58
N SER A 167 30.76 -30.17 17.46
CA SER A 167 31.81 -31.19 17.40
C SER A 167 32.89 -30.82 16.39
N SER A 168 34.08 -31.37 16.59
CA SER A 168 35.15 -31.26 15.62
C SER A 168 35.51 -32.67 15.17
N ARG A 169 35.23 -32.98 13.91
CA ARG A 169 35.30 -34.36 13.42
C ARG A 169 36.24 -34.57 12.25
N ARG A 170 36.66 -35.81 12.09
CA ARG A 170 37.69 -36.16 11.12
C ARG A 170 37.09 -36.58 9.80
N LEU A 171 37.71 -36.16 8.71
CA LEU A 171 37.32 -36.55 7.37
C LEU A 171 38.44 -37.28 6.65
N MET A 172 38.37 -38.61 6.67
CA MET A 172 39.37 -39.45 6.02
C MET A 172 39.17 -39.45 4.50
N ALA A 173 40.22 -39.79 3.77
CA ALA A 173 40.17 -39.79 2.30
C ALA A 173 39.35 -40.95 1.74
N ASN A 174 39.39 -42.11 2.42
CA ASN A 174 38.53 -43.23 2.06
C ASN A 174 37.14 -43.13 2.68
N GLU A 175 36.15 -43.08 1.82
CA GLU A 175 34.76 -43.00 2.28
C GLU A 175 34.34 -44.31 2.94
N GLU A 176 35.02 -45.40 2.61
CA GLU A 176 34.71 -46.71 3.19
C GLU A 176 35.39 -46.89 4.53
N ASP A 177 36.47 -46.12 4.74
CA ASP A 177 37.23 -46.08 5.99
C ASP A 177 36.30 -45.87 7.19
N ALA A 178 36.47 -46.69 8.22
CA ALA A 178 35.60 -46.62 9.39
C ALA A 178 35.85 -45.38 10.27
N ASP A 179 37.00 -44.73 10.10
CA ASP A 179 37.39 -43.62 10.98
C ASP A 179 36.55 -42.36 10.84
N MET A 180 35.72 -42.29 9.78
CA MET A 180 34.92 -41.10 9.47
C MET A 180 34.11 -40.53 10.64
N PHE A 181 33.97 -39.20 10.64
CA PHE A 181 33.20 -38.44 11.65
C PHE A 181 33.61 -38.76 13.08
N GLY A 182 34.84 -39.24 13.23
CA GLY A 182 35.44 -39.44 14.54
C GLY A 182 36.03 -38.13 14.98
N PHE A 183 36.06 -37.90 16.29
CA PHE A 183 36.51 -36.62 16.82
C PHE A 183 38.01 -36.40 16.66
N VAL A 184 38.39 -35.15 16.46
CA VAL A 184 39.77 -34.78 16.11
C VAL A 184 40.77 -35.25 17.18
N TYR A 185 40.43 -35.00 18.44
CA TYR A 185 41.18 -35.53 19.57
C TYR A 185 40.23 -36.01 20.66
N GLN A 186 40.21 -37.32 20.89
CA GLN A 186 39.40 -37.90 21.95
C GLN A 186 40.24 -38.36 23.14
N ASP A 187 39.78 -37.99 24.32
CA ASP A 187 40.42 -38.36 25.58
C ASP A 187 39.30 -38.79 26.55
N GLU A 188 39.68 -39.47 27.63
CA GLU A 188 38.71 -39.85 28.65
C GLU A 188 38.31 -38.65 29.51
N PHE A 189 39.08 -37.58 29.42
CA PHE A 189 38.81 -36.34 30.14
C PHE A 189 38.16 -35.28 29.24
N VAL A 190 38.80 -34.97 28.12
CA VAL A 190 38.29 -33.95 27.18
C VAL A 190 38.37 -34.38 25.71
N SER A 191 37.24 -34.32 25.02
CA SER A 191 37.17 -34.63 23.58
C SER A 191 36.82 -33.38 22.76
N SER A 192 37.27 -33.33 21.51
CA SER A 192 36.96 -32.21 20.62
C SER A 192 35.47 -32.19 20.26
N GLN A 193 34.65 -32.06 21.28
CA GLN A 193 33.21 -31.97 21.15
C GLN A 193 32.63 -31.22 22.35
N LEU A 194 31.37 -30.82 22.25
CA LEU A 194 30.69 -30.12 23.33
C LEU A 194 29.29 -30.69 23.50
N LYS A 195 29.06 -31.36 24.65
CA LYS A 195 27.79 -32.05 24.90
C LYS A 195 26.82 -31.19 25.72
N ILE A 196 25.54 -31.54 25.68
CA ILE A 196 24.55 -30.92 26.57
C ILE A 196 24.58 -31.64 27.92
N PRO A 197 24.79 -30.89 29.02
CA PRO A 197 24.75 -31.50 30.37
C PRO A 197 23.35 -31.99 30.77
N SER A 198 23.30 -33.17 31.37
CA SER A 198 22.04 -33.81 31.77
C SER A 198 21.26 -32.98 32.80
N ASP A 199 21.99 -32.35 33.71
CA ASP A 199 21.41 -31.51 34.77
C ASP A 199 20.64 -30.32 34.20
N THR A 200 21.11 -29.78 33.08
CA THR A 200 20.47 -28.64 32.42
C THR A 200 19.22 -29.04 31.64
N LEU A 201 19.11 -30.32 31.29
CA LEU A 201 17.91 -30.82 30.63
C LEU A 201 16.83 -31.22 31.62
N SER A 202 17.26 -31.66 32.81
CA SER A 202 16.33 -31.95 33.90
C SER A 202 15.66 -30.67 34.40
N LYS A 203 16.45 -29.60 34.50
CA LYS A 203 15.97 -28.29 34.96
C LYS A 203 15.07 -27.64 33.90
N PHE A 204 15.62 -27.41 32.71
CA PHE A 204 14.84 -26.91 31.58
C PHE A 204 14.59 -28.04 30.59
N PRO A 205 13.35 -28.53 30.55
CA PRO A 205 12.95 -29.80 29.89
C PRO A 205 13.48 -30.00 28.46
N ALA A 206 13.18 -29.07 27.55
CA ALA A 206 13.49 -29.26 26.13
C ALA A 206 14.38 -28.17 25.53
N PHE A 207 15.37 -27.72 26.30
CA PHE A 207 16.44 -26.86 25.79
C PHE A 207 17.17 -27.56 24.64
N ASP A 208 17.52 -26.78 23.62
CA ASP A 208 18.16 -27.31 22.41
C ASP A 208 18.83 -26.18 21.63
N ILE A 209 19.92 -26.48 20.95
CA ILE A 209 20.62 -25.48 20.15
C ILE A 209 20.38 -25.70 18.67
N TYR A 210 19.78 -24.72 18.01
CA TYR A 210 19.51 -24.79 16.58
C TYR A 210 20.50 -23.92 15.86
N TYR A 211 21.23 -24.53 14.94
CA TYR A 211 22.31 -23.85 14.22
C TYR A 211 21.83 -23.40 12.85
N VAL A 212 21.90 -22.10 12.62
CA VAL A 212 21.29 -21.49 11.43
C VAL A 212 22.30 -21.29 10.30
N TYR A 213 23.36 -20.54 10.57
CA TYR A 213 24.35 -20.27 9.56
C TYR A 213 25.70 -20.58 10.17
N SER A 214 26.72 -20.70 9.33
CA SER A 214 28.07 -21.01 9.79
C SER A 214 29.10 -20.63 8.74
N PHE A 215 30.27 -20.16 9.17
CA PHE A 215 31.30 -19.79 8.21
C PHE A 215 32.69 -19.81 8.79
N ARG A 216 33.67 -20.07 7.92
CA ARG A 216 35.07 -19.98 8.28
C ARG A 216 35.56 -18.56 7.98
N SER A 217 36.30 -17.98 8.91
CA SER A 217 36.86 -16.63 8.77
C SER A 217 38.30 -16.61 9.28
N GLU A 218 39.23 -16.17 8.43
CA GLU A 218 40.68 -16.11 8.76
C GLU A 218 41.26 -17.44 9.26
N GLN A 219 40.99 -17.77 10.52
CA GLN A 219 41.54 -18.93 11.22
C GLN A 219 40.54 -19.53 12.21
N PHE A 220 39.30 -19.04 12.19
CA PHE A 220 38.28 -19.45 13.15
C PHE A 220 37.11 -20.12 12.47
N VAL A 221 36.03 -20.35 13.24
CA VAL A 221 34.79 -20.92 12.73
C VAL A 221 33.61 -20.37 13.55
N TYR A 222 32.74 -19.58 12.91
CA TYR A 222 31.60 -18.97 13.60
C TYR A 222 30.30 -19.67 13.28
N TYR A 223 29.33 -19.52 14.19
CA TYR A 223 28.00 -20.11 14.08
C TYR A 223 26.98 -19.12 14.63
N LEU A 224 25.88 -18.90 13.93
CA LEU A 224 24.80 -18.12 14.52
C LEU A 224 23.73 -19.08 15.03
N THR A 225 23.41 -18.97 16.31
CA THR A 225 22.62 -20.00 16.99
C THR A 225 21.36 -19.47 17.65
N LEU A 226 20.42 -20.37 17.92
CA LEU A 226 19.23 -20.09 18.71
C LEU A 226 19.17 -21.06 19.89
N GLN A 227 18.94 -20.54 21.10
CA GLN A 227 18.88 -21.36 22.32
C GLN A 227 17.59 -21.09 23.09
N LEU A 228 17.49 -21.58 24.33
CA LEU A 228 16.25 -21.44 25.09
C LEU A 228 16.30 -20.44 26.28
N ASP A 229 15.21 -20.37 27.05
CA ASP A 229 15.14 -19.60 28.30
C ASP A 229 16.05 -20.24 29.37
N THR A 230 17.15 -19.57 29.65
CA THR A 230 18.04 -19.92 30.76
C THR A 230 18.47 -18.60 31.36
N GLN A 231 17.68 -18.12 32.33
CA GLN A 231 17.66 -16.71 32.74
C GLN A 231 17.13 -15.89 31.56
N LEU A 232 16.15 -16.48 30.86
CA LEU A 232 15.52 -15.96 29.63
C LEU A 232 16.47 -15.80 28.42
N ALA A 238 9.20 -25.51 33.53
CA ALA A 238 9.47 -24.39 34.43
C ALA A 238 8.63 -23.16 34.11
N GLY A 239 8.37 -22.93 32.81
CA GLY A 239 7.57 -21.78 32.34
C GLY A 239 7.11 -21.93 30.90
N GLU A 240 7.56 -21.02 30.04
CA GLU A 240 7.37 -21.14 28.59
C GLU A 240 8.69 -20.88 27.85
N HIS A 241 8.72 -21.20 26.55
CA HIS A 241 9.96 -21.13 25.76
C HIS A 241 10.19 -19.82 25.00
N PHE A 242 11.30 -19.16 25.35
CA PHE A 242 11.74 -17.90 24.73
C PHE A 242 13.22 -18.00 24.36
N PHE A 243 13.54 -17.58 23.14
CA PHE A 243 14.84 -17.87 22.52
C PHE A 243 15.80 -16.68 22.51
N THR A 244 17.10 -16.97 22.53
CA THR A 244 18.13 -15.94 22.50
C THR A 244 19.15 -16.24 21.42
N SER A 245 19.25 -15.34 20.45
CA SER A 245 20.12 -15.53 19.29
C SER A 245 21.54 -15.08 19.57
N LYS A 246 22.48 -15.99 19.37
CA LYS A 246 23.86 -15.77 19.77
C LYS A 246 24.89 -16.11 18.69
N ILE A 247 26.07 -15.51 18.82
CA ILE A 247 27.22 -15.92 18.03
C ILE A 247 28.14 -16.86 18.80
N VAL A 248 28.67 -17.85 18.09
CA VAL A 248 29.63 -18.79 18.62
C VAL A 248 30.91 -18.69 17.78
N ARG A 249 32.06 -19.02 18.37
CA ARG A 249 33.33 -19.08 17.64
C ARG A 249 34.25 -20.15 18.20
N LEU A 250 35.16 -20.65 17.35
CA LEU A 250 36.23 -21.56 17.77
C LEU A 250 37.51 -21.27 16.98
N CYS A 251 38.66 -21.55 17.56
CA CYS A 251 39.89 -21.63 16.78
C CYS A 251 39.81 -22.91 15.98
N VAL A 252 40.30 -22.87 14.75
CA VAL A 252 40.35 -24.05 13.91
C VAL A 252 41.37 -25.05 14.49
N ASN A 253 42.47 -24.52 15.02
CA ASN A 253 43.52 -25.33 15.63
C ASN A 253 43.40 -25.38 17.16
N ASP A 254 42.26 -25.88 17.63
CA ASP A 254 42.02 -26.07 19.06
C ASP A 254 41.31 -27.40 19.31
N PRO A 255 42.08 -28.50 19.33
CA PRO A 255 41.51 -29.83 19.54
C PRO A 255 40.83 -29.96 20.91
N LYS A 256 41.28 -29.17 21.87
CA LYS A 256 40.77 -29.24 23.24
C LYS A 256 39.38 -28.60 23.40
N PHE A 257 39.03 -27.70 22.48
CA PHE A 257 37.74 -26.98 22.51
C PHE A 257 37.67 -25.88 23.58
N TYR A 258 38.82 -25.31 23.92
CA TYR A 258 38.89 -24.28 24.96
C TYR A 258 38.55 -22.87 24.46
N SER A 259 38.51 -22.69 23.15
CA SER A 259 38.34 -21.36 22.56
C SER A 259 36.89 -20.91 22.48
N TYR A 260 35.97 -21.82 22.82
CA TYR A 260 34.54 -21.55 22.70
C TYR A 260 34.14 -20.23 23.35
N VAL A 261 33.45 -19.41 22.57
CA VAL A 261 32.91 -18.13 23.00
C VAL A 261 31.43 -18.06 22.58
N GLU A 262 30.62 -17.28 23.31
CA GLU A 262 29.18 -17.19 23.01
C GLU A 262 28.47 -15.90 23.46
N PHE A 263 28.31 -14.97 22.53
CA PHE A 263 27.73 -13.66 22.79
C PHE A 263 26.33 -13.58 22.23
N PRO A 264 25.38 -13.03 23.00
CA PRO A 264 24.05 -12.76 22.44
C PRO A 264 24.12 -11.66 21.36
N ILE A 265 23.28 -11.79 20.35
CA ILE A 265 23.31 -10.87 19.20
C ILE A 265 21.91 -10.49 18.72
N GLY A 266 21.79 -9.21 18.36
CA GLY A 266 20.56 -8.63 17.86
C GLY A 266 20.76 -7.16 17.53
N CYS A 267 19.64 -6.47 17.33
CA CYS A 267 19.64 -5.04 16.96
C CYS A 267 18.26 -4.42 17.18
N GLU A 268 18.24 -3.10 17.36
CA GLU A 268 17.01 -2.38 17.70
C GLU A 268 16.71 -1.24 16.74
N GLN A 269 15.42 -1.08 16.43
CA GLN A 269 14.95 -0.05 15.50
C GLN A 269 13.81 0.74 16.13
N ALA A 270 14.12 1.98 16.53
CA ALA A 270 13.17 2.89 17.16
C ALA A 270 12.38 2.24 18.30
N GLY A 271 13.11 1.57 19.20
CA GLY A 271 12.51 0.95 20.38
C GLY A 271 11.77 -0.35 20.12
N VAL A 272 12.14 -1.03 19.04
CA VAL A 272 11.56 -2.33 18.69
C VAL A 272 12.69 -3.37 18.64
N GLU A 273 12.54 -4.46 19.38
CA GLU A 273 13.59 -5.47 19.48
C GLU A 273 13.53 -6.55 18.41
N TYR A 274 14.69 -6.81 17.80
CA TYR A 274 14.87 -7.87 16.81
C TYR A 274 16.00 -8.81 17.28
N ARG A 275 15.61 -10.00 17.76
CA ARG A 275 16.52 -10.93 18.43
C ARG A 275 16.53 -12.38 17.92
N LEU A 276 15.93 -12.64 16.76
CA LEU A 276 15.87 -14.01 16.21
C LEU A 276 16.48 -14.11 14.82
N VAL A 277 17.64 -14.75 14.69
CA VAL A 277 18.29 -14.90 13.40
C VAL A 277 17.49 -15.82 12.50
N GLN A 278 17.35 -15.41 11.24
CA GLN A 278 16.70 -16.24 10.24
C GLN A 278 17.72 -16.70 9.18
N ASP A 279 18.71 -15.84 8.93
CA ASP A 279 19.83 -16.18 8.05
C ASP A 279 20.93 -15.16 8.23
N ALA A 280 22.10 -15.50 7.70
CA ALA A 280 23.23 -14.58 7.60
C ALA A 280 24.05 -14.92 6.36
N TYR A 281 25.06 -14.10 6.10
CA TYR A 281 25.91 -14.25 4.93
C TYR A 281 27.18 -13.41 5.15
N LEU A 282 28.32 -14.08 5.29
CA LEU A 282 29.59 -13.39 5.37
C LEU A 282 29.99 -12.89 3.99
N SER A 283 30.52 -11.67 3.90
CA SER A 283 30.95 -11.14 2.60
C SER A 283 32.09 -10.13 2.68
N ARG A 284 32.41 -9.56 1.51
CA ARG A 284 33.23 -8.38 1.43
C ARG A 284 32.34 -7.14 1.36
N PRO A 285 32.92 -5.93 1.57
CA PRO A 285 32.17 -4.70 1.31
C PRO A 285 32.58 -3.95 0.03
N GLY A 286 33.77 -4.24 -0.49
CA GLY A 286 34.30 -3.50 -1.64
C GLY A 286 34.62 -2.07 -1.24
N GLN A 287 35.39 -1.37 -2.09
CA GLN A 287 35.89 -0.01 -1.78
C GLN A 287 34.88 0.93 -1.13
N ALA A 288 33.63 0.87 -1.58
CA ALA A 288 32.59 1.80 -1.14
C ALA A 288 32.32 1.72 0.36
N LEU A 289 31.67 0.62 0.78
CA LEU A 289 31.24 0.48 2.17
C LEU A 289 32.43 0.36 3.11
N ALA A 290 33.49 -0.29 2.64
CA ALA A 290 34.71 -0.43 3.43
C ALA A 290 35.21 0.92 3.92
N LYS A 291 35.39 1.86 2.99
CA LYS A 291 36.04 3.12 3.31
C LYS A 291 35.32 3.83 4.46
N GLN A 292 34.04 4.10 4.29
CA GLN A 292 33.28 4.87 5.29
C GLN A 292 32.72 4.02 6.44
N LEU A 293 33.05 2.74 6.43
CA LEU A 293 32.85 1.91 7.60
C LEU A 293 34.18 1.68 8.31
N GLY A 294 35.26 2.16 7.67
CA GLY A 294 36.60 2.24 8.26
C GLY A 294 37.42 0.97 8.27
N LEU A 295 37.49 0.29 7.13
CA LEU A 295 38.03 -1.07 7.04
C LEU A 295 39.18 -1.22 6.05
N ALA A 296 39.98 -2.27 6.24
CA ALA A 296 41.01 -2.66 5.29
C ALA A 296 40.38 -3.58 4.26
N GLU A 297 41.07 -3.77 3.14
CA GLU A 297 40.53 -4.52 2.00
C GLU A 297 39.94 -5.84 2.44
N ASP A 298 40.80 -6.69 3.00
CA ASP A 298 40.42 -8.06 3.33
C ASP A 298 39.62 -8.20 4.64
N GLU A 299 39.15 -7.08 5.18
CA GLU A 299 38.32 -7.16 6.39
C GLU A 299 36.91 -7.58 6.01
N GLU A 300 36.35 -8.48 6.81
CA GLU A 300 35.10 -9.14 6.48
C GLU A 300 33.89 -8.44 7.10
N VAL A 301 32.69 -8.85 6.67
CA VAL A 301 31.43 -8.25 7.12
C VAL A 301 30.31 -9.28 7.18
N LEU A 302 29.37 -9.12 8.10
CA LEU A 302 28.28 -10.10 8.23
C LEU A 302 26.86 -9.53 8.16
N PHE A 303 26.23 -9.68 7.00
CA PHE A 303 24.81 -9.34 6.82
C PHE A 303 23.94 -10.41 7.46
N THR A 304 22.87 -9.98 8.11
CA THR A 304 22.03 -10.87 8.88
C THR A 304 20.55 -10.52 8.73
N VAL A 305 19.68 -11.40 9.17
CA VAL A 305 18.26 -11.12 9.16
C VAL A 305 17.70 -11.57 10.51
N PHE A 306 16.97 -10.67 11.17
CA PHE A 306 16.33 -10.96 12.46
C PHE A 306 14.82 -10.66 12.46
N ALA A 307 14.07 -11.47 13.20
CA ALA A 307 12.65 -11.22 13.41
C ALA A 307 12.45 -10.52 14.75
N GLN A 308 11.28 -9.90 14.92
CA GLN A 308 10.98 -9.13 16.14
C GLN A 308 10.72 -10.01 17.36
N GLY A 309 11.30 -9.61 18.49
CA GLY A 309 11.06 -10.26 19.76
C GLY A 309 11.84 -11.55 19.97
N GLN A 310 11.35 -12.38 20.87
CA GLN A 310 12.02 -13.61 21.25
C GLN A 310 10.98 -14.71 21.36
N LYS A 311 9.99 -14.64 20.48
CA LYS A 311 8.84 -15.54 20.54
C LYS A 311 8.75 -16.41 19.29
N ASN A 312 8.36 -17.68 19.50
CA ASN A 312 8.04 -18.63 18.42
C ASN A 312 9.10 -18.84 17.35
N ARG A 313 10.17 -19.56 17.69
CA ARG A 313 11.21 -19.89 16.71
C ARG A 313 10.66 -20.82 15.62
N VAL A 314 9.68 -21.64 15.99
CA VAL A 314 9.00 -22.55 15.06
C VAL A 314 8.23 -21.79 13.97
N LYS A 315 7.51 -20.74 14.37
CA LYS A 315 6.82 -19.85 13.43
C LYS A 315 6.98 -18.38 13.84
N PRO A 316 8.08 -17.74 13.40
CA PRO A 316 8.44 -16.37 13.78
C PRO A 316 7.47 -15.29 13.25
N PRO A 317 7.66 -14.03 13.69
CA PRO A 317 6.86 -12.89 13.23
C PRO A 317 7.23 -12.34 11.84
N LYS A 318 6.27 -11.68 11.19
CA LYS A 318 6.48 -10.98 9.91
C LYS A 318 7.56 -9.91 10.06
N GLU A 319 7.40 -9.08 11.10
CA GLU A 319 8.34 -8.02 11.42
C GLU A 319 9.80 -8.53 11.40
N SER A 320 10.59 -8.04 10.46
CA SER A 320 11.96 -8.51 10.26
C SER A 320 12.94 -7.42 9.84
N ALA A 321 14.19 -7.55 10.28
CA ALA A 321 15.19 -6.50 10.08
C ALA A 321 16.54 -7.03 9.62
N LEU A 322 17.06 -6.40 8.57
CA LEU A 322 18.39 -6.73 8.05
C LEU A 322 19.41 -5.83 8.74
N CYS A 323 20.28 -6.47 9.52
CA CYS A 323 21.32 -5.76 10.27
C CYS A 323 22.72 -5.99 9.70
N LEU A 324 23.73 -5.47 10.39
CA LEU A 324 25.08 -5.54 9.89
C LEU A 324 26.07 -5.62 11.05
N PHE A 325 27.11 -6.44 10.88
CA PHE A 325 28.17 -6.54 11.84
C PHE A 325 29.48 -6.53 11.06
N THR A 326 30.40 -5.67 11.45
CA THR A 326 31.77 -5.79 10.97
C THR A 326 32.52 -6.78 11.88
N LEU A 327 33.25 -7.71 11.28
CA LEU A 327 33.93 -8.74 12.04
C LEU A 327 35.04 -8.19 12.92
N ARG A 328 35.64 -7.09 12.49
CA ARG A 328 36.59 -6.39 13.33
C ARG A 328 35.91 -5.95 14.64
N ALA A 329 34.65 -5.55 14.56
CA ALA A 329 33.86 -5.14 15.74
C ALA A 329 33.41 -6.31 16.62
N ILE A 330 33.19 -7.48 16.04
CA ILE A 330 32.88 -8.65 16.85
C ILE A 330 34.17 -9.21 17.42
N LYS A 331 35.24 -9.14 16.65
CA LYS A 331 36.55 -9.54 17.16
C LYS A 331 36.97 -8.70 18.36
N GLU A 332 36.67 -7.39 18.32
CA GLU A 332 36.99 -6.50 19.44
C GLU A 332 36.12 -6.79 20.67
N LYS A 333 34.84 -7.09 20.47
CA LYS A 333 33.95 -7.48 21.58
C LYS A 333 34.36 -8.79 22.28
N ILE A 334 34.99 -9.69 21.52
CA ILE A 334 35.49 -10.96 22.07
C ILE A 334 36.85 -10.78 22.73
N LYS A 335 37.75 -10.04 22.08
CA LYS A 335 39.03 -9.70 22.69
C LYS A 335 38.82 -8.88 23.97
N GLU A 336 37.90 -7.91 23.91
CA GLU A 336 37.53 -7.06 25.05
C GLU A 336 36.95 -7.87 26.20
N ARG A 337 36.19 -8.91 25.88
CA ARG A 337 35.61 -9.80 26.89
C ARG A 337 36.61 -10.77 27.51
N ILE A 338 37.62 -11.17 26.74
CA ILE A 338 38.65 -12.08 27.25
C ILE A 338 39.71 -11.35 28.07
N GLN A 339 40.20 -10.21 27.58
CA GLN A 339 41.10 -9.37 28.36
C GLN A 339 40.43 -8.87 29.65
N SER A 340 39.14 -9.20 29.79
CA SER A 340 38.32 -8.83 30.96
C SER A 340 38.23 -9.97 31.98
N CYS A 341 38.06 -11.19 31.49
CA CYS A 341 38.03 -12.36 32.37
C CYS A 341 39.43 -12.70 32.88
N TYR A 342 40.45 -12.37 32.08
CA TYR A 342 41.84 -12.51 32.52
C TYR A 342 42.30 -11.35 33.42
N ARG A 343 41.32 -10.55 33.88
CA ARG A 343 41.51 -9.59 34.97
C ARG A 343 40.82 -10.11 36.24
N GLY A 344 40.18 -11.26 36.11
CA GLY A 344 39.57 -11.96 37.25
C GLY A 344 38.16 -11.48 37.58
N GLU A 345 37.59 -10.68 36.69
CA GLU A 345 36.31 -10.01 36.94
C GLU A 345 35.11 -10.91 36.70
N GLY A 346 34.28 -11.05 37.73
CA GLY A 346 33.00 -11.77 37.64
C GLY A 346 33.10 -13.26 37.37
N LYS A 347 32.06 -13.80 36.74
CA LYS A 347 31.98 -15.23 36.41
C LYS A 347 32.11 -15.47 34.90
N LEU A 348 32.10 -16.75 34.51
CA LEU A 348 32.13 -17.12 33.09
C LEU A 348 30.78 -16.85 32.42
N SER A 349 29.71 -17.09 33.17
CA SER A 349 28.32 -16.78 32.77
C SER A 349 27.87 -17.50 31.49
N LEU A 350 27.71 -18.81 31.59
CA LEU A 350 27.23 -19.62 30.48
C LEU A 350 26.25 -20.67 31.03
N PRO A 351 24.97 -20.28 31.14
CA PRO A 351 23.93 -21.01 31.87
C PRO A 351 23.78 -22.49 31.51
N TRP A 352 23.49 -22.76 30.24
CA TRP A 352 23.19 -24.12 29.78
C TRP A 352 24.36 -25.10 29.93
N LEU A 353 25.59 -24.59 29.83
CA LEU A 353 26.76 -25.45 29.92
C LEU A 353 27.15 -25.69 31.38
N LEU A 354 27.55 -24.64 32.09
CA LEU A 354 27.93 -24.76 33.50
C LEU A 354 26.81 -24.22 34.39
N ASN A 355 26.14 -25.13 35.09
CA ASN A 355 25.01 -24.80 35.95
C ASN A 355 25.43 -24.04 37.20
N LYS A 356 26.48 -24.53 37.86
CA LYS A 356 27.10 -23.81 38.97
C LYS A 356 28.22 -22.91 38.44
N GLU A 357 28.07 -21.62 38.71
CA GLU A 357 28.92 -20.60 38.10
C GLU A 357 30.34 -20.55 38.66
N LEU A 358 31.29 -20.99 37.84
CA LEU A 358 32.71 -20.91 38.13
C LEU A 358 33.22 -19.48 37.86
N GLY A 359 34.25 -19.07 38.59
CA GLY A 359 34.74 -17.70 38.51
C GLY A 359 35.92 -17.46 37.58
N CYS A 360 36.03 -16.22 37.10
CA CYS A 360 37.12 -15.77 36.24
C CYS A 360 38.45 -15.73 36.99
N ILE A 361 39.45 -16.42 36.45
CA ILE A 361 40.78 -16.46 37.06
C ILE A 361 41.71 -15.41 36.46
N ASN A 362 42.20 -14.50 37.32
CA ASN A 362 43.15 -13.47 36.91
C ASN A 362 44.49 -14.08 36.51
N SER A 363 45.15 -13.46 35.52
CA SER A 363 46.46 -13.88 35.07
C SER A 363 47.08 -12.85 34.14
N PRO A 364 48.41 -12.70 34.19
CA PRO A 364 49.11 -11.82 33.25
C PRO A 364 49.33 -12.49 31.90
N LEU A 365 48.70 -11.96 30.86
CA LEU A 365 48.88 -12.48 29.50
C LEU A 365 48.80 -11.39 28.43
N GLN A 366 49.45 -11.67 27.30
CA GLN A 366 49.29 -10.87 26.09
C GLN A 366 48.03 -11.33 25.36
N ILE A 367 46.91 -10.67 25.66
CA ILE A 367 45.62 -11.00 25.04
C ILE A 367 45.57 -10.48 23.60
N ASP A 368 45.59 -11.41 22.65
CA ASP A 368 45.56 -11.07 21.23
C ASP A 368 44.31 -11.61 20.55
N ASP A 369 44.16 -11.27 19.27
CA ASP A 369 43.13 -11.87 18.44
C ASP A 369 43.54 -13.29 18.07
N ASP A 370 44.81 -13.63 18.33
CA ASP A 370 45.37 -14.96 18.05
C ASP A 370 45.16 -15.94 19.20
N PHE A 371 44.63 -15.45 20.31
CA PHE A 371 44.38 -16.25 21.51
C PHE A 371 43.40 -17.39 21.24
N CYS A 372 43.82 -18.62 21.53
CA CYS A 372 43.02 -19.82 21.25
C CYS A 372 42.52 -20.58 22.50
N GLY A 373 42.38 -19.86 23.61
CA GLY A 373 41.84 -20.44 24.85
C GLY A 373 42.86 -21.18 25.70
N GLN A 374 42.61 -21.22 27.02
CA GLN A 374 43.47 -21.95 27.96
C GLN A 374 42.68 -22.78 28.99
N ASP A 375 43.42 -23.59 29.75
CA ASP A 375 42.85 -24.61 30.65
C ASP A 375 41.86 -24.07 31.68
N PHE A 376 42.22 -22.99 32.35
CA PHE A 376 41.33 -22.37 33.34
C PHE A 376 40.69 -21.09 32.80
N ASN A 377 39.55 -20.73 33.40
CA ASN A 377 38.52 -19.87 32.78
C ASN A 377 38.08 -20.27 31.37
N GLN A 378 38.44 -21.50 31.00
CA GLN A 378 37.65 -22.46 30.20
C GLN A 378 36.67 -21.89 29.15
N PRO A 379 35.73 -22.72 28.65
CA PRO A 379 34.53 -22.28 27.96
C PRO A 379 33.72 -21.23 28.72
N LEU A 380 33.52 -20.07 28.08
CA LEU A 380 32.90 -18.90 28.73
C LEU A 380 31.84 -18.21 27.87
N GLY A 381 30.92 -17.51 28.52
CA GLY A 381 29.81 -16.86 27.84
C GLY A 381 30.01 -15.39 27.49
N GLY A 382 28.92 -14.63 27.56
CA GLY A 382 28.94 -13.20 27.24
C GLY A 382 27.82 -12.45 27.94
N THR A 383 28.15 -11.26 28.44
CA THR A 383 27.21 -10.43 29.20
C THR A 383 26.59 -9.31 28.33
N VAL A 384 27.46 -8.51 27.72
CA VAL A 384 27.05 -7.42 26.83
C VAL A 384 26.62 -7.98 25.48
N THR A 385 25.31 -7.92 25.22
CA THR A 385 24.74 -8.38 23.94
C THR A 385 25.23 -7.48 22.80
N ILE A 386 25.72 -8.08 21.72
CA ILE A 386 26.30 -7.30 20.62
C ILE A 386 25.25 -6.75 19.66
N GLU A 387 25.21 -5.42 19.56
CA GLU A 387 24.22 -4.70 18.78
C GLU A 387 24.71 -4.50 17.35
N GLY A 388 23.80 -4.66 16.39
CA GLY A 388 24.11 -4.50 14.97
C GLY A 388 23.52 -3.25 14.34
N THR A 389 24.18 -2.78 13.27
CA THR A 389 23.75 -1.61 12.51
C THR A 389 22.59 -1.97 11.57
N PRO A 390 21.37 -1.43 11.80
CA PRO A 390 20.19 -1.76 10.99
C PRO A 390 20.28 -1.16 9.58
N LEU A 391 19.60 -1.77 8.61
CA LEU A 391 19.71 -1.31 7.23
C LEU A 391 18.37 -1.12 6.55
N PHE A 392 17.50 -2.11 6.66
CA PHE A 392 16.21 -2.11 5.97
C PHE A 392 15.26 -2.94 6.82
N VAL A 393 14.02 -2.48 6.97
CA VAL A 393 13.06 -3.20 7.80
C VAL A 393 11.74 -3.43 7.08
N ASP A 394 11.37 -4.71 6.93
CA ASP A 394 10.10 -5.06 6.33
C ASP A 394 9.09 -5.33 7.41
N LYS A 395 7.88 -4.83 7.23
CA LYS A 395 6.86 -4.91 8.25
C LYS A 395 5.63 -5.70 7.80
N GLU A 396 5.42 -5.76 6.49
CA GLU A 396 4.27 -6.47 5.96
C GLU A 396 4.63 -7.82 5.35
N ASP A 397 5.91 -8.01 5.03
CA ASP A 397 6.38 -9.23 4.38
C ASP A 397 7.76 -9.63 4.88
N GLY A 398 7.80 -10.65 5.74
CA GLY A 398 9.02 -11.06 6.41
C GLY A 398 10.19 -11.49 5.54
N LEU A 399 11.35 -10.88 5.77
CA LEU A 399 12.62 -11.32 5.19
C LEU A 399 12.88 -12.75 5.63
N THR A 400 13.52 -13.53 4.76
CA THR A 400 13.83 -14.93 5.05
C THR A 400 15.30 -15.28 4.86
N ALA A 401 15.94 -14.62 3.89
CA ALA A 401 17.26 -15.01 3.45
C ALA A 401 18.06 -13.80 3.02
N VAL A 402 19.36 -13.98 2.88
CA VAL A 402 20.23 -12.90 2.47
C VAL A 402 21.49 -13.39 1.78
N ALA A 403 21.98 -12.56 0.86
CA ALA A 403 23.34 -12.66 0.31
C ALA A 403 23.81 -11.25 -0.04
N ALA A 404 25.06 -11.13 -0.44
CA ALA A 404 25.62 -9.84 -0.81
C ALA A 404 26.82 -10.03 -1.71
N TYR A 405 27.23 -8.96 -2.38
CA TYR A 405 28.46 -9.01 -3.16
C TYR A 405 29.06 -7.66 -3.55
N ASP A 406 30.34 -7.70 -3.87
CA ASP A 406 31.08 -6.56 -4.33
C ASP A 406 30.85 -6.39 -5.84
N TYR A 407 30.30 -5.24 -6.25
CA TYR A 407 30.31 -4.86 -7.66
C TYR A 407 30.88 -3.48 -7.87
N GLN A 408 31.99 -3.43 -8.61
CA GLN A 408 32.70 -2.18 -8.90
C GLN A 408 32.66 -1.22 -7.70
N GLY A 409 32.95 -1.77 -6.52
CA GLY A 409 32.94 -1.01 -5.27
C GLY A 409 31.62 -1.04 -4.50
N ARG A 410 30.52 -0.77 -5.20
CA ARG A 410 29.21 -0.64 -4.56
C ARG A 410 28.69 -1.99 -4.08
N THR A 411 28.12 -1.98 -2.88
CA THR A 411 27.78 -3.21 -2.17
C THR A 411 26.31 -3.62 -2.31
N VAL A 412 26.07 -4.68 -3.07
CA VAL A 412 24.70 -5.07 -3.39
C VAL A 412 24.24 -6.16 -2.45
N VAL A 413 23.04 -6.02 -1.95
CA VAL A 413 22.51 -6.95 -0.97
C VAL A 413 21.27 -7.63 -1.53
N PHE A 414 21.15 -8.93 -1.29
CA PHE A 414 20.00 -9.69 -1.77
C PHE A 414 19.19 -10.20 -0.59
N ALA A 415 17.87 -10.10 -0.70
CA ALA A 415 16.99 -10.40 0.43
C ALA A 415 15.72 -11.15 0.04
N GLY A 416 15.65 -12.41 0.43
CA GLY A 416 14.46 -13.22 0.23
C GLY A 416 13.31 -12.78 1.11
N THR A 417 12.08 -13.03 0.65
CA THR A 417 10.89 -12.66 1.38
C THR A 417 9.99 -13.87 1.52
N ARG A 418 9.12 -13.84 2.53
CA ARG A 418 8.08 -14.84 2.72
C ARG A 418 7.17 -15.02 1.50
N SER A 419 7.12 -13.99 0.64
CA SER A 419 6.25 -13.98 -0.54
C SER A 419 6.83 -14.76 -1.73
N GLY A 420 8.15 -14.88 -1.75
CA GLY A 420 8.85 -15.47 -2.89
C GLY A 420 9.43 -14.37 -3.75
N ARG A 421 9.89 -13.32 -3.09
CA ARG A 421 10.43 -12.15 -3.77
C ARG A 421 11.85 -11.83 -3.29
N ILE A 422 12.65 -11.26 -4.17
CA ILE A 422 14.03 -10.89 -3.88
C ILE A 422 14.22 -9.39 -4.00
N ARG A 423 14.82 -8.79 -2.98
CA ARG A 423 15.13 -7.36 -3.01
C ARG A 423 16.60 -7.12 -3.34
N LYS A 424 16.87 -6.07 -4.12
CA LYS A 424 18.24 -5.75 -4.56
C LYS A 424 18.70 -4.41 -4.00
N ILE A 425 19.28 -4.47 -2.80
CA ILE A 425 19.60 -3.29 -2.00
C ILE A 425 21.05 -2.80 -2.11
N LEU A 426 21.21 -1.55 -2.52
CA LEU A 426 22.46 -0.84 -2.31
C LEU A 426 22.52 -0.34 -0.87
N VAL A 427 23.50 -0.80 -0.11
CA VAL A 427 23.71 -0.27 1.23
C VAL A 427 24.53 1.03 1.15
N ASP A 428 23.89 2.13 1.56
CA ASP A 428 24.43 3.46 1.34
C ASP A 428 24.54 4.30 2.62
N LEU A 429 24.78 3.65 3.76
CA LEU A 429 25.04 4.41 4.97
C LEU A 429 26.46 4.98 4.90
N ALA A 430 27.39 4.14 4.48
CA ALA A 430 28.77 4.57 4.21
C ALA A 430 28.86 5.31 2.88
N ASN A 431 27.89 5.06 2.02
CA ASN A 431 27.69 5.82 0.79
C ASN A 431 26.97 7.15 1.11
N PRO A 432 27.10 8.18 0.25
CA PRO A 432 26.49 9.52 0.41
C PRO A 432 25.05 9.63 0.95
N SER A 433 24.15 8.73 0.55
CA SER A 433 22.70 8.84 0.85
C SER A 433 22.33 8.86 2.35
N GLY A 434 21.09 9.23 2.63
CA GLY A 434 20.56 9.29 4.01
C GLY A 434 20.52 7.97 4.77
N ARG A 435 20.03 6.92 4.11
CA ARG A 435 20.04 5.55 4.65
C ARG A 435 20.01 4.58 3.46
N PRO A 436 20.46 3.32 3.64
CA PRO A 436 20.49 2.30 2.57
C PRO A 436 19.14 2.04 1.87
N ALA A 437 19.10 2.22 0.55
CA ALA A 437 17.85 2.24 -0.22
C ALA A 437 17.66 1.03 -1.10
N LEU A 438 16.44 0.49 -1.08
CA LEU A 438 16.01 -0.56 -2.00
C LEU A 438 16.11 -0.06 -3.42
N ALA A 439 16.59 -0.89 -4.34
CA ALA A 439 16.69 -0.47 -5.73
C ALA A 439 15.60 -1.10 -6.58
N TYR A 440 15.27 -2.34 -6.29
CA TYR A 440 14.47 -3.16 -7.19
C TYR A 440 13.92 -4.35 -6.41
N GLU A 441 12.79 -4.89 -6.86
CA GLU A 441 12.24 -6.10 -6.28
C GLU A 441 11.93 -7.07 -7.41
N SER A 442 12.03 -8.37 -7.13
CA SER A 442 11.77 -9.37 -8.18
C SER A 442 11.01 -10.60 -7.71
N VAL A 443 10.40 -11.29 -8.67
CA VAL A 443 9.46 -12.38 -8.38
C VAL A 443 9.99 -13.77 -8.76
N VAL A 444 9.74 -14.74 -7.88
CA VAL A 444 10.25 -16.09 -8.04
C VAL A 444 9.11 -17.11 -7.99
N ALA A 445 8.56 -17.33 -6.79
CA ALA A 445 7.37 -18.12 -6.58
C ALA A 445 6.31 -17.19 -6.01
N GLN A 446 5.63 -16.50 -6.93
CA GLN A 446 4.74 -15.37 -6.60
C GLN A 446 3.61 -15.74 -5.65
N GLU A 447 3.10 -16.96 -5.79
CA GLU A 447 1.97 -17.48 -5.02
C GLU A 447 2.17 -17.43 -3.50
N GLY A 448 3.42 -17.27 -3.07
CA GLY A 448 3.74 -17.11 -1.65
C GLY A 448 4.59 -18.21 -1.07
N ASN A 449 5.40 -18.85 -1.91
CA ASN A 449 6.39 -19.80 -1.43
C ASN A 449 7.61 -19.05 -0.94
N PRO A 450 7.97 -19.22 0.34
CA PRO A 450 9.05 -18.41 0.91
C PRO A 450 10.39 -18.81 0.32
N ILE A 451 11.32 -17.87 0.30
CA ILE A 451 12.68 -18.15 -0.11
C ILE A 451 13.45 -18.73 1.07
N LEU A 452 14.35 -19.65 0.80
CA LEU A 452 15.15 -20.31 1.83
C LEU A 452 16.56 -19.74 1.93
N ARG A 453 17.13 -19.84 3.13
CA ARG A 453 18.43 -19.24 3.47
C ARG A 453 19.56 -19.53 2.47
N ASP A 454 19.59 -20.77 1.99
CA ASP A 454 20.55 -21.18 0.98
C ASP A 454 20.22 -20.43 -0.30
N LEU A 455 20.95 -19.33 -0.50
CA LEU A 455 20.74 -18.45 -1.63
C LEU A 455 22.13 -18.06 -2.08
N VAL A 456 22.59 -18.66 -3.17
CA VAL A 456 23.99 -18.52 -3.58
C VAL A 456 24.13 -17.83 -4.92
N LEU A 457 25.08 -16.90 -4.99
CA LEU A 457 25.48 -16.33 -6.26
C LEU A 457 26.27 -17.37 -7.03
N SER A 458 26.17 -17.31 -8.34
CA SER A 458 26.97 -18.14 -9.23
C SER A 458 28.46 -17.81 -9.10
N PRO A 459 29.32 -18.62 -9.73
CA PRO A 459 30.75 -18.38 -9.70
C PRO A 459 31.16 -17.15 -10.49
N ASN A 460 30.58 -17.00 -11.68
CA ASN A 460 30.80 -15.82 -12.51
C ASN A 460 30.11 -14.58 -11.94
N ARG A 461 29.23 -14.82 -10.96
CA ARG A 461 28.46 -13.78 -10.25
C ARG A 461 27.53 -12.97 -11.18
N GLN A 462 26.98 -13.68 -12.16
CA GLN A 462 26.06 -13.12 -13.13
C GLN A 462 24.61 -13.38 -12.72
N TYR A 463 24.39 -14.47 -12.01
CA TYR A 463 23.04 -14.86 -11.59
C TYR A 463 23.01 -15.10 -10.09
N LEU A 464 21.82 -15.36 -9.55
CA LEU A 464 21.65 -15.70 -8.13
C LEU A 464 20.58 -16.77 -8.02
N TYR A 465 20.98 -17.97 -7.68
CA TYR A 465 20.04 -19.08 -7.59
C TYR A 465 19.20 -18.92 -6.32
N ALA A 466 17.89 -18.81 -6.51
CA ALA A 466 16.95 -18.56 -5.40
C ALA A 466 16.03 -19.74 -5.16
N MET A 467 16.16 -20.33 -4.00
CA MET A 467 15.47 -21.58 -3.71
C MET A 467 14.22 -21.38 -2.89
N THR A 468 13.18 -22.14 -3.25
CA THR A 468 11.95 -22.18 -2.50
C THR A 468 11.71 -23.58 -1.98
N GLU A 469 10.63 -23.72 -1.22
CA GLU A 469 10.10 -25.01 -0.84
C GLU A 469 10.00 -25.93 -2.06
N LYS A 470 9.62 -25.36 -3.20
CA LYS A 470 9.20 -26.16 -4.33
C LYS A 470 9.88 -25.86 -5.67
N GLN A 471 10.78 -24.87 -5.71
CA GLN A 471 11.51 -24.54 -6.95
C GLN A 471 12.77 -23.72 -6.76
N VAL A 472 13.74 -24.01 -7.61
CA VAL A 472 14.97 -23.24 -7.72
C VAL A 472 14.77 -22.26 -8.86
N THR A 473 15.31 -21.06 -8.72
CA THR A 473 15.10 -20.01 -9.69
C THR A 473 16.34 -19.16 -9.95
N GLN A 474 16.81 -19.20 -11.19
CA GLN A 474 17.96 -18.44 -11.62
C GLN A 474 17.60 -16.97 -11.85
N VAL A 475 17.77 -16.15 -10.82
CA VAL A 475 17.50 -14.72 -10.91
C VAL A 475 18.77 -13.94 -11.22
N PRO A 476 18.81 -13.23 -12.36
CA PRO A 476 20.03 -12.50 -12.73
C PRO A 476 20.26 -11.34 -11.79
N VAL A 477 21.50 -11.20 -11.33
CA VAL A 477 21.89 -10.04 -10.55
C VAL A 477 21.59 -8.76 -11.36
N GLU A 478 22.01 -8.77 -12.63
CA GLU A 478 21.82 -7.64 -13.52
C GLU A 478 20.80 -7.98 -14.59
N SER A 479 19.80 -7.12 -14.71
CA SER A 479 18.79 -7.23 -15.76
C SER A 479 18.36 -5.82 -16.13
N CYS A 480 19.34 -5.02 -16.53
CA CYS A 480 19.11 -3.61 -16.84
C CYS A 480 18.29 -3.38 -18.12
N VAL A 481 18.11 -4.42 -18.92
CA VAL A 481 17.45 -4.30 -20.21
C VAL A 481 15.95 -4.03 -20.07
N GLN A 482 15.42 -4.21 -18.86
CA GLN A 482 14.06 -3.80 -18.54
C GLN A 482 13.90 -2.27 -18.58
N TYR A 483 15.02 -1.56 -18.64
CA TYR A 483 15.02 -0.11 -18.67
C TYR A 483 15.07 0.42 -20.10
N THR A 484 14.06 1.21 -20.45
CA THR A 484 13.79 1.60 -21.83
C THR A 484 14.44 2.93 -22.22
N SER A 485 14.73 3.76 -21.23
CA SER A 485 15.19 5.11 -21.48
C SER A 485 16.37 5.47 -20.61
N CYS A 486 17.31 6.22 -21.18
CA CYS A 486 18.44 6.75 -20.42
C CYS A 486 17.99 7.32 -19.08
N GLU A 487 16.86 8.01 -19.10
CA GLU A 487 16.32 8.68 -17.91
C GLU A 487 15.83 7.73 -16.82
N LEU A 488 15.34 6.55 -17.23
CA LEU A 488 14.90 5.53 -16.28
C LEU A 488 16.04 4.58 -15.91
N CYS A 489 16.86 4.25 -16.90
CA CYS A 489 18.05 3.40 -16.72
C CYS A 489 18.85 3.90 -15.51
N LEU A 490 19.46 5.07 -15.65
CA LEU A 490 20.28 5.66 -14.59
C LEU A 490 19.44 6.19 -13.42
N GLY A 491 18.12 6.03 -13.53
CA GLY A 491 17.21 6.48 -12.49
C GLY A 491 16.94 5.40 -11.45
N SER A 492 17.08 4.14 -11.86
CA SER A 492 16.87 3.00 -10.96
C SER A 492 17.97 2.92 -9.90
N ARG A 493 19.18 3.30 -10.31
CA ARG A 493 20.37 3.37 -9.45
C ARG A 493 21.09 2.06 -9.16
N ASP A 494 20.41 0.92 -9.33
CA ASP A 494 21.04 -0.40 -9.06
C ASP A 494 22.25 -0.53 -10.00
N PRO A 495 23.45 -0.50 -9.40
CA PRO A 495 24.69 0.07 -9.93
C PRO A 495 25.27 -0.60 -11.17
N HIS A 496 24.71 -1.74 -11.56
CA HIS A 496 25.19 -2.46 -12.75
C HIS A 496 24.79 -1.77 -14.06
N CYS A 497 23.80 -0.88 -13.98
CA CYS A 497 23.15 -0.33 -15.16
C CYS A 497 23.73 0.98 -15.64
N GLY A 498 24.04 1.01 -16.94
CA GLY A 498 24.44 2.22 -17.66
C GLY A 498 23.73 2.29 -19.00
N TRP A 499 23.65 3.49 -19.57
CA TRP A 499 23.03 3.69 -20.88
C TRP A 499 24.10 3.61 -21.96
N CYS A 500 24.03 2.56 -22.76
CA CYS A 500 24.93 2.41 -23.90
C CYS A 500 24.37 3.24 -25.05
N VAL A 501 24.80 4.50 -25.08
CA VAL A 501 24.18 5.55 -25.89
C VAL A 501 23.82 5.13 -27.30
N LEU A 502 24.80 4.67 -28.06
CA LEU A 502 24.58 4.39 -29.49
C LEU A 502 23.75 3.15 -29.78
N HIS A 503 23.62 2.25 -28.80
CA HIS A 503 22.76 1.08 -28.95
C HIS A 503 21.38 1.34 -28.33
N SER A 504 21.25 2.48 -27.66
CA SER A 504 20.03 2.85 -26.97
C SER A 504 19.47 1.72 -26.10
N ILE A 505 20.36 1.10 -25.33
CA ILE A 505 19.96 0.06 -24.36
C ILE A 505 20.65 0.28 -23.01
N CYS A 506 20.07 -0.34 -21.98
CA CYS A 506 20.57 -0.23 -20.62
C CYS A 506 21.18 -1.57 -20.22
N SER A 507 22.48 -1.56 -19.88
CA SER A 507 23.22 -2.75 -19.43
C SER A 507 24.58 -2.39 -18.81
N ARG A 508 25.34 -3.41 -18.40
CA ARG A 508 26.62 -3.22 -17.72
C ARG A 508 27.75 -2.75 -18.65
N GLN A 509 28.85 -2.30 -18.06
CA GLN A 509 30.01 -1.78 -18.82
C GLN A 509 30.60 -2.81 -19.79
N ASP A 510 30.76 -4.04 -19.32
CA ASP A 510 31.35 -5.12 -20.13
C ASP A 510 30.43 -5.59 -21.26
N ALA A 511 29.17 -5.16 -21.23
CA ALA A 511 28.19 -5.56 -22.25
C ALA A 511 28.01 -4.50 -23.33
N CYS A 512 28.37 -3.26 -23.04
CA CYS A 512 28.32 -2.19 -24.04
C CYS A 512 29.61 -2.12 -24.84
N GLU A 513 29.52 -2.51 -26.11
CA GLU A 513 30.63 -2.45 -27.04
C GLU A 513 31.20 -1.03 -27.08
N ARG A 514 32.53 -0.94 -27.05
CA ARG A 514 33.24 0.34 -27.20
C ARG A 514 32.95 1.35 -26.09
N ALA A 515 32.42 0.86 -24.96
CA ALA A 515 32.03 1.72 -23.84
C ALA A 515 33.17 2.58 -23.31
N GLU A 516 34.39 2.05 -23.40
CA GLU A 516 35.60 2.72 -22.90
C GLU A 516 35.88 4.06 -23.57
N GLU A 517 35.32 4.24 -24.77
CA GLU A 517 35.53 5.44 -25.57
C GLU A 517 34.74 6.64 -25.02
N PRO A 518 35.03 7.86 -25.53
CA PRO A 518 34.36 9.07 -25.02
C PRO A 518 32.87 9.12 -25.31
N GLN A 519 32.09 9.36 -24.25
CA GLN A 519 30.65 9.65 -24.31
C GLN A 519 29.76 8.50 -24.84
N ARG A 520 30.34 7.33 -25.03
CA ARG A 520 29.66 6.17 -25.63
C ARG A 520 28.78 5.43 -24.62
N PHE A 521 29.06 5.66 -23.35
CA PHE A 521 28.38 4.99 -22.25
C PHE A 521 28.10 6.05 -21.18
N ALA A 522 26.87 6.06 -20.66
CA ALA A 522 26.45 7.05 -19.67
C ALA A 522 26.16 6.40 -18.33
N SER A 523 26.65 7.01 -17.25
CA SER A 523 26.55 6.43 -15.91
C SER A 523 25.84 7.33 -14.90
N ASP A 524 25.89 8.64 -15.12
CA ASP A 524 25.10 9.58 -14.32
C ASP A 524 24.08 10.26 -15.22
N LEU A 525 22.86 10.44 -14.70
CA LEU A 525 21.74 11.00 -15.46
C LEU A 525 22.11 12.24 -16.29
N LEU A 526 23.13 12.98 -15.83
CA LEU A 526 23.59 14.18 -16.54
C LEU A 526 24.29 13.86 -17.84
N GLN A 527 24.68 12.61 -18.02
CA GLN A 527 25.34 12.19 -19.26
C GLN A 527 24.33 11.83 -20.33
N CYS A 528 23.06 11.78 -19.94
CA CYS A 528 21.96 11.41 -20.84
C CYS A 528 21.89 12.26 -22.10
N VAL A 529 21.31 11.68 -23.15
CA VAL A 529 21.21 12.36 -24.43
C VAL A 529 20.18 13.47 -24.35
N GLN A 530 20.62 14.69 -24.66
CA GLN A 530 19.74 15.87 -24.72
C GLN A 530 19.75 16.42 -26.15
N LEU A 531 18.56 16.56 -26.73
CA LEU A 531 18.43 16.97 -28.13
C LEU A 531 17.45 18.14 -28.30
N THR A 532 17.74 19.02 -29.26
CA THR A 532 16.85 20.14 -29.63
C THR A 532 16.85 20.40 -31.14
N VAL A 533 15.69 20.77 -31.66
CA VAL A 533 15.53 21.15 -33.07
C VAL A 533 15.18 22.64 -33.16
N GLN A 534 15.82 23.34 -34.09
CA GLN A 534 15.58 24.79 -34.26
C GLN A 534 14.17 25.08 -34.78
N PRO A 535 13.80 24.55 -35.96
CA PRO A 535 12.41 24.72 -36.38
C PRO A 535 11.50 23.62 -35.81
N ARG A 536 11.15 23.77 -34.53
CA ARG A 536 10.35 22.77 -33.79
C ARG A 536 9.00 22.53 -34.46
N ASN A 537 8.43 23.60 -35.00
CA ASN A 537 7.11 23.58 -35.61
C ASN A 537 7.20 23.81 -37.11
N VAL A 538 6.73 22.82 -37.87
CA VAL A 538 6.71 22.92 -39.33
C VAL A 538 5.33 22.57 -39.87
N SER A 539 4.84 23.37 -40.81
CA SER A 539 3.51 23.24 -41.39
C SER A 539 3.42 22.05 -42.34
N VAL A 540 2.23 21.44 -42.40
CA VAL A 540 1.98 20.33 -43.30
C VAL A 540 2.28 20.70 -44.77
N THR A 541 1.94 21.94 -45.12
CA THR A 541 2.05 22.43 -46.49
C THR A 541 3.50 22.65 -46.96
N MET A 542 4.41 22.91 -46.02
CA MET A 542 5.82 23.07 -46.33
C MET A 542 6.40 21.72 -46.77
N SER A 543 7.55 21.77 -47.45
CA SER A 543 8.28 20.55 -47.84
C SER A 543 9.80 20.74 -47.89
N GLN A 544 10.51 19.70 -47.48
CA GLN A 544 11.98 19.68 -47.41
C GLN A 544 12.58 20.91 -46.71
N VAL A 545 12.06 21.22 -45.53
CA VAL A 545 12.54 22.37 -44.76
C VAL A 545 13.88 22.06 -44.12
N PRO A 546 14.83 23.01 -44.15
CA PRO A 546 16.10 22.84 -43.44
C PRO A 546 15.94 23.03 -41.92
N LEU A 547 16.38 22.02 -41.18
CA LEU A 547 16.33 22.02 -39.71
C LEU A 547 17.75 21.87 -39.14
N VAL A 548 18.04 22.58 -38.06
CA VAL A 548 19.32 22.41 -37.36
C VAL A 548 19.14 21.70 -36.01
N LEU A 549 20.02 20.73 -35.74
CA LEU A 549 19.94 19.89 -34.55
C LEU A 549 21.12 20.09 -33.61
N GLN A 550 20.83 20.50 -32.37
CA GLN A 550 21.85 20.57 -31.33
C GLN A 550 21.71 19.40 -30.38
N ALA A 551 22.79 18.64 -30.25
CA ALA A 551 22.82 17.50 -29.34
C ALA A 551 24.10 17.54 -28.49
N TRP A 552 23.96 17.25 -27.21
CA TRP A 552 25.09 17.24 -26.28
C TRP A 552 25.19 15.87 -25.59
N ASN A 553 26.38 15.55 -25.09
CA ASN A 553 26.65 14.26 -24.43
C ASN A 553 26.49 13.09 -25.39
N VAL A 554 27.06 13.26 -26.59
CA VAL A 554 26.99 12.25 -27.65
C VAL A 554 28.41 12.02 -28.20
N PRO A 555 28.78 10.74 -28.44
CA PRO A 555 30.09 10.39 -29.03
C PRO A 555 30.27 10.91 -30.45
N ASP A 556 31.48 10.77 -31.00
CA ASP A 556 31.78 11.21 -32.37
C ASP A 556 30.95 10.43 -33.39
N LEU A 557 30.08 11.18 -34.08
CA LEU A 557 29.15 10.59 -35.03
C LEU A 557 29.64 10.72 -36.47
N SER A 558 30.94 10.97 -36.65
CA SER A 558 31.55 11.07 -37.98
C SER A 558 31.37 9.76 -38.77
N ALA A 559 30.81 8.76 -38.09
CA ALA A 559 30.40 7.50 -38.70
C ALA A 559 29.23 7.72 -39.64
N GLY A 560 28.39 8.70 -39.31
CA GLY A 560 27.22 9.05 -40.11
C GLY A 560 25.94 9.02 -39.29
N VAL A 561 24.98 9.86 -39.66
CA VAL A 561 23.69 9.92 -38.99
C VAL A 561 22.53 10.17 -39.94
N ASN A 562 21.40 9.51 -39.68
CA ASN A 562 20.15 9.77 -40.36
C ASN A 562 19.09 10.31 -39.38
N CYS A 563 18.18 11.15 -39.90
CA CYS A 563 17.04 11.65 -39.13
C CYS A 563 15.81 10.84 -39.52
N SER A 564 15.17 10.22 -38.52
CA SER A 564 13.91 9.52 -38.75
C SER A 564 12.81 10.10 -37.85
N PHE A 565 11.79 10.67 -38.49
CA PHE A 565 10.72 11.38 -37.79
C PHE A 565 9.86 10.45 -36.96
N GLU A 566 9.68 9.24 -37.49
CA GLU A 566 9.30 8.09 -36.71
C GLU A 566 9.58 6.95 -37.67
N ASP A 567 8.90 5.82 -37.52
CA ASP A 567 9.11 4.70 -38.44
C ASP A 567 8.37 4.94 -39.79
N PHE A 568 8.22 6.21 -40.15
CA PHE A 568 7.56 6.62 -41.39
C PHE A 568 8.54 7.03 -42.48
N THR A 569 9.50 7.88 -42.14
CA THR A 569 10.47 8.42 -43.10
C THR A 569 11.89 8.44 -42.54
N GLU A 570 12.86 8.77 -43.39
CA GLU A 570 14.26 8.85 -43.00
C GLU A 570 15.04 9.73 -43.98
N THR A 571 15.57 10.85 -43.50
CA THR A 571 16.35 11.76 -44.36
C THR A 571 17.83 11.85 -43.94
N GLU A 572 18.71 11.86 -44.95
CA GLU A 572 20.15 11.95 -44.74
C GLU A 572 20.55 13.34 -44.22
N SER A 573 21.56 13.37 -43.35
CA SER A 573 22.04 14.62 -42.75
C SER A 573 23.55 14.77 -42.86
N ILE A 574 24.01 16.02 -42.89
CA ILE A 574 25.44 16.33 -42.94
C ILE A 574 25.83 17.12 -41.68
N LEU A 575 27.10 16.99 -41.29
CA LEU A 575 27.59 17.52 -40.03
C LEU A 575 28.49 18.73 -40.21
N GLU A 576 28.23 19.76 -39.41
CA GLU A 576 29.04 20.99 -39.39
C GLU A 576 29.02 21.58 -37.99
N ASP A 577 30.17 22.08 -37.53
CA ASP A 577 30.34 22.61 -36.17
C ASP A 577 29.92 21.57 -35.11
N GLY A 578 29.10 21.99 -34.15
CA GLY A 578 28.50 21.08 -33.19
C GLY A 578 27.01 20.91 -33.47
N ARG A 579 26.67 20.81 -34.75
CA ARG A 579 25.28 20.80 -35.20
C ARG A 579 25.04 19.81 -36.34
N ILE A 580 23.81 19.30 -36.42
CA ILE A 580 23.41 18.37 -37.49
C ILE A 580 22.34 19.02 -38.36
N HIS A 581 22.53 18.94 -39.68
CA HIS A 581 21.61 19.56 -40.63
C HIS A 581 20.90 18.51 -41.48
N CYS A 582 19.60 18.38 -41.29
CA CYS A 582 18.77 17.53 -42.15
C CYS A 582 17.46 18.22 -42.57
N HIS A 583 16.75 17.60 -43.50
CA HIS A 583 15.55 18.19 -44.09
C HIS A 583 14.24 17.54 -43.63
N SER A 584 13.16 18.31 -43.63
CA SER A 584 11.79 17.82 -43.40
C SER A 584 11.38 16.87 -44.55
N PRO A 585 10.34 16.04 -44.33
CA PRO A 585 9.87 15.21 -45.43
C PRO A 585 9.09 16.01 -46.47
N SER A 586 8.79 15.36 -47.60
CA SER A 586 8.00 15.98 -48.67
C SER A 586 6.52 16.03 -48.29
N ALA A 587 5.79 16.95 -48.90
CA ALA A 587 4.35 17.02 -48.71
C ALA A 587 3.70 15.68 -48.99
N ARG A 588 4.24 14.98 -50.00
CA ARG A 588 3.78 13.63 -50.38
C ARG A 588 3.91 12.63 -49.23
N GLU A 589 4.85 12.89 -48.32
CA GLU A 589 5.14 11.99 -47.21
C GLU A 589 4.53 12.47 -45.89
N VAL A 590 4.51 13.79 -45.68
CA VAL A 590 4.04 14.41 -44.44
C VAL A 590 2.56 14.12 -44.14
N ALA A 591 1.70 14.25 -45.16
CA ALA A 591 0.26 14.11 -45.00
C ALA A 591 -0.23 12.70 -44.62
N PRO A 592 0.39 11.64 -45.20
CA PRO A 592 0.08 10.28 -44.75
C PRO A 592 0.10 10.12 -43.22
N ILE A 593 0.92 10.91 -42.55
CA ILE A 593 0.97 10.90 -41.08
C ILE A 593 -0.22 11.69 -40.52
N THR A 594 -0.28 12.98 -40.88
CA THR A 594 -1.21 13.94 -40.27
C THR A 594 -2.70 13.65 -40.50
N GLN A 595 -2.99 12.82 -41.50
CA GLN A 595 -4.37 12.44 -41.84
C GLN A 595 -5.03 11.67 -40.70
N GLY A 596 -6.06 12.28 -40.11
CA GLY A 596 -6.79 11.69 -39.00
C GLY A 596 -6.62 12.46 -37.70
N GLN A 597 -5.38 12.85 -37.41
CA GLN A 597 -5.06 13.53 -36.14
C GLN A 597 -5.31 15.04 -36.16
N GLY A 598 -5.71 15.55 -37.32
CA GLY A 598 -6.32 16.88 -37.44
C GLY A 598 -5.50 18.10 -37.06
N ASP A 599 -5.87 18.72 -35.94
CA ASP A 599 -5.29 19.98 -35.47
C ASP A 599 -3.76 20.01 -35.56
N GLN A 600 -3.12 19.01 -34.96
CA GLN A 600 -1.67 18.84 -35.00
C GLN A 600 -1.24 17.43 -34.61
N ARG A 601 -0.04 17.06 -35.02
CA ARG A 601 0.56 15.80 -34.59
C ARG A 601 1.98 16.01 -34.07
N VAL A 602 2.13 15.81 -32.77
CA VAL A 602 3.43 15.81 -32.12
C VAL A 602 4.09 14.48 -32.47
N VAL A 603 5.31 14.54 -32.99
CA VAL A 603 6.00 13.34 -33.44
C VAL A 603 7.45 13.29 -32.94
N LYS A 604 7.87 12.11 -32.51
CA LYS A 604 9.18 11.93 -31.89
C LYS A 604 10.24 11.79 -32.97
N LEU A 605 10.89 12.90 -33.32
CA LEU A 605 11.96 12.86 -34.30
C LEU A 605 13.19 12.22 -33.68
N TYR A 606 13.62 11.09 -34.25
CA TYR A 606 14.81 10.41 -33.72
C TYR A 606 16.07 10.75 -34.50
N LEU A 607 17.19 10.26 -33.98
CA LEU A 607 18.43 10.19 -34.72
C LEU A 607 18.78 8.70 -34.83
N LYS A 608 18.98 8.25 -36.07
CA LYS A 608 19.44 6.89 -36.30
C LYS A 608 20.93 6.92 -36.66
N SER A 609 21.75 6.32 -35.80
CA SER A 609 23.19 6.28 -35.98
C SER A 609 23.58 5.28 -37.06
N LYS A 610 24.55 5.64 -37.89
CA LYS A 610 25.01 4.75 -38.95
C LYS A 610 25.79 3.56 -38.42
N GLU A 611 26.50 3.75 -37.31
CA GLU A 611 27.33 2.69 -36.73
C GLU A 611 26.48 1.57 -36.13
N THR A 612 25.45 1.94 -35.38
CA THR A 612 24.59 0.96 -34.72
C THR A 612 23.35 0.65 -35.55
N GLY A 613 22.72 1.69 -36.08
CA GLY A 613 21.47 1.53 -36.80
C GLY A 613 20.30 1.43 -35.83
N LYS A 614 20.46 2.08 -34.68
CA LYS A 614 19.38 2.17 -33.70
C LYS A 614 19.11 3.62 -33.30
N LYS A 615 17.82 3.98 -33.22
CA LYS A 615 17.40 5.32 -32.83
C LYS A 615 17.76 5.51 -31.38
N PHE A 616 18.37 6.64 -31.05
CA PHE A 616 18.79 6.88 -29.67
C PHE A 616 18.26 8.17 -29.05
N ALA A 617 18.42 9.28 -29.76
CA ALA A 617 18.03 10.62 -29.29
C ALA A 617 16.70 11.10 -29.88
N SER A 618 15.89 11.77 -29.06
CA SER A 618 14.57 12.20 -29.50
C SER A 618 14.25 13.65 -29.14
N VAL A 619 13.24 14.19 -29.83
CA VAL A 619 12.65 15.51 -29.57
C VAL A 619 11.17 15.54 -29.88
N ASP A 620 10.46 16.43 -29.21
CA ASP A 620 9.10 16.76 -29.58
C ASP A 620 9.12 17.62 -30.85
N PHE A 621 8.62 17.06 -31.95
CA PHE A 621 8.52 17.76 -33.23
C PHE A 621 7.06 17.87 -33.67
N VAL A 622 6.65 19.10 -34.01
CA VAL A 622 5.24 19.38 -34.27
C VAL A 622 4.92 19.57 -35.76
N PHE A 623 3.99 18.76 -36.23
CA PHE A 623 3.40 18.91 -37.55
C PHE A 623 2.03 19.57 -37.44
N TYR A 624 1.96 20.85 -37.76
CA TYR A 624 0.71 21.59 -37.70
C TYR A 624 0.02 21.74 -39.06
N ASN A 625 -1.29 21.56 -39.02
CA ASN A 625 -2.19 21.66 -40.16
C ASN A 625 -3.22 22.73 -39.81
N CYS A 626 -3.12 23.88 -40.49
CA CYS A 626 -4.00 25.01 -40.22
C CYS A 626 -5.45 24.72 -40.59
N SER A 627 -5.63 24.02 -41.70
CA SER A 627 -6.92 23.87 -42.35
C SER A 627 -8.06 23.38 -41.47
N VAL A 628 -7.74 22.53 -40.50
CA VAL A 628 -8.78 21.90 -39.67
C VAL A 628 -9.41 22.87 -38.66
N HIS A 629 -8.82 24.04 -38.50
CA HIS A 629 -9.46 25.12 -37.73
C HIS A 629 -10.69 25.62 -38.50
N GLN A 630 -11.85 25.62 -37.84
CA GLN A 630 -13.11 26.02 -38.48
C GLN A 630 -13.71 27.29 -37.90
N SER A 631 -12.85 28.23 -37.50
CA SER A 631 -13.24 29.56 -37.03
C SER A 631 -12.01 30.46 -36.94
N CYS A 632 -12.21 31.76 -37.12
CA CYS A 632 -11.12 32.75 -37.08
C CYS A 632 -10.33 32.68 -35.78
N LEU A 633 -11.04 32.58 -34.66
CA LEU A 633 -10.41 32.56 -33.34
C LEU A 633 -9.46 31.41 -33.17
N ALA A 634 -9.90 30.19 -33.46
CA ALA A 634 -9.04 29.02 -33.40
C ALA A 634 -7.81 29.19 -34.32
N CYS A 635 -8.04 29.77 -35.49
CA CYS A 635 -7.03 29.92 -36.53
C CYS A 635 -5.89 30.86 -36.14
N VAL A 636 -6.22 32.10 -35.77
CA VAL A 636 -5.20 33.09 -35.45
C VAL A 636 -4.84 33.11 -33.95
N ASN A 637 -5.84 33.24 -33.10
CA ASN A 637 -5.65 33.33 -31.65
C ASN A 637 -5.37 31.97 -31.02
N GLY A 638 -5.03 31.00 -31.86
CA GLY A 638 -4.54 29.72 -31.39
C GLY A 638 -3.08 29.84 -30.97
N SER A 639 -2.34 28.74 -31.14
CA SER A 639 -0.95 28.69 -30.71
C SER A 639 0.03 28.75 -31.87
N PHE A 640 -0.48 28.71 -33.09
CA PHE A 640 0.37 28.55 -34.26
C PHE A 640 0.35 29.71 -35.24
N PRO A 641 1.28 29.72 -36.21
CA PRO A 641 1.16 30.66 -37.33
C PRO A 641 0.13 30.15 -38.33
N CYS A 642 -1.09 30.66 -38.23
CA CYS A 642 -2.15 30.34 -39.20
C CYS A 642 -2.88 31.62 -39.63
N HIS A 643 -3.27 31.67 -40.90
CA HIS A 643 -3.97 32.83 -41.45
C HIS A 643 -5.42 32.50 -41.77
N TRP A 644 -6.31 33.45 -41.46
CA TRP A 644 -7.74 33.28 -41.69
C TRP A 644 -8.23 34.12 -42.86
N CYS A 645 -9.03 33.49 -43.72
CA CYS A 645 -9.57 34.17 -44.88
C CYS A 645 -11.01 34.58 -44.63
N LYS A 646 -11.20 35.86 -44.30
CA LYS A 646 -12.53 36.44 -44.04
C LYS A 646 -13.57 35.90 -45.00
N TYR A 647 -13.21 35.93 -46.29
CA TYR A 647 -14.17 35.76 -47.37
C TYR A 647 -14.38 34.32 -47.77
N ARG A 648 -13.31 33.55 -47.86
CA ARG A 648 -13.46 32.12 -48.12
C ARG A 648 -13.96 31.38 -46.88
N HIS A 649 -13.75 31.99 -45.71
CA HIS A 649 -14.11 31.42 -44.40
C HIS A 649 -13.39 30.08 -44.14
N VAL A 650 -12.09 30.10 -44.41
CA VAL A 650 -11.22 28.94 -44.27
C VAL A 650 -9.86 29.38 -43.70
N CYS A 651 -9.25 28.48 -42.93
CA CYS A 651 -7.97 28.68 -42.28
C CYS A 651 -6.87 28.00 -43.09
N THR A 652 -5.80 28.74 -43.36
CA THR A 652 -4.66 28.18 -44.10
C THR A 652 -3.35 28.92 -43.82
N ASN A 653 -2.25 28.21 -44.08
CA ASN A 653 -0.90 28.72 -43.88
C ASN A 653 -0.48 29.76 -44.93
N ASN A 654 -1.02 29.65 -46.14
CA ASN A 654 -0.64 30.54 -47.25
C ASN A 654 -1.50 31.78 -47.38
N ALA A 655 -0.85 32.95 -47.35
CA ALA A 655 -1.52 34.24 -47.52
C ALA A 655 -2.28 34.31 -48.85
N ALA A 656 -1.68 33.76 -49.91
CA ALA A 656 -2.23 33.81 -51.27
C ALA A 656 -3.49 32.94 -51.47
N ASP A 657 -3.63 31.90 -50.65
CA ASP A 657 -4.80 31.01 -50.69
C ASP A 657 -6.07 31.73 -50.25
N CYS A 658 -5.89 32.88 -49.61
CA CYS A 658 -7.01 33.73 -49.25
C CYS A 658 -7.71 34.29 -50.48
N ALA A 659 -9.00 34.59 -50.31
CA ALA A 659 -9.85 35.18 -51.35
C ALA A 659 -9.08 36.22 -52.14
N PHE A 660 -8.82 37.36 -51.51
CA PHE A 660 -7.87 38.35 -52.00
C PHE A 660 -7.37 39.24 -50.87
N LEU A 661 -6.28 39.96 -51.18
CA LEU A 661 -5.52 40.84 -50.27
C LEU A 661 -6.23 41.33 -49.00
N GLU A 662 -7.40 41.95 -49.17
CA GLU A 662 -8.08 42.66 -48.08
C GLU A 662 -9.03 41.77 -47.27
N GLY A 663 -8.81 40.46 -47.33
CA GLY A 663 -9.57 39.50 -46.55
C GLY A 663 -8.73 38.57 -45.73
N ARG A 664 -7.46 38.94 -45.54
CA ARG A 664 -6.50 38.16 -44.75
C ARG A 664 -6.54 38.58 -43.28
N VAL A 665 -6.72 37.59 -42.40
CA VAL A 665 -6.68 37.84 -40.95
C VAL A 665 -5.44 37.21 -40.31
N ASN A 666 -4.58 38.08 -39.79
CA ASN A 666 -3.30 37.72 -39.17
C ASN A 666 -3.29 38.05 -37.68
N MET A 667 -4.18 38.95 -37.28
CA MET A 667 -4.27 39.41 -35.90
C MET A 667 -5.63 39.04 -35.33
N SER A 668 -5.67 38.64 -34.06
CA SER A 668 -6.89 38.14 -33.42
C SER A 668 -7.96 39.21 -33.21
N GLU A 669 -7.53 40.46 -33.10
CA GLU A 669 -8.43 41.59 -32.87
C GLU A 669 -9.16 42.02 -34.14
N ASP A 670 -8.62 41.60 -35.29
CA ASP A 670 -9.20 41.91 -36.60
C ASP A 670 -10.21 40.85 -37.08
N CYS A 671 -10.40 39.79 -36.29
CA CYS A 671 -11.35 38.71 -36.65
C CYS A 671 -12.76 39.23 -36.91
N PRO A 672 -13.51 38.57 -37.81
CA PRO A 672 -14.96 38.77 -37.82
C PRO A 672 -15.55 38.16 -36.55
N GLN A 673 -16.04 39.02 -35.67
CA GLN A 673 -16.49 38.62 -34.35
C GLN A 673 -17.67 39.47 -33.93
N ILE A 674 -18.51 38.92 -33.04
CA ILE A 674 -19.66 39.65 -32.53
C ILE A 674 -19.36 40.25 -31.15
N LEU A 675 -19.48 41.57 -31.06
CA LEU A 675 -19.24 42.31 -29.80
C LEU A 675 -20.51 42.37 -28.95
N PRO A 676 -20.34 42.39 -27.61
CA PRO A 676 -21.53 42.40 -26.77
C PRO A 676 -22.11 43.81 -26.56
N SER A 677 -23.42 43.84 -26.38
CA SER A 677 -24.13 45.02 -25.91
C SER A 677 -24.77 44.61 -24.57
N THR A 678 -25.40 45.56 -23.88
CA THR A 678 -26.17 45.21 -22.68
C THR A 678 -27.26 44.22 -23.06
N HIS A 679 -27.49 43.26 -22.16
CA HIS A 679 -28.16 42.00 -22.49
C HIS A 679 -29.38 42.05 -23.42
N ILE A 680 -29.41 41.07 -24.32
CA ILE A 680 -30.48 40.90 -25.29
C ILE A 680 -31.72 40.29 -24.64
N TYR A 681 -32.70 41.14 -24.39
CA TYR A 681 -33.95 40.78 -23.76
C TYR A 681 -34.98 40.45 -24.83
N VAL A 682 -35.56 39.25 -24.78
CA VAL A 682 -36.58 38.89 -25.75
C VAL A 682 -37.82 38.25 -25.11
N PRO A 683 -38.95 38.97 -25.12
CA PRO A 683 -40.19 38.38 -24.64
C PRO A 683 -40.80 37.41 -25.64
N VAL A 684 -41.39 36.33 -25.13
CA VAL A 684 -42.04 35.32 -25.96
C VAL A 684 -43.34 35.87 -26.55
N GLY A 685 -43.54 35.63 -27.85
CA GLY A 685 -44.76 36.03 -28.53
C GLY A 685 -44.90 37.53 -28.76
N VAL A 686 -43.77 38.22 -28.90
CA VAL A 686 -43.75 39.65 -29.20
C VAL A 686 -42.83 39.94 -30.39
N VAL A 687 -43.37 40.66 -31.37
CA VAL A 687 -42.64 41.05 -32.56
C VAL A 687 -41.55 42.06 -32.19
N LYS A 688 -40.29 41.62 -32.27
CA LYS A 688 -39.16 42.49 -31.94
C LYS A 688 -37.97 42.33 -32.89
N PRO A 689 -37.26 43.45 -33.16
CA PRO A 689 -35.97 43.41 -33.83
C PRO A 689 -34.84 43.29 -32.80
N ILE A 690 -33.73 42.70 -33.23
CA ILE A 690 -32.60 42.47 -32.34
C ILE A 690 -31.34 43.05 -32.96
N THR A 691 -31.05 44.29 -32.63
CA THR A 691 -29.87 44.96 -33.15
C THR A 691 -28.63 44.39 -32.49
N LEU A 692 -27.59 44.15 -33.28
CA LEU A 692 -26.32 43.68 -32.77
C LEU A 692 -25.19 44.61 -33.21
N ALA A 693 -24.12 44.64 -32.43
CA ALA A 693 -22.87 45.22 -32.87
C ALA A 693 -21.84 44.10 -33.03
N ALA A 694 -20.75 44.39 -33.76
CA ALA A 694 -19.71 43.41 -34.04
C ALA A 694 -18.49 44.14 -34.64
N ARG A 695 -17.56 43.39 -35.21
CA ARG A 695 -16.40 43.98 -35.89
C ARG A 695 -15.96 43.22 -37.13
N ASN A 696 -15.42 43.98 -38.08
CA ASN A 696 -14.91 43.46 -39.35
C ASN A 696 -15.79 42.39 -40.01
N LEU A 697 -17.08 42.70 -40.07
CA LEU A 697 -18.05 41.87 -40.79
C LEU A 697 -17.82 41.98 -42.30
N PRO A 698 -17.69 40.82 -42.98
CA PRO A 698 -17.31 40.82 -44.40
C PRO A 698 -18.43 41.25 -45.33
N GLN A 699 -18.09 41.98 -46.40
CA GLN A 699 -19.01 42.22 -47.51
C GLN A 699 -19.12 40.93 -48.33
N PRO A 700 -20.30 40.28 -48.32
CA PRO A 700 -20.41 39.00 -49.04
C PRO A 700 -20.06 39.18 -50.51
N GLN A 701 -19.21 38.31 -51.04
CA GLN A 701 -18.67 38.48 -52.39
C GLN A 701 -19.41 37.66 -53.43
N SER A 702 -18.77 37.47 -54.58
CA SER A 702 -19.37 36.78 -55.72
C SER A 702 -19.94 35.41 -55.36
N GLY A 703 -21.21 35.22 -55.72
CA GLY A 703 -21.91 33.97 -55.48
C GLY A 703 -22.11 33.69 -54.01
N GLN A 704 -22.18 34.76 -53.21
CA GLN A 704 -22.35 34.62 -51.76
C GLN A 704 -23.58 35.35 -51.23
N ARG A 705 -24.37 34.63 -50.43
CA ARG A 705 -25.60 35.16 -49.85
C ARG A 705 -25.36 36.11 -48.67
N GLY A 706 -26.46 36.62 -48.11
CA GLY A 706 -26.41 37.52 -46.97
C GLY A 706 -26.60 36.84 -45.62
N TYR A 707 -26.87 37.64 -44.59
CA TYR A 707 -26.82 37.20 -43.20
C TYR A 707 -28.15 36.71 -42.62
N GLU A 708 -28.03 35.82 -41.63
CA GLU A 708 -29.17 35.27 -40.91
C GLU A 708 -28.82 35.14 -39.43
N CYS A 709 -29.85 35.15 -38.58
CA CYS A 709 -29.67 34.84 -37.18
C CYS A 709 -30.31 33.49 -36.92
N LEU A 710 -29.54 32.57 -36.36
CA LEU A 710 -30.07 31.25 -35.99
C LEU A 710 -30.11 31.11 -34.48
N PHE A 711 -31.31 30.85 -33.97
CA PHE A 711 -31.52 30.69 -32.55
C PHE A 711 -31.63 29.22 -32.19
N HIS A 712 -30.74 28.78 -31.31
CA HIS A 712 -30.73 27.40 -30.89
C HIS A 712 -31.61 27.21 -29.65
N ILE A 713 -32.91 27.07 -29.92
CA ILE A 713 -33.90 26.74 -28.89
C ILE A 713 -34.27 25.27 -29.07
N PRO A 714 -34.06 24.43 -28.04
CA PRO A 714 -34.32 22.99 -28.13
C PRO A 714 -35.73 22.69 -28.66
N GLY A 715 -36.71 23.47 -28.21
CA GLY A 715 -38.09 23.34 -28.66
C GLY A 715 -38.26 23.69 -30.13
N SER A 716 -37.83 24.89 -30.49
CA SER A 716 -37.93 25.36 -31.88
C SER A 716 -36.75 26.24 -32.24
N PRO A 717 -35.99 25.85 -33.29
CA PRO A 717 -34.90 26.69 -33.78
C PRO A 717 -35.35 27.62 -34.91
N ALA A 718 -35.22 28.93 -34.70
CA ALA A 718 -35.73 29.92 -35.65
C ALA A 718 -34.65 30.46 -36.59
N ARG A 719 -34.96 30.49 -37.89
CA ARG A 719 -34.09 31.07 -38.93
C ARG A 719 -34.62 32.42 -39.41
N VAL A 720 -33.99 33.50 -38.97
CA VAL A 720 -34.41 34.85 -39.36
C VAL A 720 -33.29 35.56 -40.11
N THR A 721 -33.58 35.97 -41.34
CA THR A 721 -32.63 36.70 -42.17
C THR A 721 -32.40 38.11 -41.63
N ALA A 722 -31.19 38.61 -41.85
CA ALA A 722 -30.77 39.88 -41.26
C ALA A 722 -30.10 40.79 -42.27
N LEU A 723 -29.77 42.00 -41.85
CA LEU A 723 -29.12 42.98 -42.71
C LEU A 723 -27.81 43.46 -42.09
N ARG A 724 -26.73 43.35 -42.85
CA ARG A 724 -25.45 43.87 -42.38
C ARG A 724 -25.30 45.32 -42.83
N PHE A 725 -25.35 46.23 -41.87
CA PHE A 725 -25.38 47.65 -42.17
C PHE A 725 -24.01 48.19 -42.52
N ASN A 726 -23.02 47.76 -41.77
CA ASN A 726 -21.63 48.08 -42.05
C ASN A 726 -20.79 47.02 -41.40
N SER A 727 -19.48 47.23 -41.42
CA SER A 727 -18.53 46.26 -40.85
C SER A 727 -18.72 46.04 -39.35
N SER A 728 -19.68 46.76 -38.75
CA SER A 728 -19.80 46.82 -37.29
C SER A 728 -21.20 46.70 -36.65
N SER A 729 -22.23 46.39 -37.44
CA SER A 729 -23.60 46.25 -36.89
C SER A 729 -24.54 45.36 -37.71
N LEU A 730 -25.34 44.56 -37.02
CA LEU A 730 -26.32 43.66 -37.64
C LEU A 730 -27.71 43.90 -37.09
N GLN A 731 -28.71 43.17 -37.61
CA GLN A 731 -30.09 43.24 -37.10
C GLN A 731 -31.00 42.17 -37.70
N CYS A 732 -31.46 41.24 -36.87
CA CYS A 732 -32.45 40.26 -37.30
C CYS A 732 -33.80 40.96 -37.35
N GLN A 733 -34.61 40.60 -38.34
CA GLN A 733 -35.84 41.34 -38.61
C GLN A 733 -37.03 40.97 -37.73
N ASN A 734 -37.96 41.91 -37.63
CA ASN A 734 -39.20 41.76 -36.85
C ASN A 734 -39.74 40.35 -36.85
N SER A 735 -39.69 39.71 -35.69
CA SER A 735 -40.22 38.37 -35.49
C SER A 735 -40.48 38.09 -34.01
N SER A 736 -41.31 37.08 -33.74
CA SER A 736 -41.61 36.65 -32.37
C SER A 736 -41.11 35.22 -32.14
N TYR A 737 -40.76 34.92 -30.89
CA TYR A 737 -40.13 33.65 -30.53
C TYR A 737 -40.87 32.98 -29.37
N SER A 738 -40.76 31.65 -29.28
CA SER A 738 -41.39 30.88 -28.20
C SER A 738 -40.67 29.58 -27.89
N TYR A 739 -40.91 29.06 -26.68
CA TYR A 739 -40.48 27.72 -26.28
C TYR A 739 -41.64 27.03 -25.59
N GLU A 740 -41.73 25.71 -25.73
CA GLU A 740 -42.84 24.97 -25.17
C GLU A 740 -42.49 24.30 -23.85
N GLY A 741 -43.08 24.82 -22.78
CA GLY A 741 -42.83 24.32 -21.43
C GLY A 741 -43.57 25.07 -20.34
N ASN A 742 -43.41 26.39 -20.31
CA ASN A 742 -43.89 27.25 -19.21
C ASN A 742 -43.27 26.87 -17.85
N ASP A 743 -42.05 26.35 -17.90
CA ASP A 743 -41.35 25.79 -16.73
C ASP A 743 -40.31 26.74 -16.16
N VAL A 744 -39.65 27.49 -17.03
CA VAL A 744 -38.61 28.44 -16.62
C VAL A 744 -38.87 29.82 -17.24
N SER A 745 -38.90 30.85 -16.39
CA SER A 745 -39.18 32.22 -16.83
C SER A 745 -38.05 32.78 -17.69
N ASP A 746 -36.81 32.57 -17.25
CA ASP A 746 -35.64 33.13 -17.91
C ASP A 746 -34.80 32.03 -18.57
N LEU A 747 -34.91 31.91 -19.90
CA LEU A 747 -34.16 30.93 -20.68
C LEU A 747 -33.12 31.62 -21.58
N PRO A 748 -31.83 31.43 -21.26
CA PRO A 748 -30.78 31.95 -22.14
C PRO A 748 -30.56 31.01 -23.32
N VAL A 749 -30.46 31.58 -24.52
CA VAL A 749 -30.36 30.77 -25.74
C VAL A 749 -29.11 31.11 -26.55
N ASN A 750 -28.35 30.07 -26.91
CA ASN A 750 -27.25 30.18 -27.86
C ASN A 750 -27.76 30.70 -29.21
N LEU A 751 -27.19 31.80 -29.69
CA LEU A 751 -27.45 32.25 -31.06
C LEU A 751 -26.20 32.19 -31.92
N SER A 752 -26.39 31.76 -33.17
CA SER A 752 -25.32 31.77 -34.14
C SER A 752 -25.69 32.68 -35.32
N VAL A 753 -24.77 33.58 -35.65
CA VAL A 753 -24.95 34.50 -36.78
C VAL A 753 -24.25 33.92 -38.00
N VAL A 754 -25.03 33.60 -39.02
CA VAL A 754 -24.55 32.94 -40.23
C VAL A 754 -24.65 33.87 -41.44
N TRP A 755 -23.74 33.70 -42.40
CA TRP A 755 -23.95 34.24 -43.73
C TRP A 755 -23.58 33.22 -44.79
N ASN A 756 -24.14 33.41 -45.99
CA ASN A 756 -23.95 32.48 -47.10
C ASN A 756 -24.23 31.02 -46.68
N GLY A 757 -25.28 30.86 -45.87
CA GLY A 757 -25.83 29.55 -45.54
C GLY A 757 -25.23 28.81 -44.35
N ASN A 758 -23.90 28.72 -44.33
CA ASN A 758 -23.23 27.88 -43.35
C ASN A 758 -22.03 28.53 -42.67
N PHE A 759 -21.57 29.66 -43.19
CA PHE A 759 -20.46 30.39 -42.56
C PHE A 759 -20.93 31.02 -41.26
N VAL A 760 -20.53 30.44 -40.13
CA VAL A 760 -20.90 31.00 -38.83
C VAL A 760 -19.81 31.96 -38.37
N ILE A 761 -20.21 33.19 -38.05
CA ILE A 761 -19.29 34.19 -37.53
C ILE A 761 -18.92 33.81 -36.10
N ASP A 762 -17.69 34.14 -35.71
CA ASP A 762 -17.17 33.83 -34.39
C ASP A 762 -17.88 34.61 -33.27
N ASN A 763 -18.17 33.90 -32.19
CA ASN A 763 -18.82 34.45 -31.01
C ASN A 763 -17.97 34.15 -29.77
N PRO A 764 -16.98 35.01 -29.48
CA PRO A 764 -16.01 34.79 -28.39
C PRO A 764 -16.63 34.87 -26.99
N GLN A 765 -17.40 35.93 -26.74
CA GLN A 765 -18.06 36.14 -25.45
C GLN A 765 -19.26 35.19 -25.33
N ASN A 766 -19.51 34.43 -26.39
CA ASN A 766 -20.66 33.52 -26.52
C ASN A 766 -22.00 34.18 -26.17
N ILE A 767 -22.30 35.25 -26.91
CA ILE A 767 -23.48 36.08 -26.65
C ILE A 767 -24.78 35.31 -26.86
N GLN A 768 -25.68 35.47 -25.90
CA GLN A 768 -26.94 34.74 -25.88
C GLN A 768 -28.14 35.68 -25.90
N ALA A 769 -29.27 35.12 -26.30
CA ALA A 769 -30.53 35.82 -26.25
C ALA A 769 -31.36 35.24 -25.13
N HIS A 770 -31.78 36.09 -24.20
CA HIS A 770 -32.65 35.69 -23.11
C HIS A 770 -34.12 35.77 -23.55
N LEU A 771 -34.75 34.60 -23.68
CA LEU A 771 -36.19 34.53 -23.89
C LEU A 771 -36.89 34.49 -22.54
N TYR A 772 -37.63 35.55 -22.22
CA TYR A 772 -38.38 35.60 -20.97
C TYR A 772 -39.88 35.59 -21.22
N LYS A 773 -40.58 34.83 -20.38
CA LYS A 773 -42.03 34.87 -20.35
C LYS A 773 -42.44 35.61 -19.09
N CYS A 774 -43.29 36.62 -19.23
CA CYS A 774 -43.91 37.24 -18.07
C CYS A 774 -44.70 36.16 -17.35
N PRO A 775 -44.55 36.12 -16.02
CA PRO A 775 -44.33 34.90 -15.26
C PRO A 775 -45.18 33.68 -15.55
N ALA A 776 -44.48 32.60 -15.88
CA ALA A 776 -45.00 31.25 -15.69
C ALA A 776 -44.31 30.71 -14.44
N LEU A 777 -43.48 31.55 -13.82
CA LEU A 777 -42.72 31.17 -12.64
C LEU A 777 -43.10 31.99 -11.39
N ARG A 778 -43.93 33.02 -11.58
CA ARG A 778 -44.25 33.95 -10.49
C ARG A 778 -45.72 34.34 -10.45
N GLN A 779 -46.47 33.76 -9.51
CA GLN A 779 -47.86 34.16 -9.30
C GLN A 779 -48.02 35.00 -8.04
N SER A 780 -46.97 35.78 -7.73
CA SER A 780 -46.98 36.66 -6.57
C SER A 780 -46.27 37.97 -6.90
N CYS A 781 -46.94 39.09 -6.61
CA CYS A 781 -46.41 40.45 -6.85
C CYS A 781 -44.95 40.60 -6.45
N GLY A 782 -44.61 40.05 -5.29
CA GLY A 782 -43.25 40.12 -4.73
C GLY A 782 -42.22 39.42 -5.58
N LEU A 783 -42.62 38.36 -6.28
CA LEU A 783 -41.70 37.63 -7.13
C LEU A 783 -41.36 38.37 -8.43
N CYS A 784 -42.31 39.15 -8.95
CA CYS A 784 -42.12 39.85 -10.22
C CYS A 784 -41.22 41.06 -10.13
N LEU A 785 -41.49 41.89 -9.14
CA LEU A 785 -40.72 43.09 -8.88
C LEU A 785 -39.33 42.72 -8.36
N LYS A 786 -39.21 41.46 -7.93
CA LYS A 786 -37.95 40.84 -7.53
C LYS A 786 -37.03 40.62 -8.73
N ALA A 787 -37.60 40.16 -9.85
CA ALA A 787 -36.85 39.87 -11.07
C ALA A 787 -36.29 41.14 -11.73
N ASP A 788 -35.55 40.96 -12.83
CA ASP A 788 -34.85 42.05 -13.50
C ASP A 788 -35.70 43.28 -13.78
N PRO A 789 -35.14 44.46 -13.53
CA PRO A 789 -35.70 45.70 -14.05
C PRO A 789 -35.60 45.76 -15.58
N ARG A 790 -34.72 44.93 -16.15
CA ARG A 790 -34.53 44.85 -17.59
C ARG A 790 -35.77 44.30 -18.30
N PHE A 791 -36.28 43.15 -17.81
CA PHE A 791 -37.42 42.48 -18.43
C PHE A 791 -38.59 43.40 -18.70
N GLU A 792 -38.71 44.47 -17.90
CA GLU A 792 -39.83 45.40 -17.97
C GLU A 792 -41.09 44.74 -17.40
N CYS A 793 -40.98 43.45 -17.10
CA CYS A 793 -42.06 42.65 -16.56
C CYS A 793 -42.47 43.21 -15.19
N GLY A 794 -43.77 43.42 -15.01
CA GLY A 794 -44.32 43.97 -13.76
C GLY A 794 -45.67 43.42 -13.37
N TRP A 795 -46.08 43.65 -12.12
CA TRP A 795 -47.32 43.09 -11.57
C TRP A 795 -48.54 43.97 -11.86
N CYS A 796 -49.62 43.32 -12.30
CA CYS A 796 -50.84 44.04 -12.69
C CYS A 796 -52.04 43.68 -11.81
N VAL A 797 -52.38 44.62 -10.93
CA VAL A 797 -53.38 44.46 -9.88
C VAL A 797 -54.62 43.67 -10.31
N ALA A 798 -55.38 44.23 -11.26
CA ALA A 798 -56.70 43.71 -11.63
C ALA A 798 -56.71 42.24 -12.05
N GLU A 799 -55.75 41.87 -12.89
CA GLU A 799 -55.65 40.53 -13.45
C GLU A 799 -55.35 39.48 -12.36
N ARG A 800 -54.69 39.93 -11.28
CA ARG A 800 -54.08 39.06 -10.25
C ARG A 800 -52.90 38.28 -10.82
N ARG A 801 -52.29 38.84 -11.85
CA ARG A 801 -51.16 38.24 -12.55
C ARG A 801 -50.17 39.31 -12.99
N CYS A 802 -49.11 38.89 -13.67
CA CYS A 802 -47.98 39.78 -13.94
C CYS A 802 -47.53 39.72 -15.40
N SER A 803 -47.57 40.88 -16.05
CA SER A 803 -47.12 41.05 -17.42
C SER A 803 -46.78 42.51 -17.67
N LEU A 804 -46.15 42.77 -18.80
CA LEU A 804 -45.75 44.12 -19.19
C LEU A 804 -46.93 45.10 -19.25
N ARG A 805 -46.62 46.39 -19.29
CA ARG A 805 -47.60 47.43 -19.58
C ARG A 805 -48.35 47.05 -20.85
N HIS A 806 -47.58 46.78 -21.90
CA HIS A 806 -48.03 46.20 -23.17
C HIS A 806 -49.24 45.28 -23.02
N HIS A 807 -49.11 44.26 -22.17
CA HIS A 807 -50.10 43.20 -22.06
C HIS A 807 -51.12 43.38 -20.93
N CYS A 808 -51.17 44.55 -20.31
CA CYS A 808 -52.16 44.79 -19.26
C CYS A 808 -52.86 46.16 -19.35
N PRO A 809 -54.21 46.16 -19.44
CA PRO A 809 -55.05 47.35 -19.62
C PRO A 809 -54.99 48.38 -18.47
N ALA A 810 -54.90 49.66 -18.84
CA ALA A 810 -54.86 50.75 -17.87
C ALA A 810 -56.24 51.30 -17.55
N ASP A 811 -56.97 50.58 -16.70
CA ASP A 811 -58.28 51.03 -16.22
C ASP A 811 -58.12 52.13 -15.19
N SER A 812 -57.02 52.07 -14.44
CA SER A 812 -56.60 53.15 -13.55
C SER A 812 -55.23 53.63 -14.02
N PRO A 813 -54.91 54.92 -13.81
CA PRO A 813 -53.58 55.45 -14.13
C PRO A 813 -52.44 54.76 -13.35
N ALA A 814 -52.81 54.06 -12.28
CA ALA A 814 -51.86 53.25 -11.51
C ALA A 814 -52.43 51.84 -11.27
N SER A 815 -52.74 51.14 -12.36
CA SER A 815 -53.25 49.77 -12.28
C SER A 815 -52.14 48.75 -12.50
N TRP A 816 -51.12 49.13 -13.26
CA TRP A 816 -49.93 48.30 -13.46
C TRP A 816 -48.81 48.82 -12.56
N MET A 817 -48.29 47.95 -11.69
CA MET A 817 -47.29 48.32 -10.70
C MET A 817 -45.94 47.67 -10.99
N HIS A 818 -44.89 48.49 -10.97
CA HIS A 818 -43.52 48.01 -11.12
C HIS A 818 -42.65 48.57 -10.02
N ALA A 819 -41.72 47.75 -9.52
CA ALA A 819 -40.79 48.18 -8.49
C ALA A 819 -39.87 49.24 -9.06
N HIS A 820 -40.17 50.50 -8.76
CA HIS A 820 -39.46 51.65 -9.34
C HIS A 820 -37.95 51.56 -9.14
N HIS A 821 -37.55 51.30 -7.91
CA HIS A 821 -36.15 51.11 -7.53
C HIS A 821 -36.15 50.06 -6.44
N GLY A 822 -37.37 49.60 -6.14
CA GLY A 822 -37.66 48.67 -5.07
C GLY A 822 -38.49 49.37 -4.01
N SER A 823 -38.78 50.65 -4.26
CA SER A 823 -39.58 51.48 -3.36
C SER A 823 -41.06 51.15 -3.54
N SER A 824 -41.35 49.86 -3.65
CA SER A 824 -42.69 49.39 -3.97
C SER A 824 -43.15 48.36 -2.94
N ARG A 825 -43.94 48.81 -1.98
CA ARG A 825 -44.60 47.89 -1.05
C ARG A 825 -45.51 46.97 -1.85
N CYS A 826 -45.64 45.73 -1.40
CA CYS A 826 -46.36 44.73 -2.16
C CYS A 826 -47.47 44.14 -1.31
N THR A 827 -48.67 44.04 -1.89
CA THR A 827 -49.90 43.73 -1.13
C THR A 827 -50.05 42.28 -0.68
N ASP A 828 -50.89 42.08 0.34
CA ASP A 828 -51.31 40.75 0.80
C ASP A 828 -50.21 39.71 1.07
N PRO A 829 -49.20 40.06 1.90
CA PRO A 829 -48.17 39.07 2.25
C PRO A 829 -48.76 37.83 2.88
N LYS A 830 -48.17 36.67 2.57
CA LYS A 830 -48.69 35.41 3.08
C LYS A 830 -47.54 34.53 3.52
N ILE A 831 -47.74 33.81 4.62
CA ILE A 831 -46.75 32.86 5.10
C ILE A 831 -47.21 31.46 4.72
N LEU A 832 -46.32 30.70 4.11
CA LEU A 832 -46.61 29.33 3.72
C LEU A 832 -46.27 28.39 4.87
N LYS A 833 -44.99 28.35 5.22
CA LYS A 833 -44.51 27.58 6.37
C LYS A 833 -43.17 28.09 6.92
N LEU A 834 -42.94 27.76 8.18
CA LEU A 834 -41.75 28.18 8.91
C LEU A 834 -41.09 27.00 9.65
N SER A 835 -39.76 27.01 9.65
CA SER A 835 -38.97 26.00 10.36
C SER A 835 -38.30 26.59 11.61
N PRO A 836 -37.71 25.70 12.44
CA PRO A 836 -38.14 25.24 13.76
C PRO A 836 -39.58 25.57 14.13
N GLU A 837 -40.40 24.53 14.35
CA GLU A 837 -41.78 24.73 14.78
C GLU A 837 -41.84 24.99 16.28
N THR A 838 -40.82 24.50 16.98
CA THR A 838 -40.67 24.71 18.42
C THR A 838 -39.37 25.47 18.70
N GLY A 839 -39.27 26.03 19.90
CA GLY A 839 -38.08 26.76 20.29
C GLY A 839 -37.95 26.85 21.81
N PRO A 840 -36.75 27.18 22.29
CA PRO A 840 -36.60 27.35 23.73
C PRO A 840 -37.16 28.70 24.19
N ARG A 841 -37.67 28.74 25.42
CA ARG A 841 -38.21 29.96 25.99
C ARG A 841 -37.16 31.07 26.09
N GLN A 842 -35.90 30.69 26.32
CA GLN A 842 -34.81 31.65 26.45
C GLN A 842 -34.52 32.42 25.15
N GLY A 843 -34.95 31.87 24.03
CA GLY A 843 -34.72 32.49 22.71
C GLY A 843 -33.36 32.19 22.10
N GLY A 844 -32.95 33.01 21.13
CA GLY A 844 -31.72 32.80 20.36
C GLY A 844 -31.93 31.95 19.11
N THR A 845 -33.13 31.36 19.00
CA THR A 845 -33.50 30.51 17.87
C THR A 845 -33.42 31.27 16.56
N ARG A 846 -32.92 30.60 15.52
CA ARG A 846 -33.03 31.11 14.17
C ARG A 846 -34.34 30.61 13.53
N LEU A 847 -35.33 31.50 13.42
CA LEU A 847 -36.59 31.18 12.76
C LEU A 847 -36.44 31.34 11.24
N THR A 848 -36.90 30.35 10.49
CA THR A 848 -36.73 30.35 9.03
C THR A 848 -38.11 30.46 8.32
N ILE A 849 -38.57 31.70 8.09
CA ILE A 849 -39.92 31.93 7.53
C ILE A 849 -39.93 31.98 6.01
N THR A 850 -40.80 31.19 5.39
CA THR A 850 -40.91 31.20 3.93
C THR A 850 -42.32 31.58 3.46
N GLY A 851 -42.42 32.72 2.77
CA GLY A 851 -43.69 33.25 2.30
C GLY A 851 -43.73 33.45 0.80
N GLU A 852 -44.62 34.33 0.32
CA GLU A 852 -44.72 34.58 -1.11
C GLU A 852 -44.72 36.05 -1.54
N ASN A 853 -45.40 36.91 -0.79
CA ASN A 853 -45.54 38.29 -1.22
C ASN A 853 -45.03 39.27 -0.18
N LEU A 854 -43.74 39.19 0.11
CA LEU A 854 -43.12 40.01 1.16
C LEU A 854 -42.49 41.30 0.63
N GLY A 855 -41.74 42.00 1.48
CA GLY A 855 -41.12 43.27 1.09
C GLY A 855 -39.92 43.08 0.20
N LEU A 856 -39.58 44.10 -0.59
CA LEU A 856 -38.46 43.98 -1.52
C LEU A 856 -37.06 44.44 -0.99
N ARG A 857 -37.04 45.21 0.09
CA ARG A 857 -35.79 45.58 0.79
C ARG A 857 -35.72 44.93 2.17
N PHE A 858 -34.52 44.79 2.73
CA PHE A 858 -34.37 44.27 4.09
C PHE A 858 -34.85 45.27 5.14
N GLU A 859 -34.46 46.54 4.95
CA GLU A 859 -34.69 47.58 5.97
C GLU A 859 -36.17 47.91 6.22
N ASP A 860 -37.06 47.29 5.46
CA ASP A 860 -38.48 47.38 5.78
C ASP A 860 -38.98 46.17 6.56
N VAL A 861 -38.47 44.97 6.24
CA VAL A 861 -38.85 43.77 6.98
C VAL A 861 -38.22 43.73 8.37
N ARG A 862 -37.00 44.26 8.49
CA ARG A 862 -36.38 44.46 9.79
C ARG A 862 -37.30 45.30 10.67
N LEU A 863 -37.57 44.82 11.88
CA LEU A 863 -38.49 45.47 12.81
C LEU A 863 -39.94 45.03 12.60
N GLY A 864 -40.22 44.41 11.45
CA GLY A 864 -41.56 43.94 11.13
C GLY A 864 -41.90 42.59 11.74
N VAL A 865 -40.89 41.73 11.88
CA VAL A 865 -41.12 40.37 12.33
C VAL A 865 -41.33 40.30 13.84
N HIS A 866 -42.36 39.56 14.25
CA HIS A 866 -42.64 39.29 15.67
C HIS A 866 -43.24 37.89 15.86
N VAL A 867 -42.93 37.27 16.99
CA VAL A 867 -43.53 35.97 17.32
C VAL A 867 -44.52 36.19 18.44
N GLY A 868 -45.76 36.48 18.09
CA GLY A 868 -46.76 36.91 19.07
C GLY A 868 -46.38 38.29 19.55
N LYS A 869 -45.89 38.36 20.79
CA LYS A 869 -45.41 39.62 21.37
C LYS A 869 -43.90 39.77 21.21
N VAL A 870 -43.21 38.63 21.17
CA VAL A 870 -41.74 38.54 21.24
C VAL A 870 -41.06 39.15 20.02
N LEU A 871 -40.19 40.13 20.26
CA LEU A 871 -39.46 40.81 19.20
C LEU A 871 -38.43 39.90 18.55
N CYS A 872 -38.49 39.83 17.22
CA CYS A 872 -37.63 38.96 16.44
C CYS A 872 -36.75 39.84 15.54
N SER A 873 -35.44 39.65 15.64
CA SER A 873 -34.48 40.42 14.82
C SER A 873 -33.97 39.63 13.61
N PRO A 874 -34.25 40.13 12.39
CA PRO A 874 -33.95 39.42 11.16
C PRO A 874 -32.50 39.55 10.71
N VAL A 875 -32.05 38.57 9.94
CA VAL A 875 -30.64 38.48 9.53
C VAL A 875 -30.49 38.87 8.06
N GLU A 876 -29.52 39.74 7.79
CA GLU A 876 -29.32 40.31 6.45
C GLU A 876 -28.95 39.28 5.40
N SER A 877 -27.82 38.61 5.62
CA SER A 877 -27.26 37.69 4.63
C SER A 877 -28.20 36.54 4.28
N GLU A 878 -28.94 36.06 5.28
CA GLU A 878 -29.77 34.86 5.13
C GLU A 878 -31.17 35.18 4.62
N TYR A 879 -31.43 36.47 4.41
CA TYR A 879 -32.70 36.97 3.88
C TYR A 879 -32.75 36.96 2.34
N ILE A 880 -33.69 36.19 1.80
CA ILE A 880 -33.91 36.16 0.35
C ILE A 880 -35.19 36.93 0.06
N SER A 881 -35.05 38.06 -0.65
CA SER A 881 -36.14 39.04 -0.78
C SER A 881 -37.46 38.50 -1.33
N ALA A 882 -38.52 38.94 -0.66
CA ALA A 882 -39.89 38.43 -0.72
C ALA A 882 -40.18 36.92 -0.87
N GLU A 883 -39.18 36.07 -0.61
CA GLU A 883 -39.46 34.64 -0.51
C GLU A 883 -39.25 34.12 0.90
N GLN A 884 -38.19 34.61 1.55
CA GLN A 884 -37.72 34.01 2.79
C GLN A 884 -37.07 35.01 3.73
N ILE A 885 -37.47 34.95 5.01
CA ILE A 885 -36.80 35.69 6.07
C ILE A 885 -36.22 34.76 7.13
N VAL A 886 -34.94 34.96 7.44
CA VAL A 886 -34.33 34.28 8.58
C VAL A 886 -34.25 35.29 9.70
N CYS A 887 -34.77 34.90 10.85
CA CYS A 887 -34.97 35.81 11.96
C CYS A 887 -34.51 35.19 13.27
N GLU A 888 -33.86 36.00 14.12
CA GLU A 888 -33.41 35.56 15.44
C GLU A 888 -34.35 36.05 16.55
N ILE A 889 -34.99 35.09 17.22
CA ILE A 889 -35.96 35.35 18.29
C ILE A 889 -35.25 35.81 19.55
N GLY A 890 -35.82 36.80 20.23
CA GLY A 890 -35.29 37.29 21.51
C GLY A 890 -35.80 36.54 22.72
N ASP A 891 -35.50 37.07 23.90
CA ASP A 891 -35.87 36.45 25.18
C ASP A 891 -37.39 36.36 25.36
N ALA A 892 -37.88 35.15 25.56
CA ALA A 892 -39.32 34.92 25.75
C ALA A 892 -39.66 34.40 27.16
N SER A 893 -38.73 34.60 28.09
CA SER A 893 -38.93 34.21 29.49
C SER A 893 -40.16 34.87 30.11
N THR A 894 -40.35 36.15 29.80
CA THR A 894 -41.40 36.99 30.39
C THR A 894 -42.80 36.77 29.78
N LEU A 895 -42.85 36.06 28.65
CA LEU A 895 -44.10 35.77 27.98
C LEU A 895 -44.98 34.82 28.80
N ARG A 896 -46.27 35.16 28.90
CA ARG A 896 -47.27 34.31 29.55
C ARG A 896 -47.69 33.12 28.68
N ALA A 897 -47.74 33.35 27.36
CA ALA A 897 -48.18 32.33 26.41
C ALA A 897 -47.18 31.18 26.26
N HIS A 898 -47.72 30.01 25.93
CA HIS A 898 -46.90 28.83 25.62
C HIS A 898 -46.63 28.74 24.13
N ASP A 899 -47.60 29.19 23.34
CA ASP A 899 -47.44 29.26 21.88
C ASP A 899 -48.08 30.51 21.30
N ALA A 900 -47.47 31.02 20.22
CA ALA A 900 -47.91 32.26 19.58
C ALA A 900 -47.73 32.22 18.07
N LEU A 901 -48.63 32.91 17.36
CA LEU A 901 -48.58 32.97 15.90
C LEU A 901 -47.51 33.97 15.47
N VAL A 902 -46.92 33.75 14.29
CA VAL A 902 -45.88 34.64 13.77
C VAL A 902 -46.47 35.71 12.86
N GLU A 903 -45.94 36.91 13.00
CA GLU A 903 -46.44 38.09 12.29
C GLU A 903 -45.32 38.78 11.53
N VAL A 904 -45.59 39.10 10.26
CA VAL A 904 -44.74 40.02 9.51
C VAL A 904 -45.51 41.25 9.06
N CYS A 905 -44.94 42.41 9.35
CA CYS A 905 -45.48 43.66 8.86
C CYS A 905 -44.48 44.17 7.83
N VAL A 906 -44.91 44.30 6.58
CA VAL A 906 -44.00 44.60 5.46
C VAL A 906 -43.08 45.81 5.68
N ARG A 907 -43.67 46.93 6.11
CA ARG A 907 -42.95 48.14 6.42
C ARG A 907 -43.74 48.80 7.54
N ASP A 908 -45.05 48.88 7.32
CA ASP A 908 -45.99 49.40 8.31
C ASP A 908 -47.01 48.31 8.58
N CYS A 909 -47.42 48.17 9.84
CA CYS A 909 -48.41 47.16 10.20
C CYS A 909 -49.82 47.52 9.72
N SER A 910 -49.90 47.91 8.44
CA SER A 910 -51.17 48.28 7.81
C SER A 910 -52.10 47.08 7.68
N LEU A 911 -53.38 47.36 7.57
CA LEU A 911 -54.42 46.35 7.66
C LEU A 911 -54.46 45.38 6.48
N HIS A 912 -54.00 45.84 5.33
CA HIS A 912 -53.86 44.95 4.18
C HIS A 912 -52.45 44.36 4.09
N TYR A 913 -51.46 45.03 4.70
CA TYR A 913 -50.06 44.62 4.61
C TYR A 913 -49.51 43.86 5.83
N ARG A 914 -50.25 42.86 6.30
CA ARG A 914 -49.85 42.04 7.45
C ARG A 914 -50.11 40.58 7.17
N ALA A 915 -49.17 39.74 7.57
CA ALA A 915 -49.33 38.30 7.42
C ALA A 915 -49.22 37.60 8.76
N LEU A 916 -50.01 36.55 8.91
CA LEU A 916 -50.04 35.79 10.15
C LEU A 916 -49.90 34.33 9.80
N SER A 917 -49.05 33.61 10.56
CA SER A 917 -48.71 32.22 10.25
C SER A 917 -49.88 31.25 10.39
N PRO A 918 -50.01 30.30 9.44
CA PRO A 918 -51.14 29.36 9.40
C PRO A 918 -51.20 28.45 10.62
N LYS A 919 -50.04 27.98 11.08
CA LYS A 919 -49.95 27.30 12.36
C LYS A 919 -48.93 28.05 13.21
N ARG A 920 -49.04 27.94 14.54
CA ARG A 920 -48.22 28.75 15.45
C ARG A 920 -46.96 28.10 16.00
N PHE A 921 -46.00 28.96 16.35
CA PHE A 921 -44.71 28.58 16.91
C PHE A 921 -44.87 28.26 18.38
N THR A 922 -44.24 27.19 18.84
CA THR A 922 -44.41 26.71 20.22
C THR A 922 -43.14 26.93 21.06
N PHE A 923 -43.31 27.54 22.23
CA PHE A 923 -42.20 27.66 23.18
C PHE A 923 -42.21 26.53 24.20
N VAL A 924 -41.05 25.94 24.44
CA VAL A 924 -40.90 24.90 25.45
C VAL A 924 -39.63 25.13 26.27
N THR A 925 -39.51 24.39 27.37
CA THR A 925 -38.26 24.27 28.09
C THR A 925 -37.90 22.79 28.18
N PRO A 926 -37.01 22.33 27.29
CA PRO A 926 -36.55 20.95 27.22
C PRO A 926 -35.92 20.50 28.52
N THR A 927 -36.15 19.24 28.87
CA THR A 927 -35.58 18.62 30.06
C THR A 927 -35.08 17.20 29.76
N PHE A 928 -34.11 16.75 30.54
CA PHE A 928 -33.52 15.40 30.41
C PHE A 928 -33.39 14.71 31.77
N TYR A 929 -33.54 13.38 31.79
CA TYR A 929 -33.62 12.66 33.05
C TYR A 929 -32.80 11.36 33.14
N ARG A 930 -32.35 10.84 31.99
CA ARG A 930 -31.66 9.54 31.95
C ARG A 930 -30.69 9.42 30.78
N VAL A 931 -29.63 8.64 30.98
CA VAL A 931 -28.61 8.38 29.95
C VAL A 931 -28.42 6.86 29.84
N SER A 932 -28.28 6.35 28.61
CA SER A 932 -28.47 4.90 28.37
C SER A 932 -27.28 3.94 28.18
N PRO A 933 -26.05 4.48 28.10
CA PRO A 933 -25.14 3.93 29.08
C PRO A 933 -24.78 5.08 30.03
N SER A 934 -24.71 4.81 31.32
CA SER A 934 -24.27 5.84 32.29
C SER A 934 -22.77 5.74 32.55
N ARG A 935 -22.15 4.71 31.96
CA ARG A 935 -20.72 4.43 32.09
C ARG A 935 -20.07 4.28 30.71
N GLY A 936 -18.78 4.61 30.64
CA GLY A 936 -17.99 4.45 29.42
C GLY A 936 -16.50 4.69 29.59
N PRO A 937 -15.66 4.07 28.74
CA PRO A 937 -14.21 4.18 28.76
C PRO A 937 -13.68 5.60 28.66
N LEU A 938 -12.53 5.85 29.29
CA LEU A 938 -11.87 7.16 29.29
C LEU A 938 -11.52 7.70 27.91
N SER A 939 -11.14 6.81 26.99
CA SER A 939 -10.82 7.20 25.61
C SER A 939 -12.06 7.77 24.91
N GLY A 940 -13.24 7.37 25.37
CA GLY A 940 -14.51 7.87 24.84
C GLY A 940 -15.02 7.04 23.68
N GLY A 941 -15.80 7.67 22.80
CA GLY A 941 -16.36 7.00 21.63
C GLY A 941 -17.56 6.13 21.95
N THR A 942 -18.31 6.50 22.99
CA THR A 942 -19.48 5.73 23.43
C THR A 942 -20.77 6.34 22.87
N TRP A 943 -21.65 5.49 22.34
CA TRP A 943 -22.94 5.93 21.83
C TRP A 943 -23.93 6.18 22.96
N ILE A 944 -24.11 7.45 23.28
CA ILE A 944 -24.93 7.90 24.39
C ILE A 944 -26.37 8.18 23.98
N GLY A 945 -27.32 7.80 24.84
CA GLY A 945 -28.75 8.00 24.56
C GLY A 945 -29.44 8.78 25.67
N ILE A 946 -29.47 10.11 25.54
CA ILE A 946 -30.07 10.98 26.55
C ILE A 946 -31.59 11.08 26.34
N GLU A 947 -32.33 10.63 27.34
CA GLU A 947 -33.79 10.67 27.30
C GLU A 947 -34.34 11.89 28.04
N GLY A 948 -35.43 12.44 27.50
CA GLY A 948 -36.10 13.57 28.11
C GLY A 948 -37.38 13.99 27.42
N SER A 949 -37.68 15.28 27.50
CA SER A 949 -38.85 15.85 26.86
C SER A 949 -38.50 17.19 26.19
N HIS A 950 -39.13 17.43 25.03
CA HIS A 950 -38.92 18.64 24.21
C HIS A 950 -37.50 18.79 23.65
N LEU A 951 -36.80 17.67 23.49
CA LEU A 951 -35.37 17.69 23.15
C LEU A 951 -35.06 18.17 21.73
N ASN A 952 -36.10 18.22 20.89
CA ASN A 952 -35.95 18.58 19.48
C ASN A 952 -36.15 20.07 19.19
N ALA A 953 -36.24 20.86 20.25
CA ALA A 953 -36.53 22.29 20.15
C ALA A 953 -35.41 23.11 19.49
N GLY A 954 -35.78 24.26 18.94
CA GLY A 954 -34.81 25.28 18.51
C GLY A 954 -33.98 24.94 17.30
N SER A 955 -32.84 25.61 17.19
CA SER A 955 -31.89 25.40 16.09
C SER A 955 -30.67 24.56 16.46
N ASP A 956 -29.67 25.19 17.09
CA ASP A 956 -28.43 24.50 17.43
C ASP A 956 -28.56 23.68 18.72
N VAL A 957 -27.77 22.62 18.80
CA VAL A 957 -27.66 21.81 20.01
C VAL A 957 -26.18 21.52 20.25
N ALA A 958 -25.78 21.54 21.52
CA ALA A 958 -24.40 21.26 21.91
C ALA A 958 -24.39 20.52 23.24
N VAL A 959 -23.80 19.32 23.26
CA VAL A 959 -23.74 18.50 24.46
C VAL A 959 -22.31 18.47 25.00
N SER A 960 -22.15 18.78 26.28
CA SER A 960 -20.83 18.88 26.92
C SER A 960 -20.69 17.99 28.15
N ILE A 961 -19.79 17.01 28.07
CA ILE A 961 -19.49 16.11 29.19
C ILE A 961 -18.14 16.49 29.76
N GLY A 962 -18.16 17.04 30.97
CA GLY A 962 -16.95 17.56 31.61
C GLY A 962 -16.43 18.84 30.97
N GLY A 963 -17.30 19.54 30.23
CA GLY A 963 -16.91 20.74 29.49
C GLY A 963 -16.46 20.44 28.08
N ARG A 964 -16.08 19.18 27.86
CA ARG A 964 -15.59 18.72 26.56
C ARG A 964 -16.77 18.31 25.68
N PRO A 965 -16.71 18.64 24.36
CA PRO A 965 -17.90 18.46 23.51
C PRO A 965 -18.17 17.05 22.95
N CYS A 966 -19.44 16.64 23.01
CA CYS A 966 -19.93 15.39 22.43
C CYS A 966 -20.16 15.54 20.92
N SER A 967 -19.79 14.52 20.15
CA SER A 967 -20.06 14.50 18.70
C SER A 967 -21.52 14.13 18.44
N PHE A 968 -22.30 15.10 17.96
CA PHE A 968 -23.73 14.92 17.74
C PHE A 968 -24.05 14.04 16.53
N SER A 969 -25.13 13.26 16.65
CA SER A 969 -25.61 12.42 15.55
C SER A 969 -27.01 12.81 15.12
N TRP A 970 -28.02 12.45 15.92
CA TRP A 970 -29.41 12.80 15.61
C TRP A 970 -30.25 13.19 16.83
N ARG A 971 -31.32 13.94 16.57
CA ARG A 971 -32.16 14.54 17.61
C ARG A 971 -33.62 14.10 17.47
N ASN A 972 -34.31 14.00 18.61
CA ASN A 972 -35.71 13.61 18.64
C ASN A 972 -36.46 14.36 19.73
N SER A 973 -37.79 14.25 19.72
CA SER A 973 -38.63 14.78 20.78
C SER A 973 -38.20 14.21 22.14
N ARG A 974 -37.91 12.92 22.14
CA ARG A 974 -37.62 12.14 23.35
C ARG A 974 -36.15 11.79 23.56
N GLU A 975 -35.33 11.85 22.51
CA GLU A 975 -33.94 11.38 22.60
C GLU A 975 -32.91 12.25 21.87
N ILE A 976 -31.74 12.37 22.48
CA ILE A 976 -30.56 12.94 21.82
C ILE A 976 -29.49 11.85 21.82
N ARG A 977 -28.98 11.54 20.64
CA ARG A 977 -27.91 10.55 20.50
C ARG A 977 -26.61 11.22 20.04
N CYS A 978 -25.56 11.05 20.84
CA CYS A 978 -24.24 11.59 20.49
C CYS A 978 -23.09 10.68 20.95
N LEU A 979 -21.90 10.91 20.38
CA LEU A 979 -20.72 10.09 20.64
C LEU A 979 -19.71 10.80 21.56
N THR A 980 -19.41 10.17 22.69
CA THR A 980 -18.65 10.80 23.79
C THR A 980 -17.20 11.13 23.47
N PRO A 981 -16.71 12.28 23.99
CA PRO A 981 -15.30 12.64 23.83
C PRO A 981 -14.42 11.95 24.88
N PRO A 982 -13.08 12.07 24.75
CA PRO A 982 -12.20 11.51 25.78
C PRO A 982 -12.34 12.28 27.10
N GLY A 983 -12.35 11.55 28.21
CA GLY A 983 -12.42 12.17 29.54
C GLY A 983 -11.04 12.45 30.10
N HIS A 984 -10.92 13.50 30.92
CA HIS A 984 -9.64 13.85 31.53
C HIS A 984 -9.25 12.88 32.66
N THR A 985 -10.12 12.75 33.66
CA THR A 985 -9.91 11.85 34.78
C THR A 985 -11.14 10.98 35.02
N PRO A 986 -10.94 9.69 35.34
CA PRO A 986 -12.06 8.75 35.49
C PRO A 986 -12.97 9.08 36.68
N GLY A 987 -14.26 8.83 36.52
CA GLY A 987 -15.26 9.12 37.54
C GLY A 987 -16.42 9.95 37.03
N SER A 988 -17.20 10.49 37.96
CA SER A 988 -18.42 11.24 37.64
C SER A 988 -18.14 12.52 36.86
N ALA A 989 -19.00 12.81 35.90
CA ALA A 989 -18.87 13.98 35.05
C ALA A 989 -20.21 14.67 34.80
N PRO A 990 -20.22 16.02 34.75
CA PRO A 990 -21.44 16.78 34.48
C PRO A 990 -21.86 16.73 33.00
N ILE A 991 -23.17 16.68 32.77
CA ILE A 991 -23.74 16.73 31.41
C ILE A 991 -24.48 18.05 31.19
N VAL A 992 -23.91 18.90 30.34
CA VAL A 992 -24.48 20.22 30.04
C VAL A 992 -24.98 20.25 28.60
N ILE A 993 -26.29 20.46 28.42
CA ILE A 993 -26.86 20.61 27.08
C ILE A 993 -27.34 22.04 26.88
N ASN A 994 -26.82 22.69 25.86
CA ASN A 994 -27.28 24.04 25.50
C ASN A 994 -27.95 24.13 24.11
N ILE A 995 -29.21 24.53 24.12
CA ILE A 995 -29.99 24.76 22.92
C ILE A 995 -30.23 26.26 22.76
N ASN A 996 -29.56 26.84 21.76
CA ASN A 996 -29.58 28.28 21.52
C ASN A 996 -29.16 29.04 22.79
N ARG A 997 -30.05 29.87 23.32
CA ARG A 997 -29.74 30.67 24.53
C ARG A 997 -30.21 30.02 25.83
N ALA A 998 -30.67 28.77 25.73
CA ALA A 998 -31.11 28.02 26.91
C ALA A 998 -30.06 26.98 27.27
N GLN A 999 -29.58 27.03 28.53
CA GLN A 999 -28.57 26.09 29.01
C GLN A 999 -29.12 25.23 30.16
N LEU A 1000 -29.52 24.00 29.82
CA LEU A 1000 -30.18 23.12 30.79
C LEU A 1000 -29.25 22.11 31.45
N SER A 1001 -29.41 21.97 32.75
CA SER A 1001 -28.53 21.19 33.61
C SER A 1001 -29.30 20.16 34.43
N ASN A 1002 -28.59 19.14 34.91
CA ASN A 1002 -29.10 18.16 35.87
C ASN A 1002 -27.95 17.48 36.63
N PRO A 1003 -27.75 17.84 37.91
CA PRO A 1003 -26.69 17.25 38.72
C PRO A 1003 -27.03 15.85 39.27
N GLU A 1004 -28.29 15.43 39.12
CA GLU A 1004 -28.73 14.08 39.52
C GLU A 1004 -28.39 13.05 38.44
N VAL A 1005 -28.25 13.52 37.21
CA VAL A 1005 -27.90 12.66 36.08
C VAL A 1005 -26.46 12.92 35.65
N LYS A 1006 -25.56 12.01 36.02
CA LYS A 1006 -24.14 12.16 35.73
C LYS A 1006 -23.61 11.02 34.85
N TYR A 1007 -22.42 11.22 34.29
CA TYR A 1007 -21.75 10.21 33.47
C TYR A 1007 -20.45 9.78 34.11
N ASN A 1008 -20.28 8.46 34.23
CA ASN A 1008 -19.17 7.89 34.95
C ASN A 1008 -18.10 7.34 33.99
N TYR A 1009 -16.96 8.02 33.94
CA TYR A 1009 -15.83 7.58 33.12
C TYR A 1009 -15.10 6.41 33.79
N THR A 1010 -14.86 5.36 33.02
CA THR A 1010 -14.23 4.13 33.53
C THR A 1010 -12.82 3.94 32.97
N GLU A 1011 -11.98 3.24 33.73
CA GLU A 1011 -10.62 2.91 33.28
C GLU A 1011 -10.70 2.01 32.05
N ASP A 1012 -9.87 2.32 31.04
CA ASP A 1012 -9.88 1.62 29.76
C ASP A 1012 -9.80 0.10 29.92
N PRO A 1013 -10.68 -0.64 29.22
CA PRO A 1013 -10.64 -2.10 29.29
C PRO A 1013 -9.31 -2.65 28.75
N THR A 1014 -8.95 -3.86 29.19
CA THR A 1014 -7.74 -4.53 28.72
C THR A 1014 -8.09 -5.93 28.19
N ILE A 1015 -7.27 -6.43 27.27
CA ILE A 1015 -7.42 -7.79 26.77
C ILE A 1015 -6.20 -8.61 27.24
N LEU A 1016 -6.48 -9.75 27.87
CA LEU A 1016 -5.44 -10.60 28.45
C LEU A 1016 -5.21 -11.89 27.68
N ARG A 1017 -6.29 -12.62 27.40
CA ARG A 1017 -6.18 -13.96 26.85
C ARG A 1017 -7.36 -14.34 25.97
N ILE A 1018 -7.07 -14.97 24.83
CA ILE A 1018 -8.08 -15.52 23.93
C ILE A 1018 -7.93 -17.04 23.94
N ASP A 1019 -9.02 -17.76 24.23
CA ASP A 1019 -8.88 -19.19 24.48
C ASP A 1019 -9.63 -20.29 23.68
N PRO A 1020 -9.45 -20.25 22.36
CA PRO A 1020 -8.47 -21.10 21.71
C PRO A 1020 -7.59 -20.07 20.99
N GLU A 1021 -6.28 -20.31 20.87
CA GLU A 1021 -5.46 -19.32 20.19
C GLU A 1021 -5.47 -19.46 18.65
N TRP A 1022 -6.62 -19.86 18.11
CA TRP A 1022 -6.75 -20.20 16.68
C TRP A 1022 -8.20 -20.29 16.19
N SER A 1023 -8.34 -20.35 14.85
CA SER A 1023 -9.62 -20.61 14.16
C SER A 1023 -9.37 -20.95 12.68
N ILE A 1024 -10.44 -21.30 11.94
CA ILE A 1024 -10.31 -21.60 10.51
C ILE A 1024 -10.60 -20.41 9.58
N ASN A 1025 -10.31 -20.60 8.28
CA ASN A 1025 -10.40 -19.55 7.26
C ASN A 1025 -11.76 -18.84 7.20
N SER A 1026 -12.84 -19.59 7.36
CA SER A 1026 -14.20 -19.02 7.38
C SER A 1026 -14.65 -18.55 8.78
N GLY A 1027 -13.83 -18.84 9.79
CA GLY A 1027 -14.10 -18.42 11.17
C GLY A 1027 -15.39 -19.00 11.73
N GLY A 1028 -16.01 -18.26 12.64
CA GLY A 1028 -17.29 -18.64 13.23
C GLY A 1028 -17.23 -19.53 14.46
N THR A 1029 -16.02 -19.79 14.95
CA THR A 1029 -15.84 -20.59 16.18
C THR A 1029 -15.89 -19.72 17.44
N LEU A 1030 -16.27 -20.33 18.55
CA LEU A 1030 -16.29 -19.67 19.87
C LEU A 1030 -14.87 -19.34 20.33
N LEU A 1031 -14.70 -18.15 20.90
CA LEU A 1031 -13.42 -17.75 21.48
C LEU A 1031 -13.67 -17.24 22.90
N THR A 1032 -13.07 -17.91 23.87
CA THR A 1032 -13.30 -17.54 25.28
C THR A 1032 -12.28 -16.50 25.75
N VAL A 1033 -12.65 -15.23 25.60
CA VAL A 1033 -11.77 -14.09 25.84
C VAL A 1033 -11.86 -13.59 27.29
N THR A 1034 -10.72 -13.23 27.85
CA THR A 1034 -10.65 -12.70 29.22
C THR A 1034 -9.89 -11.37 29.30
N GLY A 1035 -10.37 -10.48 30.17
CA GLY A 1035 -9.74 -9.17 30.38
C GLY A 1035 -10.32 -8.39 31.55
N THR A 1036 -10.40 -7.06 31.41
CA THR A 1036 -10.92 -6.19 32.46
C THR A 1036 -11.89 -5.13 31.89
N ASN A 1037 -12.77 -4.62 32.75
CA ASN A 1037 -13.75 -3.57 32.41
C ASN A 1037 -14.54 -3.81 31.11
N LEU A 1038 -14.89 -5.06 30.85
CA LEU A 1038 -15.55 -5.44 29.59
C LEU A 1038 -17.04 -5.10 29.54
N ALA A 1039 -17.64 -4.89 30.72
CA ALA A 1039 -19.04 -4.48 30.82
C ALA A 1039 -19.25 -3.00 30.48
N THR A 1040 -18.16 -2.25 30.38
CA THR A 1040 -18.21 -0.80 30.10
C THR A 1040 -18.29 -0.46 28.59
N VAL A 1041 -18.21 -1.50 27.76
CA VAL A 1041 -18.44 -1.38 26.31
C VAL A 1041 -19.66 -2.22 25.96
N ARG A 1042 -20.69 -1.60 25.40
CA ARG A 1042 -21.95 -2.30 25.15
C ARG A 1042 -21.91 -3.23 23.94
N GLU A 1043 -21.21 -2.82 22.89
CA GLU A 1043 -21.13 -3.59 21.66
C GLU A 1043 -19.67 -3.77 21.18
N PRO A 1044 -18.89 -4.63 21.89
CA PRO A 1044 -17.53 -4.89 21.43
C PRO A 1044 -17.51 -5.96 20.35
N ARG A 1045 -16.50 -5.87 19.48
CA ARG A 1045 -16.38 -6.79 18.35
C ARG A 1045 -14.92 -7.06 17.99
N ILE A 1046 -14.65 -8.25 17.44
CA ILE A 1046 -13.30 -8.65 17.05
C ILE A 1046 -12.96 -8.15 15.66
N ARG A 1047 -11.70 -7.73 15.49
CA ARG A 1047 -11.20 -7.27 14.20
C ARG A 1047 -9.96 -8.07 13.80
N ALA A 1048 -9.86 -8.39 12.51
CA ALA A 1048 -8.73 -9.14 11.98
C ALA A 1048 -8.40 -8.70 10.56
N LYS A 1049 -7.12 -8.49 10.29
CA LYS A 1049 -6.65 -8.09 8.97
C LYS A 1049 -5.84 -9.22 8.34
N TYR A 1050 -6.39 -9.80 7.27
CA TYR A 1050 -5.71 -10.87 6.55
C TYR A 1050 -5.54 -10.41 5.10
N GLY A 1051 -4.28 -10.27 4.68
CA GLY A 1051 -3.94 -9.74 3.36
C GLY A 1051 -4.34 -8.28 3.27
N GLY A 1052 -4.96 -7.91 2.15
CA GLY A 1052 -5.46 -6.55 1.97
C GLY A 1052 -6.87 -6.32 2.47
N ILE A 1053 -7.46 -7.35 3.10
CA ILE A 1053 -8.85 -7.31 3.58
C ILE A 1053 -8.95 -7.22 5.11
N GLU A 1054 -9.86 -6.37 5.57
CA GLU A 1054 -10.15 -6.21 7.00
C GLU A 1054 -11.56 -6.72 7.28
N ARG A 1055 -11.70 -7.56 8.31
CA ARG A 1055 -13.02 -8.12 8.69
C ARG A 1055 -13.31 -8.14 10.18
N GLU A 1056 -14.60 -8.06 10.53
CA GLU A 1056 -15.06 -7.91 11.92
C GLU A 1056 -16.11 -8.96 12.28
N ASN A 1057 -16.28 -9.20 13.59
CA ASN A 1057 -17.34 -10.09 14.09
C ASN A 1057 -17.73 -9.83 15.57
N SER A 1058 -18.91 -10.33 15.96
CA SER A 1058 -19.57 -9.98 17.23
C SER A 1058 -19.01 -10.62 18.50
N CYS A 1059 -19.38 -10.05 19.64
CA CYS A 1059 -19.03 -10.57 20.97
C CYS A 1059 -20.22 -10.48 21.94
N MET A 1060 -20.26 -11.37 22.93
CA MET A 1060 -21.24 -11.33 24.00
C MET A 1060 -20.55 -11.23 25.36
N VAL A 1061 -20.73 -10.10 26.05
CA VAL A 1061 -20.09 -9.87 27.35
C VAL A 1061 -20.88 -10.59 28.45
N TYR A 1062 -20.17 -11.21 29.38
CA TYR A 1062 -20.82 -11.86 30.52
C TYR A 1062 -20.48 -11.15 31.83
N ASN A 1063 -19.23 -11.25 32.27
CA ASN A 1063 -18.73 -10.52 33.43
C ASN A 1063 -18.04 -9.24 33.00
N ASP A 1064 -17.48 -8.54 33.96
CA ASP A 1064 -16.51 -7.48 33.69
C ASP A 1064 -15.19 -8.06 33.18
N THR A 1065 -14.98 -9.36 33.40
CA THR A 1065 -13.73 -10.04 33.03
C THR A 1065 -13.86 -11.04 31.88
N THR A 1066 -15.07 -11.55 31.65
CA THR A 1066 -15.26 -12.60 30.65
C THR A 1066 -16.14 -12.19 29.46
N MET A 1067 -15.83 -12.78 28.32
CA MET A 1067 -16.47 -12.45 27.05
C MET A 1067 -16.36 -13.63 26.10
N VAL A 1068 -17.45 -13.94 25.39
CA VAL A 1068 -17.45 -14.98 24.37
C VAL A 1068 -17.53 -14.29 23.02
N CYS A 1069 -16.62 -14.63 22.12
CA CYS A 1069 -16.58 -13.99 20.80
C CYS A 1069 -16.60 -14.99 19.65
N ARG A 1070 -17.27 -14.63 18.56
CA ARG A 1070 -17.36 -15.46 17.38
C ARG A 1070 -16.31 -15.01 16.37
N ALA A 1071 -15.36 -15.89 16.06
CA ALA A 1071 -14.18 -15.57 15.26
C ALA A 1071 -14.47 -15.01 13.85
N PRO A 1072 -13.73 -13.97 13.44
CA PRO A 1072 -13.95 -13.33 12.13
C PRO A 1072 -13.54 -14.20 10.93
N SER A 1073 -14.39 -14.20 9.91
CA SER A 1073 -14.08 -14.86 8.64
C SER A 1073 -12.97 -14.09 7.92
N ILE A 1074 -12.01 -14.81 7.35
CA ILE A 1074 -10.95 -14.19 6.56
C ILE A 1074 -10.94 -14.71 5.11
N ASP A 1075 -12.05 -15.32 4.72
CA ASP A 1075 -12.22 -15.94 3.40
C ASP A 1075 -11.73 -15.04 2.26
N ASN A 1076 -10.56 -15.40 1.74
CA ASN A 1076 -9.93 -14.66 0.66
C ASN A 1076 -9.64 -15.64 -0.48
N PRO A 1077 -10.14 -15.35 -1.70
CA PRO A 1077 -9.79 -16.16 -2.86
C PRO A 1077 -8.37 -15.87 -3.40
N LYS A 1078 -7.69 -14.89 -2.81
CA LYS A 1078 -6.30 -14.55 -3.16
C LYS A 1078 -5.28 -15.35 -2.32
N ARG A 1079 -5.51 -15.41 -1.01
CA ARG A 1079 -4.66 -16.19 -0.11
C ARG A 1079 -5.47 -17.15 0.75
N SER A 1080 -4.96 -18.36 0.90
CA SER A 1080 -5.54 -19.36 1.78
C SER A 1080 -4.48 -19.68 2.84
N PRO A 1081 -4.91 -19.87 4.10
CA PRO A 1081 -3.93 -20.18 5.15
C PRO A 1081 -3.31 -21.56 4.93
N PRO A 1082 -2.00 -21.71 5.24
CA PRO A 1082 -1.36 -23.02 5.06
C PRO A 1082 -1.72 -24.01 6.16
N GLU A 1083 -1.41 -25.28 5.94
CA GLU A 1083 -1.67 -26.37 6.89
C GLU A 1083 -0.94 -26.13 8.21
N LEU A 1084 0.21 -25.48 8.11
CA LEU A 1084 1.05 -25.14 9.25
C LEU A 1084 0.41 -24.07 10.15
N GLY A 1085 -0.32 -23.14 9.54
CA GLY A 1085 -0.92 -22.03 10.26
C GLY A 1085 -0.25 -20.71 9.95
N GLU A 1086 -0.99 -19.61 10.12
CA GLU A 1086 -0.50 -18.29 9.77
C GLU A 1086 -1.09 -17.19 10.66
N ARG A 1087 -0.24 -16.29 11.12
CA ARG A 1087 -0.65 -15.10 11.87
C ARG A 1087 -1.27 -14.06 10.92
N PRO A 1088 -2.31 -13.34 11.37
CA PRO A 1088 -2.86 -12.25 10.57
C PRO A 1088 -1.98 -11.02 10.61
N ASP A 1089 -2.14 -10.12 9.64
CA ASP A 1089 -1.41 -8.85 9.61
C ASP A 1089 -1.70 -8.04 10.86
N GLU A 1090 -2.96 -8.07 11.29
CA GLU A 1090 -3.41 -7.41 12.50
C GLU A 1090 -4.50 -8.26 13.15
N ILE A 1091 -4.54 -8.23 14.48
CA ILE A 1091 -5.67 -8.77 15.23
C ILE A 1091 -5.91 -7.94 16.50
N GLY A 1092 -7.19 -7.65 16.78
CA GLY A 1092 -7.57 -6.89 17.96
C GLY A 1092 -9.06 -6.84 18.23
N PHE A 1093 -9.50 -5.80 18.92
CA PHE A 1093 -10.90 -5.64 19.26
C PHE A 1093 -11.34 -4.20 19.11
N ILE A 1094 -12.53 -3.99 18.57
CA ILE A 1094 -13.12 -2.66 18.49
C ILE A 1094 -13.93 -2.40 19.76
N MET A 1095 -13.37 -1.55 20.61
CA MET A 1095 -14.02 -1.10 21.84
C MET A 1095 -13.99 0.42 21.90
N ASP A 1096 -15.10 1.01 21.45
CA ASP A 1096 -15.30 2.45 21.40
C ASP A 1096 -14.07 3.17 20.80
N ASN A 1097 -13.47 4.11 21.54
CA ASN A 1097 -12.30 4.82 21.03
C ASN A 1097 -10.97 4.36 21.66
N VAL A 1098 -11.00 3.26 22.41
CA VAL A 1098 -9.76 2.70 22.93
C VAL A 1098 -9.04 2.02 21.77
N ARG A 1099 -8.13 2.77 21.15
CA ARG A 1099 -7.49 2.37 19.89
C ARG A 1099 -6.26 1.47 20.07
N THR A 1100 -5.68 1.47 21.27
CA THR A 1100 -4.58 0.58 21.60
C THR A 1100 -4.99 -0.89 21.58
N LEU A 1101 -6.31 -1.13 21.66
CA LEU A 1101 -6.87 -2.49 21.63
C LEU A 1101 -7.21 -2.96 20.22
N LEU A 1102 -7.15 -2.06 19.25
CA LEU A 1102 -7.44 -2.39 17.86
C LEU A 1102 -6.37 -3.29 17.24
N VAL A 1103 -5.12 -3.12 17.68
CA VAL A 1103 -3.97 -3.89 17.16
C VAL A 1103 -3.16 -4.52 18.32
N LEU A 1104 -3.11 -5.86 18.34
CA LEU A 1104 -2.43 -6.61 19.39
C LEU A 1104 -1.03 -7.07 19.00
N ASN A 1105 -0.02 -6.45 19.62
CA ASN A 1105 1.40 -6.69 19.32
C ASN A 1105 1.90 -8.06 19.78
N SER A 1106 1.48 -8.46 20.98
CA SER A 1106 1.95 -9.69 21.63
C SER A 1106 1.24 -10.97 21.17
N SER A 1107 0.18 -10.82 20.37
CA SER A 1107 -0.69 -11.95 20.05
C SER A 1107 -0.05 -12.97 19.13
N SER A 1108 -0.29 -14.24 19.46
CA SER A 1108 0.23 -15.37 18.71
C SER A 1108 -0.90 -16.13 18.05
N PHE A 1109 -2.04 -15.47 17.89
CA PHE A 1109 -3.22 -16.08 17.31
C PHE A 1109 -2.94 -16.53 15.88
N LEU A 1110 -3.37 -17.76 15.57
CA LEU A 1110 -3.12 -18.37 14.27
C LEU A 1110 -4.42 -18.67 13.53
N TYR A 1111 -4.33 -18.72 12.20
CA TYR A 1111 -5.46 -19.08 11.35
C TYR A 1111 -5.13 -20.30 10.50
N TYR A 1112 -5.94 -21.35 10.64
CA TYR A 1112 -5.77 -22.59 9.89
C TYR A 1112 -6.76 -22.66 8.71
N PRO A 1113 -6.52 -23.55 7.72
CA PRO A 1113 -7.45 -23.53 6.58
C PRO A 1113 -8.75 -24.29 6.82
N ASP A 1114 -9.83 -23.82 6.20
CA ASP A 1114 -11.12 -24.51 6.19
C ASP A 1114 -10.99 -25.98 5.77
N PRO A 1115 -11.91 -26.85 6.25
CA PRO A 1115 -11.86 -28.29 5.95
C PRO A 1115 -12.10 -28.64 4.47
N VAL A 1116 -11.39 -29.67 4.00
CA VAL A 1116 -11.60 -30.25 2.66
C VAL A 1116 -12.49 -31.49 2.80
N LEU A 1117 -13.59 -31.54 2.03
CA LEU A 1117 -14.55 -32.66 2.10
C LEU A 1117 -14.95 -33.22 0.72
N GLU A 1118 -15.01 -34.55 0.62
CA GLU A 1118 -15.33 -35.23 -0.63
C GLU A 1118 -16.80 -35.67 -0.70
N PRO A 1119 -17.50 -35.33 -1.81
CA PRO A 1119 -18.91 -35.70 -2.03
C PRO A 1119 -19.10 -37.13 -2.60
N LEU A 1120 -20.29 -37.43 -3.13
CA LEU A 1120 -20.63 -38.74 -3.72
C LEU A 1120 -19.67 -39.17 -4.84
N SER A 1131 -28.85 -49.14 8.40
CA SER A 1131 -28.31 -49.23 9.75
C SER A 1131 -26.79 -49.00 9.80
N SER A 1132 -26.14 -49.09 8.65
CA SER A 1132 -24.70 -48.82 8.52
C SER A 1132 -24.37 -47.33 8.70
N PRO A 1133 -23.28 -47.02 9.42
CA PRO A 1133 -22.98 -45.63 9.77
C PRO A 1133 -22.34 -44.80 8.65
N LEU A 1134 -22.47 -43.48 8.74
CA LEU A 1134 -21.90 -42.53 7.78
C LEU A 1134 -20.42 -42.27 7.99
N ILE A 1135 -19.66 -42.29 6.90
CA ILE A 1135 -18.22 -42.04 6.92
C ILE A 1135 -17.86 -40.98 5.85
N LEU A 1136 -17.46 -39.79 6.32
CA LEU A 1136 -17.12 -38.69 5.42
C LEU A 1136 -15.62 -38.36 5.45
N LYS A 1137 -14.94 -38.61 4.32
CA LYS A 1137 -13.47 -38.48 4.21
C LYS A 1137 -13.01 -37.12 3.66
N GLY A 1138 -11.78 -36.74 3.99
CA GLY A 1138 -11.16 -35.52 3.47
C GLY A 1138 -9.98 -34.99 4.28
N ARG A 1139 -9.24 -34.05 3.68
CA ARG A 1139 -8.09 -33.41 4.32
C ARG A 1139 -8.48 -32.25 5.24
N ASN A 1140 -7.53 -31.81 6.05
CA ASN A 1140 -7.65 -30.61 6.91
C ASN A 1140 -8.80 -30.61 7.92
N LEU A 1141 -9.19 -31.79 8.39
CA LEU A 1141 -10.27 -31.92 9.37
C LEU A 1141 -9.87 -31.46 10.76
N LEU A 1142 -8.62 -31.74 11.14
CA LEU A 1142 -8.09 -31.32 12.43
C LEU A 1142 -6.75 -30.62 12.32
N PRO A 1143 -6.60 -29.47 13.04
CA PRO A 1143 -5.37 -28.70 13.05
C PRO A 1143 -4.43 -29.07 14.22
N PRO A 1144 -3.12 -28.88 14.03
CA PRO A 1144 -2.15 -29.12 15.10
C PRO A 1144 -2.16 -27.99 16.15
N ALA A 1145 -3.15 -28.03 17.03
CA ALA A 1145 -3.39 -26.95 17.99
C ALA A 1145 -2.94 -27.29 19.42
N PRO A 1146 -2.45 -26.27 20.17
CA PRO A 1146 -2.07 -26.46 21.57
C PRO A 1146 -3.25 -26.81 22.48
N GLY A 1147 -2.97 -27.50 23.58
CA GLY A 1147 -3.99 -27.92 24.54
C GLY A 1147 -4.91 -29.00 24.00
N ASN A 1148 -6.12 -29.06 24.53
CA ASN A 1148 -7.15 -29.96 24.02
C ASN A 1148 -7.88 -29.38 22.82
N SER A 1149 -8.49 -28.21 23.02
CA SER A 1149 -9.24 -27.43 22.01
C SER A 1149 -9.29 -27.98 20.58
N ARG A 1150 -10.49 -28.42 20.17
CA ARG A 1150 -10.76 -28.88 18.80
C ARG A 1150 -12.10 -28.33 18.32
N LEU A 1151 -12.41 -28.55 17.04
CA LEU A 1151 -13.64 -28.04 16.43
C LEU A 1151 -14.89 -28.80 16.88
N ASN A 1152 -15.91 -28.05 17.27
CA ASN A 1152 -17.22 -28.64 17.54
C ASN A 1152 -17.98 -28.89 16.24
N TYR A 1153 -17.77 -30.07 15.66
CA TYR A 1153 -18.45 -30.48 14.43
C TYR A 1153 -19.88 -30.93 14.71
N THR A 1154 -20.77 -30.66 13.75
CA THR A 1154 -22.15 -31.15 13.78
C THR A 1154 -22.59 -31.56 12.38
N VAL A 1155 -22.82 -32.86 12.18
CA VAL A 1155 -23.33 -33.37 10.89
C VAL A 1155 -24.85 -33.54 10.99
N LEU A 1156 -25.57 -32.83 10.13
CA LEU A 1156 -27.04 -32.78 10.19
C LEU A 1156 -27.72 -33.31 8.95
N ILE A 1157 -28.94 -33.83 9.13
CA ILE A 1157 -29.75 -34.37 8.04
C ILE A 1157 -31.12 -33.67 8.01
N GLY A 1158 -31.22 -32.62 7.19
CA GLY A 1158 -32.48 -31.87 7.06
C GLY A 1158 -32.79 -30.92 8.22
N SER A 1159 -32.42 -31.34 9.43
CA SER A 1159 -32.56 -30.53 10.65
C SER A 1159 -32.10 -31.31 11.89
N THR A 1160 -32.01 -32.63 11.75
CA THR A 1160 -31.64 -33.53 12.85
C THR A 1160 -30.11 -33.73 12.97
N PRO A 1161 -29.51 -33.32 14.11
CA PRO A 1161 -28.09 -33.56 14.34
C PRO A 1161 -27.81 -35.00 14.81
N CYS A 1162 -26.61 -35.50 14.53
CA CYS A 1162 -26.22 -36.84 14.93
C CYS A 1162 -25.14 -36.84 16.02
N ILE A 1163 -24.99 -37.98 16.69
CA ILE A 1163 -23.88 -38.19 17.62
C ILE A 1163 -22.74 -38.82 16.83
N LEU A 1164 -21.61 -38.11 16.78
CA LEU A 1164 -20.49 -38.50 15.94
C LEU A 1164 -19.15 -38.43 16.67
N THR A 1165 -18.24 -39.31 16.27
CA THR A 1165 -16.85 -39.27 16.73
C THR A 1165 -15.97 -38.77 15.58
N VAL A 1166 -15.24 -37.69 15.83
CA VAL A 1166 -14.45 -37.02 14.79
C VAL A 1166 -13.00 -37.51 14.75
N SER A 1167 -12.56 -37.93 13.56
CA SER A 1167 -11.18 -38.36 13.36
C SER A 1167 -10.47 -37.47 12.33
N GLU A 1168 -9.14 -37.53 12.31
CA GLU A 1168 -8.30 -36.62 11.50
C GLU A 1168 -8.54 -36.63 9.99
N THR A 1169 -9.06 -37.74 9.47
CA THR A 1169 -9.36 -37.83 8.03
C THR A 1169 -10.83 -38.16 7.75
N GLN A 1170 -11.54 -38.68 8.75
CA GLN A 1170 -12.93 -39.14 8.58
C GLN A 1170 -13.93 -38.60 9.61
N LEU A 1171 -15.22 -38.61 9.25
CA LEU A 1171 -16.30 -38.16 10.12
C LEU A 1171 -17.33 -39.26 10.36
N LEU A 1172 -17.38 -39.78 11.58
CA LEU A 1172 -18.22 -40.94 11.92
C LEU A 1172 -19.62 -40.57 12.44
N CYS A 1173 -20.48 -40.08 11.55
CA CYS A 1173 -21.88 -39.82 11.87
C CYS A 1173 -22.68 -41.13 11.86
N GLU A 1174 -23.85 -41.13 12.49
CA GLU A 1174 -24.69 -42.34 12.57
C GLU A 1174 -26.11 -42.12 12.01
N ALA A 1175 -26.52 -42.98 11.08
CA ALA A 1175 -27.73 -42.76 10.26
C ALA A 1175 -28.71 -43.94 10.24
N PRO A 1176 -30.02 -43.66 10.35
CA PRO A 1176 -31.08 -44.69 10.30
C PRO A 1176 -31.38 -45.31 8.93
N ASN A 1177 -30.97 -44.66 7.84
CA ASN A 1177 -31.23 -45.16 6.48
C ASN A 1177 -30.18 -46.17 5.99
N LYS A 1183 -28.50 -33.27 0.80
CA LYS A 1183 -29.34 -33.17 1.98
C LYS A 1183 -28.54 -33.32 3.28
N VAL A 1184 -27.28 -33.73 3.16
CA VAL A 1184 -26.38 -33.87 4.31
C VAL A 1184 -25.46 -32.65 4.40
N THR A 1185 -25.53 -31.96 5.54
CA THR A 1185 -24.75 -30.74 5.76
C THR A 1185 -23.81 -30.86 6.97
N VAL A 1186 -22.55 -30.49 6.76
CA VAL A 1186 -21.52 -30.52 7.82
C VAL A 1186 -21.19 -29.10 8.30
N ARG A 1187 -21.26 -28.90 9.61
CA ARG A 1187 -21.01 -27.59 10.22
C ARG A 1187 -19.91 -27.61 11.28
N ALA A 1188 -19.06 -26.59 11.24
CA ALA A 1188 -18.00 -26.38 12.23
C ALA A 1188 -17.68 -24.90 12.32
N GLY A 1189 -18.25 -24.24 13.32
CA GLY A 1189 -18.12 -22.78 13.47
C GLY A 1189 -18.95 -22.08 12.41
N GLY A 1190 -18.29 -21.25 11.60
CA GLY A 1190 -18.97 -20.57 10.49
C GLY A 1190 -18.74 -21.25 9.14
N PHE A 1191 -18.61 -22.57 9.16
CA PHE A 1191 -18.31 -23.36 7.94
C PHE A 1191 -19.44 -24.31 7.57
N GLU A 1192 -19.71 -24.42 6.26
CA GLU A 1192 -20.76 -25.29 5.73
C GLU A 1192 -20.34 -26.00 4.45
N PHE A 1193 -20.72 -27.28 4.33
CA PHE A 1193 -20.46 -28.07 3.12
C PHE A 1193 -21.44 -29.25 2.97
N SER A 1194 -21.81 -29.54 1.71
CA SER A 1194 -22.69 -30.66 1.38
C SER A 1194 -21.98 -31.69 0.52
C1 NAG B . 24.01 -22.77 -19.74
C2 NAG B . 23.09 -22.73 -20.98
C3 NAG B . 23.36 -21.52 -21.92
C4 NAG B . 24.57 -20.60 -21.62
C5 NAG B . 25.34 -20.92 -20.34
C6 NAG B . 25.98 -19.67 -19.73
C7 NAG B . 22.45 -25.11 -21.41
C8 NAG B . 22.68 -26.31 -22.29
N2 NAG B . 23.15 -24.01 -21.71
O3 NAG B . 22.20 -20.69 -21.99
O4 NAG B . 25.43 -20.69 -22.75
O5 NAG B . 24.49 -21.49 -19.38
O6 NAG B . 26.13 -19.83 -18.33
O7 NAG B . 21.66 -25.20 -20.47
C1 NAG B . 25.69 -19.39 -23.32
C2 NAG B . 27.01 -19.47 -24.08
C3 NAG B . 27.20 -18.45 -25.22
C4 NAG B . 26.05 -17.49 -25.53
C5 NAG B . 24.91 -17.52 -24.49
C6 NAG B . 23.63 -16.86 -25.00
C7 NAG B . 29.25 -19.93 -23.17
C8 NAG B . 30.23 -19.63 -22.06
N2 NAG B . 28.08 -19.31 -23.10
O3 NAG B . 27.58 -19.15 -26.39
O4 NAG B . 26.62 -16.18 -25.64
O5 NAG B . 24.65 -18.88 -24.13
O6 NAG B . 22.58 -17.09 -24.09
O7 NAG B . 29.56 -20.71 -24.07
C1 BMA B . 26.89 -15.86 -27.03
C2 BMA B . 26.09 -14.63 -27.42
C3 BMA B . 26.16 -14.47 -28.95
C4 BMA B . 27.62 -14.45 -29.43
C5 BMA B . 28.46 -15.58 -28.82
C6 BMA B . 29.95 -15.40 -29.11
O2 BMA B . 26.60 -13.47 -26.73
O3 BMA B . 25.47 -13.30 -29.42
O4 BMA B . 27.65 -14.52 -30.86
O5 BMA B . 28.28 -15.65 -27.40
O6 BMA B . 30.59 -16.69 -29.15
C1 MAN B . 24.15 -13.66 -29.91
C2 MAN B . 23.82 -12.97 -31.23
C3 MAN B . 23.39 -11.50 -31.04
C4 MAN B . 22.46 -11.27 -29.84
C5 MAN B . 22.96 -12.05 -28.62
C6 MAN B . 22.05 -11.88 -27.39
O2 MAN B . 22.79 -13.69 -31.90
O3 MAN B . 22.78 -11.02 -32.23
O4 MAN B . 22.41 -9.89 -29.55
O5 MAN B . 23.13 -13.43 -28.95
O6 MAN B . 20.92 -12.71 -27.52
C1 NAG C . 7.30 26.93 -33.67
C2 NAG C . 7.16 27.27 -32.19
C3 NAG C . 8.04 28.45 -31.80
C4 NAG C . 9.44 28.47 -32.45
C5 NAG C . 9.45 27.88 -33.86
C6 NAG C . 10.86 27.51 -34.28
C7 NAG C . 5.13 27.09 -30.78
C8 NAG C . 3.72 27.57 -30.58
N2 NAG C . 5.78 27.61 -31.83
O3 NAG C . 8.18 28.47 -30.40
O4 NAG C . 9.87 29.81 -32.55
O5 NAG C . 8.65 26.73 -34.00
O6 NAG C . 11.40 28.54 -35.08
O7 NAG C . 5.59 26.27 -29.99
C1 NAG C . 10.69 30.25 -31.44
C2 NAG C . 11.55 31.44 -31.90
C3 NAG C . 12.41 31.97 -30.76
C4 NAG C . 11.56 32.29 -29.51
C5 NAG C . 10.58 31.14 -29.18
C6 NAG C . 9.54 31.58 -28.17
C7 NAG C . 12.33 31.76 -34.22
C8 NAG C . 13.27 31.30 -35.30
N2 NAG C . 12.39 31.11 -33.05
O3 NAG C . 13.11 33.12 -31.18
O4 NAG C . 12.42 32.57 -28.41
O5 NAG C . 9.91 30.66 -30.34
O6 NAG C . 8.39 30.75 -28.22
O7 NAG C . 11.56 32.71 -34.44
C1 BMA C . 12.32 33.95 -27.99
C2 BMA C . 12.45 34.07 -26.47
C3 BMA C . 12.34 35.54 -26.01
C4 BMA C . 13.24 36.47 -26.84
C5 BMA C . 13.05 36.20 -28.34
C6 BMA C . 13.93 37.06 -29.22
O2 BMA C . 13.71 33.52 -26.05
O3 BMA C . 12.66 35.65 -24.60
O4 BMA C . 12.92 37.83 -26.56
O5 BMA C . 13.29 34.81 -28.62
O6 BMA C . 13.34 37.07 -30.53
C1 MAN C . 14.23 37.70 -31.49
C2 MAN C . 13.42 38.20 -32.70
C3 MAN C . 13.05 37.07 -33.68
C4 MAN C . 14.23 36.13 -33.95
C5 MAN C . 14.90 35.71 -32.63
C6 MAN C . 16.09 34.77 -32.87
O2 MAN C . 14.14 39.22 -33.36
O3 MAN C . 12.53 37.61 -34.89
O4 MAN C . 13.79 34.98 -34.65
O5 MAN C . 15.30 36.85 -31.91
O6 MAN C . 17.31 35.48 -32.80
C1 MAN C . 11.17 37.17 -35.12
C2 MAN C . 11.04 36.35 -36.41
C3 MAN C . 10.80 37.21 -37.66
C4 MAN C . 9.75 38.30 -37.42
C5 MAN C . 10.10 39.09 -36.15
C6 MAN C . 9.07 40.19 -35.85
O2 MAN C . 9.99 35.42 -36.28
O3 MAN C . 10.40 36.41 -38.74
O4 MAN C . 9.69 39.16 -38.54
O5 MAN C . 10.19 38.21 -35.04
O6 MAN C . 7.82 39.63 -35.50
C1 MAN C . 11.55 36.23 -23.87
C2 MAN C . 12.05 37.21 -22.81
C3 MAN C . 12.56 36.52 -21.54
C4 MAN C . 11.61 35.42 -21.07
C5 MAN C . 11.17 34.51 -22.22
C6 MAN C . 10.12 33.50 -21.77
O2 MAN C . 11.01 38.12 -22.49
O3 MAN C . 12.73 37.46 -20.51
O4 MAN C . 12.26 34.66 -20.07
O5 MAN C . 10.67 35.28 -23.30
O6 MAN C . 8.88 34.14 -21.50
C1 NAG D . 19.81 7.38 -44.69
C2 NAG D . 19.77 5.88 -45.00
C3 NAG D . 18.98 5.41 -46.24
C4 NAG D . 18.50 6.49 -47.21
C5 NAG D . 19.23 7.81 -46.95
C6 NAG D . 18.73 8.93 -47.85
C7 NAG D . 21.57 4.31 -44.52
C8 NAG D . 23.01 3.95 -44.75
N2 NAG D . 21.14 5.40 -45.12
O3 NAG D . 17.87 4.64 -45.81
O4 NAG D . 18.70 6.10 -48.56
O5 NAG D . 19.06 8.17 -45.60
O6 NAG D . 17.68 9.65 -47.22
O7 NAG D . 20.87 3.60 -43.79
C1 NAG D . 17.60 5.32 -49.10
C2 NAG D . 17.00 6.01 -50.33
C3 NAG D . 16.01 5.11 -51.08
C4 NAG D . 16.45 3.65 -51.23
C5 NAG D . 17.04 3.13 -49.91
C6 NAG D . 17.68 1.76 -50.07
C7 NAG D . 16.16 8.32 -50.73
C8 NAG D . 15.44 9.49 -50.11
N2 NAG D . 16.33 7.26 -49.94
O3 NAG D . 15.78 5.65 -52.37
O4 NAG D . 15.31 2.90 -51.62
O5 NAG D . 18.04 4.01 -49.41
O6 NAG D . 17.83 1.15 -48.80
O7 NAG D . 16.57 8.40 -51.89
C1 BMA D . 15.46 2.27 -52.92
C2 BMA D . 15.00 0.80 -52.84
C3 BMA D . 13.79 0.35 -53.71
C4 BMA D . 13.39 1.34 -54.81
C5 BMA D . 14.54 2.27 -55.16
C6 BMA D . 14.21 3.22 -56.29
O2 BMA D . 14.77 0.46 -51.47
O3 BMA D . 12.63 0.05 -52.90
O4 BMA D . 12.94 0.60 -55.96
O5 BMA D . 14.86 3.02 -53.98
O6 BMA D . 15.37 3.97 -56.65
C1 MAN D . 12.45 -1.38 -52.78
C2 MAN D . 11.00 -1.76 -53.09
C3 MAN D . 10.06 -1.45 -51.92
C4 MAN D . 10.63 -1.83 -50.55
C5 MAN D . 12.11 -1.45 -50.41
C6 MAN D . 12.72 -1.97 -49.12
O2 MAN D . 10.94 -3.14 -53.41
O3 MAN D . 8.83 -2.13 -52.11
O4 MAN D . 9.87 -1.20 -49.54
O5 MAN D . 12.86 -1.90 -51.52
O6 MAN D . 12.97 -3.36 -49.22
C1 NAG E . -5.00 18.73 -43.11
C2 NAG E . -4.70 17.76 -44.28
C3 NAG E . -5.88 16.89 -44.74
C4 NAG E . -7.30 17.44 -44.53
C5 NAG E . -7.29 18.75 -43.73
C6 NAG E . -8.65 19.12 -43.16
C7 NAG E . -3.15 18.07 -46.14
C8 NAG E . -2.72 18.96 -47.27
N2 NAG E . -4.17 18.50 -45.40
O3 NAG E . -5.78 15.63 -44.10
O4 NAG E . -7.94 17.64 -45.78
O5 NAG E . -6.34 18.62 -42.69
O6 NAG E . -8.96 18.37 -42.00
O7 NAG E . -2.57 17.00 -45.94
C1 NAG E . -9.01 16.69 -45.92
C2 NAG E . -10.26 17.33 -46.50
C3 NAG E . -11.39 16.31 -46.46
C4 NAG E . -10.99 14.96 -47.08
C5 NAG E . -9.55 14.53 -46.75
C6 NAG E . -9.05 13.51 -47.78
C7 NAG E . -11.05 19.65 -46.42
C8 NAG E . -11.42 20.80 -45.55
N2 NAG E . -10.66 18.54 -45.79
O3 NAG E . -12.52 16.82 -47.16
O4 NAG E . -11.88 14.00 -46.59
O5 NAG E . -8.64 15.61 -46.75
O6 NAG E . -8.64 12.35 -47.12
O7 NAG E . -11.09 19.76 -47.66
C1 BMA E . -12.68 13.42 -47.63
C2 BMA E . -13.43 12.24 -47.03
C3 BMA E . -14.42 11.57 -48.01
C4 BMA E . -14.99 12.48 -49.11
C5 BMA E . -14.24 13.79 -49.40
C6 BMA E . -15.17 14.83 -50.01
O2 BMA E . -14.09 12.68 -45.83
O3 BMA E . -15.52 11.02 -47.26
O4 BMA E . -15.05 11.72 -50.33
O5 BMA E . -13.63 14.32 -48.22
O6 BMA E . -14.76 16.16 -49.68
C1 MAN E . -15.83 17.09 -49.99
C2 MAN E . -15.30 18.20 -50.91
C3 MAN E . -14.44 19.22 -50.14
C4 MAN E . -15.12 19.69 -48.86
C5 MAN E . -15.59 18.46 -48.05
C6 MAN E . -16.19 18.76 -46.66
O2 MAN E . -16.39 18.86 -51.53
O3 MAN E . -14.08 20.31 -51.00
O4 MAN E . -14.21 20.45 -48.10
O5 MAN E . -16.45 17.66 -48.84
O6 MAN E . -17.06 19.88 -46.64
C1 MAN E . -12.64 20.41 -51.04
C2 MAN E . -12.18 21.81 -50.58
C3 MAN E . -12.23 22.82 -51.72
C4 MAN E . -11.51 22.29 -52.96
C5 MAN E . -12.07 20.92 -53.35
C6 MAN E . -11.28 20.32 -54.52
O2 MAN E . -10.86 21.71 -50.07
O3 MAN E . -11.65 24.04 -51.33
O4 MAN E . -11.65 23.21 -54.01
O5 MAN E . -12.04 20.01 -52.26
O6 MAN E . -9.97 19.99 -54.14
C1 MAN E . -17.28 20.24 -45.25
C2 MAN E . -18.78 20.37 -44.93
C3 MAN E . -19.32 21.78 -45.17
C4 MAN E . -18.38 22.88 -44.65
C5 MAN E . -16.97 22.65 -45.16
C6 MAN E . -15.98 23.71 -44.66
O2 MAN E . -18.98 19.97 -43.59
O3 MAN E . -20.58 21.93 -44.55
O4 MAN E . -18.86 24.14 -45.05
O5 MAN E . -16.51 21.35 -44.78
O6 MAN E . -15.76 23.58 -43.27
C1 MAN E . -15.62 9.59 -47.43
C2 MAN E . -17.10 9.17 -47.30
C3 MAN E . -17.58 9.19 -45.85
C4 MAN E . -16.58 8.51 -44.89
C5 MAN E . -15.14 8.96 -45.16
C6 MAN E . -14.13 8.19 -44.32
O2 MAN E . -17.28 7.89 -47.86
O3 MAN E . -18.84 8.59 -45.75
O4 MAN E . -16.94 8.82 -43.56
O5 MAN E . -14.82 8.82 -46.54
O6 MAN E . -13.87 6.93 -44.90
C1 NAG F . -7.37 34.82 -27.29
C2 NAG F . -7.93 33.98 -26.15
C3 NAG F . -7.83 34.67 -24.79
C4 NAG F . -6.63 35.62 -24.59
C5 NAG F . -6.25 36.31 -25.91
C6 NAG F . -4.99 37.18 -25.81
C7 NAG F . -9.72 32.52 -27.07
C8 NAG F . -11.20 32.33 -27.20
N2 NAG F . -9.32 33.60 -26.40
O3 NAG F . -7.81 33.68 -23.78
O4 NAG F . -6.88 36.66 -23.64
O5 NAG F . -6.11 35.35 -26.93
O6 NAG F . -3.84 36.36 -25.81
O7 NAG F . -8.96 31.69 -27.58
C1 NAG F . -7.00 36.23 -22.27
C2 NAG F . -5.73 36.57 -21.47
C3 NAG F . -5.95 36.46 -19.95
C4 NAG F . -7.24 37.15 -19.51
C5 NAG F . -8.41 36.60 -20.33
C6 NAG F . -9.73 37.26 -19.97
C7 NAG F . -3.54 36.13 -22.46
C8 NAG F . -2.50 35.08 -22.77
N2 NAG F . -4.64 35.70 -21.86
O3 NAG F . -4.84 37.02 -19.29
O4 NAG F . -7.45 37.00 -18.12
O5 NAG F . -8.17 36.83 -21.70
O6 NAG F . -10.79 36.33 -20.07
O7 NAG F . -3.32 37.31 -22.76
C1 BMA F . -7.25 38.29 -17.50
C2 BMA F . -8.40 38.67 -16.55
C3 BMA F . -8.15 40.05 -15.93
C4 BMA F . -6.73 40.14 -15.35
C5 BMA F . -5.75 39.77 -16.45
C6 BMA F . -4.27 39.96 -16.05
O2 BMA F . -8.57 37.67 -15.54
O3 BMA F . -9.19 40.38 -14.99
O4 BMA F . -6.46 41.46 -14.86
O5 BMA F . -5.98 38.42 -16.84
O6 BMA F . -3.50 40.00 -17.26
C1 MAN F . -2.09 40.10 -16.95
C2 MAN F . -1.31 40.47 -18.21
C3 MAN F . -1.18 39.28 -19.18
C4 MAN F . -0.81 37.97 -18.46
C5 MAN F . -1.63 37.77 -17.18
C6 MAN F . -1.17 36.55 -16.37
O2 MAN F . -0.03 40.96 -17.86
O3 MAN F . -0.21 39.57 -20.18
O4 MAN F . -1.06 36.87 -19.33
O5 MAN F . -1.54 38.93 -16.37
O6 MAN F . 0.08 36.82 -15.78
C1 MAN F . -0.85 39.57 -21.48
C2 MAN F . -0.06 38.75 -22.51
C3 MAN F . 1.22 39.46 -22.94
C4 MAN F . 1.05 40.97 -23.18
C5 MAN F . 0.07 41.66 -22.23
C6 MAN F . -0.39 43.00 -22.79
O2 MAN F . -0.88 38.49 -23.62
O3 MAN F . 1.73 38.86 -24.11
O4 MAN F . 2.32 41.59 -23.06
O5 MAN F . -1.08 40.87 -21.98
O6 MAN F . -1.14 42.81 -23.97
C1 MAN F . 0.83 35.61 -15.57
C2 MAN F . 2.01 35.91 -14.64
C3 MAN F . 3.13 36.66 -15.37
C4 MAN F . 3.46 36.07 -16.74
C5 MAN F . 2.19 35.74 -17.55
C6 MAN F . 2.50 35.02 -18.86
O2 MAN F . 2.48 34.71 -14.08
O3 MAN F . 4.29 36.66 -14.56
O4 MAN F . 4.25 36.99 -17.46
O5 MAN F . 1.29 34.98 -16.76
O6 MAN F . 2.52 33.63 -18.68
C1 MAN F . -9.45 41.81 -15.02
C2 MAN F . -10.40 42.23 -13.89
C3 MAN F . -11.86 42.13 -14.31
C4 MAN F . -12.12 42.73 -15.69
C5 MAN F . -11.15 42.13 -16.71
C6 MAN F . -11.35 42.72 -18.11
O2 MAN F . -10.09 43.55 -13.49
O3 MAN F . -12.68 42.78 -13.35
O4 MAN F . -13.45 42.48 -16.07
O5 MAN F . -9.82 42.35 -16.29
O6 MAN F . -10.52 43.84 -18.30
C1 NAG G . -23.33 51.52 -39.08
C2 NAG G . -23.02 52.89 -38.48
C3 NAG G . -23.91 53.26 -37.29
C4 NAG G . -25.35 52.73 -37.35
C5 NAG G . -25.37 51.33 -37.97
C6 NAG G . -26.78 50.74 -38.12
C7 NAG G . -20.64 53.44 -38.75
C8 NAG G . -19.28 53.36 -38.14
N2 NAG G . -21.64 52.91 -38.04
O3 NAG G . -23.94 54.66 -37.16
O4 NAG G . -25.87 52.68 -36.03
O5 NAG G . -24.72 51.38 -39.23
O6 NAG G . -27.34 51.05 -39.37
O7 NAG G . -20.79 53.97 -39.85
C1 NAG G . -26.90 53.68 -35.85
C2 NAG G . -28.05 53.13 -34.99
C3 NAG G . -29.07 54.20 -34.58
C4 NAG G . -28.50 55.61 -34.36
C5 NAG G . -27.38 55.89 -35.36
C6 NAG G . -26.70 57.24 -35.13
C7 NAG G . -29.45 51.10 -35.20
C8 NAG G . -30.11 50.17 -36.16
N2 NAG G . -28.77 52.11 -35.74
O3 NAG G . -29.75 53.79 -33.41
O4 NAG G . -29.52 56.55 -34.60
O5 NAG G . -26.40 54.87 -35.29
O6 NAG G . -26.53 57.81 -36.40
O7 NAG G . -29.56 50.91 -33.99
C1 BMA G . -30.13 57.07 -33.40
C2 BMA G . -30.07 58.59 -33.50
C3 BMA G . -30.97 59.33 -32.50
C4 BMA G . -32.36 58.69 -32.39
C5 BMA G . -32.33 57.16 -32.29
C6 BMA G . -33.73 56.60 -32.51
O2 BMA G . -30.41 58.99 -34.83
O3 BMA G . -31.12 60.69 -32.93
O4 BMA G . -33.05 59.25 -31.25
O5 BMA G . -31.47 56.58 -33.28
O6 BMA G . -34.24 55.97 -31.33
C1 MAN G . -30.29 61.60 -32.17
C2 MAN G . -31.00 62.95 -32.06
C3 MAN G . -30.95 63.73 -33.36
C4 MAN G . -29.53 63.77 -33.96
C5 MAN G . -28.89 62.38 -33.97
C6 MAN G . -27.43 62.44 -34.41
O2 MAN G . -30.42 63.71 -31.01
O3 MAN G . -31.44 65.04 -33.17
O4 MAN G . -29.60 64.28 -35.28
O5 MAN G . -28.97 61.78 -32.68
O6 MAN G . -26.61 62.96 -33.38
C1 MAN G . -35.70 56.02 -31.35
C2 MAN G . -36.22 55.79 -29.92
C3 MAN G . -37.66 55.29 -29.90
C4 MAN G . -38.41 55.65 -31.19
C5 MAN G . -37.69 55.10 -32.42
C6 MAN G . -38.15 55.79 -33.71
O2 MAN G . -36.10 56.99 -29.19
O3 MAN G . -38.36 55.81 -28.78
O4 MAN G . -39.73 55.14 -31.13
O5 MAN G . -36.27 55.12 -32.29
O6 MAN G . -37.59 57.07 -33.83
C1 NAG H . -24.65 26.56 -25.69
C2 NAG H . -24.80 25.04 -25.85
C3 NAG H . -23.78 24.23 -25.03
C4 NAG H . -22.39 24.87 -24.88
C5 NAG H . -22.49 26.40 -24.77
C6 NAG H . -21.13 27.11 -24.76
C7 NAG H . -26.86 23.72 -26.16
C8 NAG H . -28.24 23.44 -25.64
N2 NAG H . -26.15 24.63 -25.49
O3 NAG H . -23.63 22.96 -25.61
O4 NAG H . -21.79 24.31 -23.71
O5 NAG H . -23.29 26.92 -25.83
O6 NAG H . -20.64 27.27 -26.07
O7 NAG H . -26.46 23.11 -27.16
C1 NAG H . -20.42 23.83 -23.87
C2 NAG H . -20.28 22.33 -23.56
C3 NAG H . -18.80 21.93 -23.54
C4 NAG H . -17.92 22.58 -24.63
C5 NAG H . -18.39 23.99 -25.03
C6 NAG H . -17.77 24.44 -26.36
C7 NAG H . -21.52 20.84 -22.03
C8 NAG H . -22.11 20.70 -20.66
N2 NAG H . -20.91 22.01 -22.28
O3 NAG H . -18.70 20.53 -23.63
O4 NAG H . -16.57 22.69 -24.17
O5 NAG H . -19.80 24.06 -25.12
O6 NAG H . -17.22 25.72 -26.20
O7 NAG H . -21.63 19.92 -22.84
C1 BMA H . -15.69 21.65 -24.66
C2 BMA H . -14.76 22.20 -25.76
C3 BMA H . -13.64 21.21 -26.12
C4 BMA H . -12.95 20.59 -24.91
C5 BMA H . -13.99 20.06 -23.91
C6 BMA H . -13.32 19.57 -22.64
O2 BMA H . -14.19 23.46 -25.36
O3 BMA H . -12.65 21.88 -26.93
O4 BMA H . -12.09 19.53 -25.34
O5 BMA H . -14.92 21.09 -23.57
O6 BMA H . -12.80 18.25 -22.84
C1 NAG I . -17.27 5.00 38.20
C2 NAG I . -17.89 4.73 39.58
C3 NAG I . -16.93 3.99 40.51
C4 NAG I . -16.28 2.79 39.80
C5 NAG I . -15.64 3.26 38.50
C6 NAG I . -15.00 2.12 37.68
C7 NAG I . -19.57 6.13 40.74
C8 NAG I . -19.85 7.47 41.35
N2 NAG I . -18.35 5.96 40.22
O3 NAG I . -17.65 3.56 41.64
O4 NAG I . -15.37 2.14 40.66
O5 NAG I . -16.64 3.83 37.69
O6 NAG I . -16.00 1.29 37.14
O7 NAG I . -20.44 5.26 40.72
C1 NAG I . -15.75 0.74 40.76
C2 NAG I . -14.55 -0.13 41.11
C3 NAG I . -14.95 -1.57 41.44
C4 NAG I . -16.27 -1.69 42.23
C5 NAG I . -17.33 -0.82 41.56
C6 NAG I . -18.72 -0.91 42.16
C7 NAG I . -12.57 0.73 39.87
C8 NAG I . -11.72 0.55 38.66
N2 NAG I . -13.59 -0.12 40.01
O3 NAG I . -13.92 -2.20 42.18
O4 NAG I . -16.68 -3.04 42.37
O5 NAG I . -16.85 0.51 41.64
O6 NAG I . -19.53 -1.70 41.31
O7 NAG I . -12.30 1.64 40.67
C1 BMA I . -16.82 -3.37 43.78
C2 BMA I . -17.53 -4.71 44.00
C3 BMA I . -17.79 -4.92 45.50
C4 BMA I . -16.63 -4.50 46.42
C5 BMA I . -15.77 -3.33 45.91
C6 BMA I . -14.40 -3.31 46.60
O2 BMA I . -16.72 -5.77 43.48
O3 BMA I . -18.04 -6.30 45.78
O4 BMA I . -17.18 -4.16 47.70
O5 BMA I . -15.58 -3.40 44.49
O6 BMA I . -13.49 -2.47 45.88
C1 MAN I . -12.13 -2.90 46.13
C2 MAN I . -11.16 -1.70 45.98
C3 MAN I . -10.62 -1.48 44.55
C4 MAN I . -10.40 -2.79 43.78
C5 MAN I . -11.59 -3.73 43.96
C6 MAN I . -11.51 -5.01 43.12
O2 MAN I . -10.09 -1.86 46.89
O3 MAN I . -9.41 -0.73 44.59
O4 MAN I . -10.21 -2.51 42.41
O5 MAN I . -11.74 -4.02 45.35
O6 MAN I . -10.67 -5.95 43.74
C1 MAN I . -9.50 0.46 43.79
C2 MAN I . -8.45 0.44 42.66
C3 MAN I . -7.07 0.93 43.12
C4 MAN I . -7.16 2.20 43.96
C5 MAN I . -8.17 1.99 45.09
C6 MAN I . -8.29 3.22 46.01
O2 MAN I . -8.89 1.24 41.59
O3 MAN I . -6.23 1.15 42.02
O4 MAN I . -5.87 2.51 44.48
O5 MAN I . -9.44 1.67 44.54
O6 MAN I . -9.06 4.23 45.40
C1 MAN I . -19.45 -6.60 45.72
C2 MAN I . -19.91 -7.26 47.03
C3 MAN I . -19.48 -8.72 47.14
C4 MAN I . -19.66 -9.49 45.82
C5 MAN I . -19.12 -8.68 44.65
C6 MAN I . -19.30 -9.41 43.31
O2 MAN I . -21.32 -7.14 47.15
O3 MAN I . -20.18 -9.37 48.18
O4 MAN I . -18.99 -10.74 45.93
O5 MAN I . -19.75 -7.42 44.60
O6 MAN I . -20.63 -9.35 42.86
C1 NAG J . -18.60 -14.81 35.31
C2 NAG J . -17.87 -15.61 36.38
C3 NAG J . -16.77 -16.44 35.73
C4 NAG J . -17.36 -17.36 34.68
C5 NAG J . -18.38 -16.66 33.77
C6 NAG J . -19.24 -17.72 33.09
C7 NAG J . -17.75 -14.85 38.68
C8 NAG J . -18.34 -16.17 39.11
N2 NAG J . -17.34 -14.75 37.42
O3 NAG J . -16.09 -17.19 36.71
O4 NAG J . -16.40 -18.15 33.98
O5 NAG J . -19.21 -15.72 34.43
O6 NAG J . -20.37 -17.12 32.50
O7 NAG J . -17.64 -13.93 39.50
C1 NAG J . -16.53 -19.55 34.35
C2 NAG J . -15.17 -20.25 34.28
C3 NAG J . -15.32 -21.75 34.53
C4 NAG J . -16.33 -22.14 35.62
C5 NAG J . -17.46 -21.12 35.87
C6 NAG J . -17.96 -21.22 37.31
C7 NAG J . -13.27 -19.54 32.86
C8 NAG J . -12.78 -19.35 31.45
N2 NAG J . -14.52 -20.00 33.00
O3 NAG J . -14.06 -22.30 34.88
O4 NAG J . -16.90 -23.39 35.26
O5 NAG J . -17.06 -19.78 35.63
O6 NAG J . -18.96 -20.26 37.55
O7 NAG J . -12.54 -19.25 33.80
C1 BMA J . -16.50 -24.43 36.17
C2 BMA J . -17.70 -25.30 36.51
C3 BMA J . -17.28 -26.35 37.56
C4 BMA J . -16.08 -27.16 37.06
C5 BMA J . -14.95 -26.25 36.56
C6 BMA J . -13.86 -27.08 35.89
O2 BMA J . -18.20 -25.94 35.34
O3 BMA J . -18.38 -27.20 37.88
O4 BMA J . -15.62 -27.99 38.12
O5 BMA J . -15.44 -25.25 35.66
O6 BMA J . -13.04 -26.26 35.04
C1 MAN J . -12.63 -27.04 33.89
C2 MAN J . -11.27 -26.52 33.37
C3 MAN J . -11.44 -25.23 32.58
C4 MAN J . -12.54 -25.36 31.52
C5 MAN J . -13.82 -25.79 32.25
C6 MAN J . -15.08 -25.83 31.39
O2 MAN J . -10.65 -27.52 32.57
O3 MAN J . -10.22 -24.78 32.02
O4 MAN J . -12.71 -24.14 30.83
O5 MAN J . -13.60 -27.06 32.85
O6 MAN J . -14.97 -26.73 30.33
C1 MAN J . -9.79 -23.60 32.75
C2 MAN J . -9.60 -22.40 31.81
C3 MAN J . -8.18 -22.28 31.24
C4 MAN J . -7.09 -22.67 32.23
C5 MAN J . -7.43 -24.01 32.87
C6 MAN J . -6.34 -24.55 33.80
O2 MAN J . -9.95 -21.21 32.50
O3 MAN J . -7.95 -20.94 30.82
O4 MAN J . -5.85 -22.74 31.55
O5 MAN J . -8.66 -23.85 33.57
O6 MAN J . -6.39 -23.92 35.06
C1 MAN J . -15.81 -26.26 29.27
C2 MAN J . -16.41 -27.43 28.48
C3 MAN J . -15.47 -27.97 27.41
C4 MAN J . -14.69 -26.88 26.67
C5 MAN J . -14.13 -25.84 27.64
C6 MAN J . -13.38 -24.70 26.93
O2 MAN J . -17.64 -27.05 27.92
O3 MAN J . -16.20 -28.76 26.48
O4 MAN J . -13.64 -27.48 25.93
O5 MAN J . -15.18 -25.31 28.42
O6 MAN J . -14.28 -23.81 26.33
C1 MAN J . -18.90 -26.81 39.18
C2 MAN J . -19.37 -28.04 39.97
C3 MAN J . -20.81 -28.47 39.62
C4 MAN J . -21.77 -27.29 39.43
C5 MAN J . -21.14 -26.20 38.56
C6 MAN J . -22.05 -24.99 38.39
O2 MAN J . -19.27 -27.76 41.35
O3 MAN J . -21.31 -29.33 40.63
O4 MAN J . -22.96 -27.76 38.85
O5 MAN J . -19.89 -25.80 39.12
O6 MAN J . -21.96 -24.12 39.49
C1 NAG K . -40.89 46.49 -36.97
C2 NAG K . -41.74 47.39 -36.07
C3 NAG K . -41.78 48.84 -36.58
C4 NAG K . -40.45 49.35 -37.13
C5 NAG K . -39.66 48.29 -37.91
C6 NAG K . -38.23 48.75 -38.21
C7 NAG K . -43.60 46.32 -34.88
C8 NAG K . -45.02 45.84 -34.98
N2 NAG K . -43.09 46.87 -35.98
O3 NAG K . -42.20 49.69 -35.54
O4 NAG K . -40.70 50.47 -37.96
O5 NAG K . -39.61 47.07 -37.21
O6 NAG K . -37.41 48.63 -37.07
O7 NAG K . -42.98 46.18 -33.82
#